data_9MTJ
#
_entry.id   9MTJ
#
_cell.length_a   1.00
_cell.length_b   1.00
_cell.length_c   1.00
_cell.angle_alpha   90.00
_cell.angle_beta   90.00
_cell.angle_gamma   90.00
#
_symmetry.space_group_name_H-M   'P 1'
#
loop_
_entity.id
_entity.type
_entity.pdbx_description
1 polymer 'Hemagglutinin (HA1 polypeptide) from influenza H1N1 A/Solomon Island/3/2006'
2 polymer 'Hemagglutinin (HA2 polypeptide) from influenza H1N1 A/Solomon Island/3/2006'
3 polymer 'Heavy chain of Fab from porcine antibody 15-5'
4 polymer 'Light chain of Fab from porcine antibody 15-5'
#
loop_
_entity_poly.entity_id
_entity_poly.type
_entity_poly.pdbx_seq_one_letter_code
_entity_poly.pdbx_strand_id
1 'polypeptide(L)'
;DTICIGYHANNSTDTVDTVLEKNVTVTHSVNLLEDSHNGKLCLLKGIAPLQLGNCSVAGWILGNPECELLISRESWSYIV
EKPNPENGTCYPGHFADYEELREQLSSVSSFERFEIFPKESSWPNHTTTGVSASCSHNGESSFYKNLLWLTGKNGLYPNL
SKSYANNKEKEVLVLWGVHHPPNIGDQRALYHKENAYVSVVSSHYSRKFTPEIAKRPKVRDQEGRINYYWTLLEPGDTII
FEANGNLIAPRYAFALSRGFGSGIINSNAPMDECDAKCQTPQGAINSSLPFQNVHPVTIGECPKYVRSAKLRMVTGLRNI
PSIQSR
;
A,C,E
2 'polypeptide(L)'
;GLFGAIAGFIEGGWTGMVDGWYGYHHQNEQGSGYAADQKSTQNAINGITNKVNSVIEKMNTQFTAVGKEFNKLERRMENL
NKKVDDGFIDIWTYNAELLVLLENERTLDFHDSNVKNLYEKVKSQLKNNAKEIGNGCFEFYHKCNDECMESVKNGTYDYP
KYSEESKLNREKIDGVKLESMGVYQILAIYSTVASSLVLLVSLGAISFWMCSNGSLQCRICI
;
B,D,F
3 'polypeptide(L)'
;EEKLVESGGGLVQPGGSLRLSCVGSGFTFSSTYINWVRQAPGKGLEWLASISTSGGSTYYADSVKGRFTISRDNSQNTAY
LQMNSLRTEDTARYYSARGRAALVATFFTDPMDLWGPGVEVVVSS
;
H,I,M
4 'polypeptide(L)'
;QTVIQEPAMSVSLGGTVTLTCAFTSGSVTSSNYPSWFQQTPGQPPRLMIYKTNNRPTGVPSRFSGAISGNKAALTITGAQ
ANDEADYFCNLYKSSPIALIFGGGTHLTVL
;
J,L,N
#
# COMPACT_ATOMS: atom_id res chain seq x y z
N ASP A 1 -15.29 5.37 51.63
CA ASP A 1 -14.70 6.70 51.76
C ASP A 1 -14.01 7.14 50.47
N THR A 2 -13.34 6.21 49.80
CA THR A 2 -12.56 6.54 48.62
C THR A 2 -12.86 5.55 47.49
N ILE A 3 -12.85 6.06 46.26
CA ILE A 3 -12.96 5.24 45.06
C ILE A 3 -11.98 5.78 44.03
N CYS A 4 -11.05 4.93 43.58
CA CYS A 4 -10.15 5.28 42.50
C CYS A 4 -10.47 4.52 41.23
N ILE A 5 -10.01 5.07 40.12
CA ILE A 5 -10.20 4.51 38.79
C ILE A 5 -8.82 4.20 38.21
N GLY A 6 -8.63 2.96 37.78
CA GLY A 6 -7.33 2.55 37.28
C GLY A 6 -7.46 1.58 36.12
N TYR A 7 -6.38 0.87 35.81
CA TYR A 7 -6.38 -0.07 34.71
C TYR A 7 -5.59 -1.31 35.14
N HIS A 8 -5.36 -2.20 34.18
CA HIS A 8 -4.87 -3.54 34.43
C HIS A 8 -3.38 -3.65 34.13
N ALA A 9 -2.66 -4.32 35.03
CA ALA A 9 -1.26 -4.65 34.83
C ALA A 9 -1.03 -6.10 35.22
N ASN A 10 -0.11 -6.76 34.52
CA ASN A 10 0.21 -8.16 34.78
C ASN A 10 1.70 -8.37 34.56
N ASN A 11 2.14 -9.62 34.72
CA ASN A 11 3.54 -9.98 34.60
C ASN A 11 3.94 -10.34 33.18
N SER A 12 3.15 -9.94 32.19
CA SER A 12 3.48 -10.22 30.80
C SER A 12 4.73 -9.46 30.37
N THR A 13 5.57 -10.12 29.57
CA THR A 13 6.79 -9.53 29.05
C THR A 13 6.74 -9.32 27.54
N ASP A 14 5.53 -9.35 26.96
CA ASP A 14 5.39 -9.12 25.54
C ASP A 14 5.80 -7.70 25.18
N THR A 15 6.47 -7.55 24.05
CA THR A 15 7.02 -6.27 23.62
C THR A 15 6.53 -5.95 22.20
N VAL A 16 6.17 -4.69 21.97
CA VAL A 16 5.68 -4.25 20.67
C VAL A 16 6.49 -3.04 20.23
N ASP A 17 6.44 -2.77 18.93
CA ASP A 17 7.03 -1.58 18.34
C ASP A 17 5.93 -0.60 18.00
N THR A 18 6.08 0.65 18.43
CA THR A 18 5.05 1.65 18.29
C THR A 18 5.66 2.86 17.59
N VAL A 19 4.84 3.59 16.83
CA VAL A 19 5.40 4.57 15.89
C VAL A 19 6.05 5.74 16.63
N LEU A 20 5.71 5.94 17.90
CA LEU A 20 6.33 7.00 18.68
C LEU A 20 7.36 6.50 19.69
N GLU A 21 7.35 5.23 20.03
CA GLU A 21 8.32 4.69 20.98
C GLU A 21 8.53 3.22 20.68
N LYS A 22 9.78 2.77 20.81
CA LYS A 22 10.15 1.39 20.54
C LYS A 22 10.28 0.61 21.84
N ASN A 23 10.10 -0.70 21.74
CA ASN A 23 10.25 -1.63 22.86
C ASN A 23 9.29 -1.27 24.00
N VAL A 24 7.99 -1.37 23.71
CA VAL A 24 6.95 -1.08 24.68
C VAL A 24 6.38 -2.40 25.18
N THR A 25 6.42 -2.61 26.50
CA THR A 25 5.86 -3.81 27.09
C THR A 25 4.36 -3.65 27.24
N VAL A 26 3.60 -4.66 26.80
CA VAL A 26 2.15 -4.58 26.76
C VAL A 26 1.57 -5.79 27.48
N THR A 27 0.32 -5.61 27.95
CA THR A 27 -0.35 -6.67 28.69
C THR A 27 -0.74 -7.83 27.78
N HIS A 28 -1.37 -7.53 26.64
CA HIS A 28 -1.85 -8.55 25.72
C HIS A 28 -1.49 -8.15 24.29
N SER A 29 -1.24 -9.16 23.46
CA SER A 29 -0.81 -8.90 22.09
C SER A 29 -1.15 -10.11 21.23
N VAL A 30 -1.16 -9.88 19.91
CA VAL A 30 -1.41 -10.93 18.93
C VAL A 30 -0.31 -10.87 17.88
N ASN A 31 -0.10 -12.02 17.22
CA ASN A 31 0.96 -12.19 16.24
C ASN A 31 0.35 -12.24 14.85
N LEU A 32 0.92 -11.46 13.92
CA LEU A 32 0.45 -11.42 12.54
C LEU A 32 1.43 -12.06 11.57
N LEU A 33 2.46 -12.74 12.07
CA LEU A 33 3.55 -13.24 11.25
C LEU A 33 3.78 -14.70 11.58
N GLU A 34 3.79 -15.54 10.56
CA GLU A 34 4.06 -16.97 10.73
C GLU A 34 5.50 -17.28 10.35
N ASP A 35 6.24 -17.86 11.29
CA ASP A 35 7.64 -18.19 11.08
C ASP A 35 7.93 -19.67 11.30
N SER A 36 6.91 -20.52 11.26
CA SER A 36 7.07 -21.94 11.52
C SER A 36 6.38 -22.75 10.44
N HIS A 37 6.89 -23.96 10.19
CA HIS A 37 6.33 -24.89 9.25
C HIS A 37 6.35 -26.29 9.86
N ASN A 38 5.45 -27.15 9.37
CA ASN A 38 5.32 -28.49 9.93
C ASN A 38 6.41 -29.44 9.46
N GLY A 39 7.17 -29.08 8.44
CA GLY A 39 8.24 -29.93 7.95
C GLY A 39 7.77 -31.07 7.07
N LYS A 40 6.50 -31.13 6.73
CA LYS A 40 5.93 -32.19 5.92
C LYS A 40 5.53 -31.65 4.56
N LEU A 41 5.23 -32.56 3.64
CA LEU A 41 4.77 -32.21 2.30
C LEU A 41 3.30 -32.61 2.19
N CYS A 42 2.42 -31.70 2.57
CA CYS A 42 1.00 -31.97 2.62
C CYS A 42 0.40 -31.94 1.22
N LEU A 43 -0.93 -32.01 1.14
CA LEU A 43 -1.66 -32.03 -0.10
C LEU A 43 -2.53 -30.79 -0.24
N LEU A 44 -2.64 -30.29 -1.46
CA LEU A 44 -3.28 -29.02 -1.75
C LEU A 44 -4.56 -29.23 -2.54
N LYS A 45 -5.62 -28.54 -2.14
CA LYS A 45 -6.90 -28.52 -2.86
C LYS A 45 -7.48 -29.92 -3.05
N GLY A 46 -7.31 -30.78 -2.05
CA GLY A 46 -7.90 -32.10 -2.10
C GLY A 46 -7.16 -33.12 -2.95
N ILE A 47 -6.01 -32.75 -3.53
CA ILE A 47 -5.24 -33.63 -4.39
C ILE A 47 -3.81 -33.70 -3.88
N ALA A 48 -3.28 -34.90 -3.76
CA ALA A 48 -1.89 -35.09 -3.35
C ALA A 48 -0.95 -34.81 -4.52
N PRO A 49 0.29 -34.43 -4.24
CA PRO A 49 1.25 -34.15 -5.32
C PRO A 49 1.80 -35.43 -5.92
N LEU A 50 2.61 -35.27 -6.96
CA LEU A 50 3.26 -36.36 -7.65
C LEU A 50 4.74 -36.36 -7.28
N GLN A 51 5.18 -37.42 -6.62
CA GLN A 51 6.57 -37.52 -6.18
C GLN A 51 7.41 -38.20 -7.26
N LEU A 52 8.60 -37.64 -7.50
CA LEU A 52 9.49 -38.12 -8.55
C LEU A 52 10.85 -38.47 -7.96
N GLY A 53 10.86 -39.22 -6.86
CA GLY A 53 12.10 -39.56 -6.18
C GLY A 53 13.13 -40.20 -7.07
N ASN A 54 14.35 -39.67 -7.05
CA ASN A 54 15.43 -40.13 -7.94
C ASN A 54 15.01 -40.05 -9.41
N CYS A 55 14.23 -39.03 -9.75
CA CYS A 55 13.76 -38.84 -11.11
C CYS A 55 13.71 -37.36 -11.43
N SER A 56 13.76 -37.05 -12.71
CA SER A 56 13.46 -35.73 -13.21
C SER A 56 12.21 -35.80 -14.08
N VAL A 57 11.62 -34.64 -14.37
CA VAL A 57 10.43 -34.61 -15.20
C VAL A 57 10.73 -35.21 -16.57
N ALA A 58 11.91 -34.91 -17.11
CA ALA A 58 12.31 -35.49 -18.39
C ALA A 58 12.39 -37.01 -18.31
N GLY A 59 13.03 -37.52 -17.25
CA GLY A 59 13.15 -38.97 -17.12
C GLY A 59 11.81 -39.64 -16.89
N TRP A 60 10.94 -39.03 -16.08
CA TRP A 60 9.63 -39.61 -15.82
C TRP A 60 8.76 -39.63 -17.08
N ILE A 61 8.76 -38.53 -17.83
CA ILE A 61 7.89 -38.44 -19.00
C ILE A 61 8.49 -39.12 -20.21
N LEU A 62 9.78 -39.43 -20.19
CA LEU A 62 10.42 -40.20 -21.25
C LEU A 62 10.34 -41.69 -21.01
N GLY A 63 10.18 -42.11 -19.76
CA GLY A 63 10.11 -43.53 -19.45
C GLY A 63 11.46 -44.13 -19.11
N ASN A 64 12.18 -43.50 -18.20
CA ASN A 64 13.48 -44.02 -17.80
C ASN A 64 13.33 -45.40 -17.19
N PRO A 65 14.11 -46.40 -17.63
CA PRO A 65 13.96 -47.75 -17.07
C PRO A 65 14.15 -47.80 -15.57
N GLU A 66 15.08 -47.00 -15.05
CA GLU A 66 15.42 -47.05 -13.63
C GLU A 66 14.55 -46.10 -12.80
N CYS A 67 13.48 -45.60 -13.42
CA CYS A 67 12.59 -44.68 -12.73
C CYS A 67 11.16 -45.08 -13.06
N GLU A 68 10.87 -46.37 -12.97
CA GLU A 68 9.55 -46.88 -13.32
C GLU A 68 8.70 -47.28 -12.11
N LEU A 69 9.28 -47.38 -10.93
CA LEU A 69 8.54 -47.79 -9.74
C LEU A 69 7.46 -46.80 -9.34
N LEU A 70 7.47 -45.60 -9.91
CA LEU A 70 6.45 -44.60 -9.61
C LEU A 70 5.08 -45.13 -10.01
N ILE A 71 4.10 -44.96 -9.12
CA ILE A 71 2.76 -45.48 -9.33
C ILE A 71 2.00 -44.53 -10.24
N SER A 72 1.24 -45.09 -11.19
CA SER A 72 0.42 -44.27 -12.07
C SER A 72 -0.61 -43.48 -11.27
N ARG A 73 -0.70 -42.19 -11.55
CA ARG A 73 -1.58 -41.29 -10.83
C ARG A 73 -2.53 -40.59 -11.81
N GLU A 74 -3.79 -40.48 -11.39
CA GLU A 74 -4.80 -39.83 -12.22
C GLU A 74 -4.58 -38.33 -12.30
N SER A 75 -4.26 -37.69 -11.17
CA SER A 75 -4.09 -36.25 -11.11
C SER A 75 -3.19 -35.90 -9.95
N TRP A 76 -2.66 -34.68 -9.99
CA TRP A 76 -1.84 -34.16 -8.90
C TRP A 76 -1.98 -32.65 -8.86
N SER A 77 -1.64 -32.08 -7.71
CA SER A 77 -1.71 -30.64 -7.50
C SER A 77 -0.38 -29.93 -7.71
N TYR A 78 0.73 -30.61 -7.46
CA TYR A 78 2.05 -30.09 -7.79
C TYR A 78 3.02 -31.27 -7.88
N ILE A 79 4.25 -30.99 -8.27
CA ILE A 79 5.28 -32.01 -8.48
C ILE A 79 6.39 -31.80 -7.47
N VAL A 80 6.81 -32.88 -6.83
CA VAL A 80 7.92 -32.85 -5.89
C VAL A 80 9.14 -33.47 -6.56
N GLU A 81 10.24 -32.74 -6.56
CA GLU A 81 11.50 -33.20 -7.12
C GLU A 81 12.58 -33.10 -6.05
N LYS A 82 13.81 -33.40 -6.46
CA LYS A 82 14.97 -33.28 -5.59
C LYS A 82 16.03 -32.44 -6.26
N PRO A 83 16.85 -31.73 -5.49
CA PRO A 83 17.93 -30.94 -6.09
C PRO A 83 18.95 -31.85 -6.78
N ASN A 84 19.21 -31.57 -8.05
CA ASN A 84 20.11 -32.35 -8.89
C ASN A 84 19.70 -33.82 -8.92
N PRO A 85 18.58 -34.16 -9.55
CA PRO A 85 18.19 -35.57 -9.65
C PRO A 85 19.18 -36.34 -10.53
N GLU A 86 19.31 -37.63 -10.24
CA GLU A 86 20.34 -38.46 -10.92
C GLU A 86 19.78 -39.15 -12.15
N ASN A 87 18.61 -39.75 -12.03
CA ASN A 87 18.03 -40.51 -13.14
C ASN A 87 17.14 -39.59 -13.96
N GLY A 88 17.72 -39.01 -15.01
CA GLY A 88 16.98 -38.17 -15.91
C GLY A 88 16.93 -38.74 -17.32
N THR A 89 17.68 -38.14 -18.24
CA THR A 89 17.81 -38.65 -19.60
C THR A 89 19.05 -39.55 -19.64
N CYS A 90 18.83 -40.86 -19.65
CA CYS A 90 19.96 -41.79 -19.65
C CYS A 90 20.80 -41.64 -20.91
N TYR A 91 20.15 -41.53 -22.06
CA TYR A 91 20.87 -41.25 -23.29
C TYR A 91 21.06 -39.75 -23.44
N PRO A 92 22.29 -39.27 -23.62
CA PRO A 92 22.53 -37.83 -23.66
C PRO A 92 21.81 -37.16 -24.81
N GLY A 93 21.43 -35.91 -24.58
CA GLY A 93 20.74 -35.15 -25.60
C GLY A 93 20.25 -33.82 -25.04
N HIS A 94 19.49 -33.12 -25.87
CA HIS A 94 18.92 -31.83 -25.51
C HIS A 94 17.40 -31.95 -25.54
N PHE A 95 16.76 -31.60 -24.44
CA PHE A 95 15.30 -31.62 -24.34
C PHE A 95 14.76 -30.26 -24.76
N ALA A 96 14.11 -30.21 -25.92
CA ALA A 96 13.62 -28.96 -26.46
C ALA A 96 12.44 -28.46 -25.65
N ASP A 97 12.46 -27.18 -25.29
CA ASP A 97 11.40 -26.53 -24.54
C ASP A 97 11.10 -27.30 -23.25
N TYR A 98 12.14 -27.53 -22.47
CA TYR A 98 12.00 -28.33 -21.26
C TYR A 98 11.16 -27.61 -20.20
N GLU A 99 11.44 -26.33 -19.97
CA GLU A 99 10.73 -25.58 -18.94
C GLU A 99 9.25 -25.43 -19.27
N GLU A 100 8.93 -25.24 -20.55
CA GLU A 100 7.53 -25.26 -21.00
C GLU A 100 6.84 -26.54 -20.56
N LEU A 101 7.47 -27.68 -20.82
CA LEU A 101 6.87 -28.96 -20.47
C LEU A 101 6.75 -29.12 -18.96
N ARG A 102 7.77 -28.68 -18.21
CA ARG A 102 7.70 -28.78 -16.76
C ARG A 102 6.54 -27.97 -16.21
N GLU A 103 6.32 -26.78 -16.75
CA GLU A 103 5.23 -25.95 -16.24
C GLU A 103 3.87 -26.50 -16.65
N GLN A 104 3.72 -26.90 -17.92
CA GLN A 104 2.45 -27.46 -18.37
C GLN A 104 2.11 -28.76 -17.66
N LEU A 105 3.10 -29.49 -17.17
CA LEU A 105 2.89 -30.74 -16.47
C LEU A 105 2.81 -30.56 -14.96
N SER A 106 2.92 -29.34 -14.46
CA SER A 106 2.95 -29.11 -13.02
C SER A 106 1.64 -29.51 -12.36
N SER A 107 0.50 -29.18 -12.99
CA SER A 107 -0.81 -29.56 -12.48
C SER A 107 -1.62 -30.14 -13.62
N VAL A 108 -2.14 -31.35 -13.40
CA VAL A 108 -2.92 -32.06 -14.41
C VAL A 108 -4.21 -32.55 -13.77
N SER A 109 -5.34 -32.26 -14.42
CA SER A 109 -6.64 -32.66 -13.89
C SER A 109 -7.02 -34.08 -14.28
N SER A 110 -6.37 -34.66 -15.29
CA SER A 110 -6.64 -36.03 -15.70
C SER A 110 -5.47 -36.51 -16.54
N PHE A 111 -4.84 -37.61 -16.11
CA PHE A 111 -3.68 -38.16 -16.78
C PHE A 111 -3.99 -39.57 -17.26
N GLU A 112 -3.68 -39.86 -18.51
CA GLU A 112 -3.93 -41.18 -19.09
C GLU A 112 -2.76 -41.54 -19.99
N ARG A 113 -2.00 -42.56 -19.59
CA ARG A 113 -0.92 -43.08 -20.41
C ARG A 113 -1.44 -44.19 -21.31
N PHE A 114 -1.43 -43.96 -22.61
CA PHE A 114 -1.97 -44.91 -23.57
C PHE A 114 -0.99 -45.11 -24.72
N GLU A 115 -1.05 -46.29 -25.32
CA GLU A 115 -0.20 -46.60 -26.46
C GLU A 115 -0.74 -45.93 -27.71
N ILE A 116 0.11 -45.13 -28.35
CA ILE A 116 -0.25 -44.43 -29.59
C ILE A 116 0.18 -45.21 -30.82
N PHE A 117 1.42 -45.72 -30.81
CA PHE A 117 1.94 -46.57 -31.89
C PHE A 117 2.31 -47.91 -31.30
N PRO A 118 1.44 -48.92 -31.38
CA PRO A 118 1.76 -50.23 -30.81
C PRO A 118 3.02 -50.80 -31.43
N LYS A 119 3.84 -51.44 -30.58
CA LYS A 119 5.11 -51.98 -31.03
C LYS A 119 4.92 -53.10 -32.04
N GLU A 120 3.90 -53.95 -31.82
CA GLU A 120 3.69 -55.08 -32.71
C GLU A 120 2.99 -54.66 -34.00
N SER A 121 1.87 -53.93 -33.89
CA SER A 121 1.09 -53.59 -35.06
C SER A 121 1.87 -52.67 -36.01
N SER A 122 2.48 -51.62 -35.48
CA SER A 122 3.21 -50.68 -36.30
C SER A 122 4.64 -51.17 -36.54
N TRP A 123 5.33 -50.49 -37.44
CA TRP A 123 6.69 -50.82 -37.83
C TRP A 123 6.86 -52.27 -38.28
N PRO A 124 6.15 -52.70 -39.33
CA PRO A 124 6.36 -54.07 -39.82
C PRO A 124 7.65 -54.23 -40.58
N ASN A 125 8.25 -53.14 -41.05
CA ASN A 125 9.44 -53.19 -41.88
C ASN A 125 10.67 -52.62 -41.17
N HIS A 126 10.63 -52.49 -39.85
CA HIS A 126 11.73 -51.90 -39.10
C HIS A 126 12.04 -52.76 -37.88
N THR A 127 13.28 -52.67 -37.42
CA THR A 127 13.71 -53.34 -36.19
C THR A 127 13.38 -52.47 -35.00
N THR A 128 12.68 -53.03 -34.02
CA THR A 128 12.19 -52.27 -32.87
C THR A 128 12.79 -52.79 -31.56
N THR A 129 14.03 -53.27 -31.61
CA THR A 129 14.70 -53.83 -30.44
C THR A 129 16.01 -53.10 -30.17
N GLY A 130 16.00 -51.78 -30.27
CA GLY A 130 17.20 -51.00 -30.03
C GLY A 130 17.39 -50.61 -28.58
N VAL A 131 18.52 -51.01 -28.01
CA VAL A 131 18.83 -50.75 -26.60
C VAL A 131 20.23 -50.16 -26.50
N SER A 132 20.50 -49.53 -25.37
CA SER A 132 21.78 -48.89 -25.13
C SER A 132 22.26 -49.21 -23.73
N ALA A 133 23.57 -49.16 -23.54
CA ALA A 133 24.15 -49.44 -22.23
C ALA A 133 23.92 -48.30 -21.26
N SER A 134 23.72 -47.08 -21.76
CA SER A 134 23.44 -45.94 -20.87
C SER A 134 22.13 -46.14 -20.13
N CYS A 135 21.09 -46.58 -20.82
CA CYS A 135 19.79 -46.85 -20.20
C CYS A 135 19.76 -48.31 -19.73
N SER A 136 20.49 -48.56 -18.65
CA SER A 136 20.69 -49.92 -18.14
C SER A 136 19.73 -50.16 -16.98
N HIS A 137 18.85 -51.14 -17.15
CA HIS A 137 17.98 -51.60 -16.08
C HIS A 137 18.51 -52.94 -15.57
N ASN A 138 18.59 -53.06 -14.24
CA ASN A 138 19.23 -54.21 -13.58
C ASN A 138 20.65 -54.27 -14.10
N GLY A 139 21.09 -55.36 -14.72
CA GLY A 139 22.41 -55.40 -15.30
C GLY A 139 22.38 -55.35 -16.82
N GLU A 140 21.20 -55.48 -17.40
CA GLU A 140 21.04 -55.55 -18.84
C GLU A 140 20.76 -54.18 -19.43
N SER A 141 21.01 -54.06 -20.73
CA SER A 141 20.75 -52.82 -21.45
C SER A 141 19.28 -52.71 -21.81
N SER A 142 18.77 -51.49 -21.81
CA SER A 142 17.37 -51.23 -22.09
C SER A 142 17.25 -49.87 -22.77
N PHE A 143 16.03 -49.34 -22.81
CA PHE A 143 15.77 -48.05 -23.41
C PHE A 143 14.55 -47.43 -22.74
N TYR A 144 14.22 -46.21 -23.16
CA TYR A 144 13.05 -45.53 -22.61
C TYR A 144 11.79 -46.34 -22.88
N LYS A 145 10.89 -46.39 -21.88
CA LYS A 145 9.66 -47.15 -22.04
C LYS A 145 8.71 -46.49 -23.01
N ASN A 146 8.72 -45.15 -23.09
CA ASN A 146 7.77 -44.41 -23.90
C ASN A 146 8.27 -44.13 -25.31
N LEU A 147 9.46 -44.59 -25.67
CA LEU A 147 10.04 -44.33 -26.98
C LEU A 147 10.54 -45.62 -27.60
N LEU A 148 10.48 -45.70 -28.92
CA LEU A 148 10.93 -46.85 -29.69
C LEU A 148 12.09 -46.46 -30.59
N TRP A 149 13.18 -47.20 -30.50
CA TRP A 149 14.34 -47.00 -31.36
C TRP A 149 14.18 -47.83 -32.61
N LEU A 150 13.97 -47.17 -33.75
CA LEU A 150 13.74 -47.86 -35.00
C LEU A 150 15.05 -47.97 -35.79
N THR A 151 15.36 -49.18 -36.23
CA THR A 151 16.55 -49.44 -37.02
C THR A 151 16.17 -50.30 -38.22
N GLY A 152 16.88 -50.17 -39.33
CA GLY A 152 16.54 -50.88 -40.54
C GLY A 152 16.60 -52.39 -40.39
N LYS A 153 15.72 -53.06 -41.12
CA LYS A 153 15.62 -54.52 -41.12
C LYS A 153 16.01 -55.04 -42.50
N ASN A 154 16.64 -56.21 -42.54
CA ASN A 154 17.02 -56.87 -43.78
C ASN A 154 17.99 -56.04 -44.60
N GLY A 155 18.81 -55.23 -43.94
CA GLY A 155 19.83 -54.46 -44.62
C GLY A 155 19.37 -53.17 -45.24
N LEU A 156 18.11 -52.83 -45.07
CA LEU A 156 17.56 -51.58 -45.63
C LEU A 156 16.67 -50.89 -44.61
N TYR A 157 16.64 -49.55 -44.58
CA TYR A 157 15.71 -48.82 -43.71
C TYR A 157 14.61 -48.31 -44.59
N PRO A 158 13.47 -48.99 -44.66
CA PRO A 158 12.35 -48.53 -45.46
C PRO A 158 11.87 -47.16 -44.99
N ASN A 159 11.30 -46.36 -45.89
CA ASN A 159 10.69 -45.05 -45.51
C ASN A 159 9.43 -45.31 -44.69
N LEU A 160 9.07 -44.42 -43.77
CA LEU A 160 7.95 -44.63 -42.87
C LEU A 160 7.05 -43.41 -42.87
N SER A 161 5.75 -43.65 -42.77
CA SER A 161 4.75 -42.57 -42.71
C SER A 161 3.62 -43.06 -41.83
N LYS A 162 3.72 -42.70 -40.55
CA LYS A 162 2.69 -43.06 -39.56
C LYS A 162 1.94 -41.81 -39.13
N SER A 163 0.64 -41.92 -38.87
CA SER A 163 -0.17 -40.80 -38.45
C SER A 163 -1.07 -41.22 -37.30
N TYR A 164 -1.50 -40.24 -36.52
CA TYR A 164 -2.42 -40.47 -35.41
C TYR A 164 -3.36 -39.30 -35.30
N ALA A 165 -4.65 -39.58 -35.11
CA ALA A 165 -5.66 -38.55 -34.95
C ALA A 165 -6.15 -38.52 -33.51
N ASN A 166 -6.30 -37.31 -32.97
CA ASN A 166 -6.73 -37.14 -31.58
C ASN A 166 -8.24 -37.35 -31.50
N ASN A 167 -8.65 -38.49 -30.95
CA ASN A 167 -10.05 -38.82 -30.75
C ASN A 167 -10.40 -38.97 -29.28
N LYS A 168 -9.58 -38.41 -28.40
CA LYS A 168 -9.74 -38.54 -26.96
C LYS A 168 -10.45 -37.35 -26.32
N GLU A 169 -10.88 -36.38 -27.13
CA GLU A 169 -11.51 -35.15 -26.64
C GLU A 169 -10.64 -34.47 -25.58
N LYS A 170 -9.33 -34.67 -25.66
CA LYS A 170 -8.39 -34.10 -24.70
C LYS A 170 -7.07 -33.84 -25.42
N GLU A 171 -6.26 -32.97 -24.82
CA GLU A 171 -4.94 -32.71 -25.36
C GLU A 171 -4.05 -33.94 -25.17
N VAL A 172 -3.25 -34.24 -26.20
CA VAL A 172 -2.37 -35.40 -26.19
C VAL A 172 -0.94 -34.92 -26.28
N LEU A 173 -0.09 -35.41 -25.38
CA LEU A 173 1.32 -35.06 -25.33
C LEU A 173 2.12 -36.16 -26.04
N VAL A 174 2.79 -35.79 -27.12
CA VAL A 174 3.53 -36.73 -27.95
C VAL A 174 5.01 -36.37 -27.87
N LEU A 175 5.85 -37.36 -27.60
CA LEU A 175 7.29 -37.17 -27.49
C LEU A 175 8.01 -38.06 -28.49
N TRP A 176 9.05 -37.52 -29.13
CA TRP A 176 9.84 -38.27 -30.08
C TRP A 176 11.29 -37.82 -29.97
N GLY A 177 12.16 -38.44 -30.78
CA GLY A 177 13.57 -38.11 -30.74
C GLY A 177 14.21 -38.26 -32.10
N VAL A 178 15.34 -37.58 -32.27
CA VAL A 178 16.16 -37.68 -33.46
C VAL A 178 17.56 -38.11 -33.04
N HIS A 179 18.07 -39.16 -33.67
CA HIS A 179 19.37 -39.73 -33.31
C HIS A 179 20.47 -39.04 -34.11
N HIS A 180 21.56 -38.70 -33.42
CA HIS A 180 22.74 -38.11 -34.04
C HIS A 180 23.94 -39.03 -33.79
N PRO A 181 24.31 -39.86 -34.76
CA PRO A 181 25.41 -40.82 -34.56
C PRO A 181 26.73 -40.10 -34.40
N PRO A 182 27.72 -40.74 -33.77
CA PRO A 182 29.01 -40.06 -33.58
C PRO A 182 29.82 -39.93 -34.87
N ASN A 183 29.79 -40.95 -35.72
CA ASN A 183 30.55 -40.97 -36.95
C ASN A 183 29.68 -41.48 -38.09
N ILE A 184 30.11 -41.21 -39.32
CA ILE A 184 29.36 -41.63 -40.49
C ILE A 184 29.27 -43.15 -40.56
N GLY A 185 30.25 -43.85 -39.98
CA GLY A 185 30.19 -45.30 -39.95
C GLY A 185 28.99 -45.82 -39.17
N ASP A 186 28.69 -45.17 -38.04
CA ASP A 186 27.50 -45.57 -37.24
C ASP A 186 26.23 -45.19 -38.01
N GLN A 187 26.21 -44.01 -38.63
CA GLN A 187 25.00 -43.54 -39.36
C GLN A 187 24.45 -44.67 -40.26
N ARG A 188 25.23 -45.10 -41.25
CA ARG A 188 24.74 -46.14 -42.20
C ARG A 188 24.54 -47.46 -41.43
N ALA A 189 25.50 -47.84 -40.59
CA ALA A 189 25.40 -49.13 -39.87
C ALA A 189 24.02 -49.26 -39.23
N LEU A 190 23.32 -48.14 -39.06
CA LEU A 190 22.01 -48.21 -38.36
C LEU A 190 20.88 -47.76 -39.29
N TYR A 191 21.18 -46.96 -40.32
CA TYR A 191 20.10 -46.39 -41.16
C TYR A 191 20.38 -46.58 -42.63
N HIS A 192 21.51 -47.18 -43.01
CA HIS A 192 21.76 -47.52 -44.43
C HIS A 192 21.48 -46.31 -45.32
N LYS A 193 22.04 -45.15 -45.01
CA LYS A 193 21.87 -43.88 -45.75
C LYS A 193 22.76 -42.91 -44.97
N GLU A 194 23.25 -41.83 -45.56
CA GLU A 194 24.19 -40.94 -44.86
C GLU A 194 23.52 -39.58 -44.71
N ASN A 195 22.51 -39.32 -45.53
CA ASN A 195 21.74 -38.06 -45.44
C ASN A 195 20.30 -38.47 -45.19
N ALA A 196 19.86 -38.47 -43.94
CA ALA A 196 18.51 -38.93 -43.60
C ALA A 196 17.64 -37.74 -43.24
N TYR A 197 16.35 -37.95 -43.04
CA TYR A 197 15.43 -36.81 -42.80
C TYR A 197 14.32 -37.23 -41.90
N VAL A 198 14.00 -36.39 -40.93
CA VAL A 198 12.84 -36.62 -40.09
C VAL A 198 11.90 -35.43 -40.24
N SER A 199 10.61 -35.72 -40.38
CA SER A 199 9.60 -34.67 -40.55
C SER A 199 8.39 -34.98 -39.68
N VAL A 200 8.04 -34.05 -38.80
CA VAL A 200 6.84 -34.15 -37.97
C VAL A 200 5.95 -32.96 -38.31
N VAL A 201 4.70 -33.24 -38.67
CA VAL A 201 3.78 -32.22 -39.15
C VAL A 201 2.45 -32.36 -38.43
N SER A 202 1.94 -31.25 -37.91
CA SER A 202 0.62 -31.18 -37.32
C SER A 202 -0.08 -29.96 -37.87
N SER A 203 -1.27 -29.66 -37.34
CA SER A 203 -1.99 -28.47 -37.77
C SER A 203 -1.27 -27.20 -37.35
N HIS A 204 -0.67 -27.20 -36.16
CA HIS A 204 0.02 -26.03 -35.66
C HIS A 204 1.49 -26.29 -35.35
N TYR A 205 1.99 -27.49 -35.65
CA TYR A 205 3.40 -27.83 -35.43
C TYR A 205 3.92 -28.50 -36.69
N SER A 206 4.95 -27.92 -37.29
CA SER A 206 5.61 -28.50 -38.45
C SER A 206 7.10 -28.21 -38.32
N ARG A 207 7.92 -29.26 -38.35
CA ARG A 207 9.36 -29.10 -38.26
C ARG A 207 10.04 -30.16 -39.11
N LYS A 208 11.18 -29.92 -39.62
CA LYS A 208 11.94 -30.90 -40.43
C LYS A 208 13.34 -31.03 -39.81
N PHE A 209 13.67 -32.11 -39.24
CA PHE A 209 14.91 -32.41 -38.54
C PHE A 209 15.88 -33.11 -39.48
N THR A 210 17.11 -32.61 -39.54
CA THR A 210 18.16 -33.20 -40.34
C THR A 210 19.23 -33.75 -39.41
N PRO A 211 19.50 -35.05 -39.44
CA PRO A 211 20.53 -35.61 -38.55
C PRO A 211 21.88 -34.95 -38.81
N GLU A 212 22.61 -34.71 -37.71
CA GLU A 212 23.97 -34.19 -37.78
C GLU A 212 24.90 -35.17 -37.11
N ILE A 213 26.10 -35.33 -37.66
CA ILE A 213 27.03 -36.36 -37.24
C ILE A 213 28.29 -35.65 -36.75
N ALA A 214 28.49 -35.64 -35.43
CA ALA A 214 29.65 -35.00 -34.83
C ALA A 214 30.09 -35.77 -33.60
N LYS A 215 31.37 -35.64 -33.29
CA LYS A 215 31.97 -36.29 -32.14
C LYS A 215 31.91 -35.34 -30.94
N ARG A 216 31.31 -35.80 -29.86
CA ARG A 216 31.06 -35.00 -28.68
C ARG A 216 31.62 -35.70 -27.46
N PRO A 217 31.85 -34.97 -26.36
CA PRO A 217 32.44 -35.58 -25.16
C PRO A 217 31.60 -36.73 -24.64
N LYS A 218 32.29 -37.73 -24.09
CA LYS A 218 31.66 -38.95 -23.59
C LYS A 218 30.82 -38.61 -22.35
N VAL A 219 29.51 -38.63 -22.52
CA VAL A 219 28.56 -38.55 -21.41
C VAL A 219 27.80 -39.86 -21.36
N ARG A 220 27.78 -40.48 -20.19
CA ARG A 220 27.17 -41.80 -20.01
C ARG A 220 27.75 -42.82 -20.99
N ASP A 221 29.06 -42.71 -21.23
CA ASP A 221 29.79 -43.60 -22.13
C ASP A 221 29.23 -43.57 -23.55
N GLN A 222 28.72 -42.42 -23.98
CA GLN A 222 28.24 -42.25 -25.35
C GLN A 222 28.76 -40.95 -25.91
N GLU A 223 28.99 -40.95 -27.22
CA GLU A 223 29.43 -39.77 -27.94
C GLU A 223 28.35 -39.17 -28.82
N GLY A 224 27.47 -40.01 -29.38
CA GLY A 224 26.31 -39.49 -30.07
C GLY A 224 25.23 -39.05 -29.11
N ARG A 225 24.24 -38.33 -29.65
CA ARG A 225 23.18 -37.77 -28.83
C ARG A 225 21.83 -37.94 -29.50
N ILE A 226 20.79 -38.04 -28.68
CA ILE A 226 19.41 -38.09 -29.12
C ILE A 226 18.70 -36.85 -28.60
N ASN A 227 18.18 -36.04 -29.52
CA ASN A 227 17.45 -34.83 -29.16
C ASN A 227 15.97 -35.14 -28.98
N TYR A 228 15.39 -34.67 -27.88
CA TYR A 228 14.02 -35.00 -27.51
C TYR A 228 13.10 -33.82 -27.76
N TYR A 229 11.95 -34.09 -28.39
CA TYR A 229 10.99 -33.07 -28.74
C TYR A 229 9.60 -33.49 -28.26
N TRP A 230 8.72 -32.50 -28.12
CA TRP A 230 7.38 -32.75 -27.64
C TRP A 230 6.42 -31.77 -28.29
N THR A 231 5.14 -32.13 -28.29
CA THR A 231 4.10 -31.29 -28.85
C THR A 231 2.77 -31.62 -28.17
N LEU A 232 1.82 -30.70 -28.29
CA LEU A 232 0.48 -30.89 -27.77
C LEU A 232 -0.49 -30.99 -28.95
N LEU A 233 -1.27 -32.06 -28.98
CA LEU A 233 -2.21 -32.32 -30.06
C LEU A 233 -3.61 -31.96 -29.59
N GLU A 234 -4.21 -30.96 -30.23
CA GLU A 234 -5.57 -30.57 -29.89
C GLU A 234 -6.55 -31.63 -30.38
N PRO A 235 -7.73 -31.72 -29.75
CA PRO A 235 -8.73 -32.67 -30.21
C PRO A 235 -9.13 -32.40 -31.65
N GLY A 236 -9.33 -33.48 -32.40
CA GLY A 236 -9.65 -33.37 -33.81
C GLY A 236 -8.48 -33.07 -34.72
N ASP A 237 -7.25 -33.09 -34.19
CA ASP A 237 -6.06 -32.81 -34.96
C ASP A 237 -5.26 -34.10 -35.16
N THR A 238 -4.48 -34.13 -36.24
CA THR A 238 -3.67 -35.28 -36.59
C THR A 238 -2.19 -34.89 -36.65
N ILE A 239 -1.33 -35.87 -36.42
CA ILE A 239 0.11 -35.69 -36.48
C ILE A 239 0.69 -36.73 -37.41
N ILE A 240 1.65 -36.31 -38.24
CA ILE A 240 2.23 -37.17 -39.27
C ILE A 240 3.72 -37.28 -39.00
N PHE A 241 4.22 -38.51 -38.92
CA PHE A 241 5.65 -38.79 -38.76
C PHE A 241 6.17 -39.38 -40.06
N GLU A 242 7.09 -38.68 -40.71
CA GLU A 242 7.72 -39.14 -41.93
C GLU A 242 9.23 -39.09 -41.75
N ALA A 243 9.87 -40.24 -41.87
CA ALA A 243 11.32 -40.31 -41.70
C ALA A 243 11.88 -41.45 -42.52
N ASN A 244 13.17 -41.34 -42.81
CA ASN A 244 13.93 -42.41 -43.44
C ASN A 244 15.21 -42.68 -42.66
N GLY A 245 15.18 -42.45 -41.37
CA GLY A 245 16.34 -42.67 -40.52
C GLY A 245 16.36 -41.67 -39.38
N ASN A 246 17.05 -42.06 -38.30
CA ASN A 246 17.31 -41.20 -37.15
C ASN A 246 16.01 -40.75 -36.48
N LEU A 247 15.12 -41.71 -36.25
CA LEU A 247 13.86 -41.44 -35.56
C LEU A 247 13.74 -42.32 -34.33
N ILE A 248 13.45 -41.71 -33.19
CA ILE A 248 13.08 -42.43 -31.98
C ILE A 248 11.58 -42.25 -31.86
N ALA A 249 10.82 -43.20 -32.40
CA ALA A 249 9.40 -43.02 -32.57
C ALA A 249 8.66 -43.06 -31.23
N PRO A 250 7.56 -42.33 -31.11
CA PRO A 250 6.75 -42.41 -29.90
C PRO A 250 6.10 -43.78 -29.76
N ARG A 251 5.91 -44.19 -28.50
CA ARG A 251 5.27 -45.47 -28.21
C ARG A 251 4.10 -45.27 -27.26
N TYR A 252 4.25 -44.34 -26.32
CA TYR A 252 3.23 -44.07 -25.31
C TYR A 252 2.98 -42.57 -25.27
N ALA A 253 1.76 -42.17 -25.60
CA ALA A 253 1.35 -40.78 -25.51
C ALA A 253 0.48 -40.57 -24.28
N PHE A 254 0.44 -39.32 -23.82
CA PHE A 254 -0.28 -38.96 -22.60
C PHE A 254 -1.43 -38.04 -22.96
N ALA A 255 -2.63 -38.42 -22.53
CA ALA A 255 -3.82 -37.59 -22.70
C ALA A 255 -4.08 -36.87 -21.38
N LEU A 256 -3.97 -35.55 -21.40
CA LEU A 256 -4.05 -34.78 -20.17
C LEU A 256 -4.91 -33.55 -20.35
N SER A 257 -5.49 -33.09 -19.24
CA SER A 257 -6.22 -31.83 -19.18
C SER A 257 -5.62 -31.00 -18.06
N ARG A 258 -5.19 -29.78 -18.39
CA ARG A 258 -4.53 -28.94 -17.41
C ARG A 258 -5.52 -28.35 -16.42
N GLY A 259 -5.11 -28.30 -15.16
CA GLY A 259 -5.89 -27.64 -14.13
C GLY A 259 -5.12 -26.54 -13.45
N PHE A 260 -5.54 -25.29 -13.67
CA PHE A 260 -4.90 -24.08 -13.14
C PHE A 260 -3.38 -24.12 -13.28
N GLY A 261 -2.67 -23.44 -12.39
CA GLY A 261 -1.22 -23.41 -12.45
C GLY A 261 -0.54 -23.80 -11.16
N SER A 262 0.56 -24.54 -11.27
CA SER A 262 1.32 -24.98 -10.11
C SER A 262 2.80 -24.90 -10.45
N GLY A 263 3.63 -25.53 -9.62
CA GLY A 263 5.06 -25.50 -9.83
C GLY A 263 5.72 -26.76 -9.29
N ILE A 264 7.04 -26.79 -9.41
CA ILE A 264 7.86 -27.89 -8.94
C ILE A 264 8.49 -27.48 -7.62
N ILE A 265 8.42 -28.37 -6.62
CA ILE A 265 9.00 -28.13 -5.32
C ILE A 265 10.24 -29.00 -5.21
N ASN A 266 11.40 -28.37 -5.03
CA ASN A 266 12.67 -29.07 -4.88
C ASN A 266 12.93 -29.25 -3.39
N SER A 267 12.75 -30.48 -2.90
CA SER A 267 12.88 -30.74 -1.47
C SER A 267 13.18 -32.21 -1.25
N ASN A 268 13.56 -32.52 -0.01
CA ASN A 268 13.78 -33.90 0.42
C ASN A 268 13.00 -34.22 1.70
N ALA A 269 12.04 -33.37 2.05
CA ALA A 269 11.24 -33.57 3.25
C ALA A 269 10.20 -34.67 3.04
N PRO A 270 9.82 -35.38 4.10
CA PRO A 270 8.88 -36.50 3.94
C PRO A 270 7.48 -36.02 3.54
N MET A 271 6.75 -36.94 2.93
CA MET A 271 5.36 -36.72 2.51
C MET A 271 4.43 -37.41 3.49
N ASP A 272 3.40 -36.70 3.93
CA ASP A 272 2.43 -37.23 4.86
C ASP A 272 1.01 -36.87 4.41
N GLU A 273 0.05 -37.66 4.91
CA GLU A 273 -1.36 -37.47 4.56
C GLU A 273 -1.93 -36.33 5.42
N CYS A 274 -1.65 -35.11 4.98
CA CYS A 274 -2.17 -33.90 5.60
C CYS A 274 -2.68 -32.96 4.52
N ASP A 275 -3.67 -32.15 4.88
CA ASP A 275 -4.28 -31.20 3.95
C ASP A 275 -3.98 -29.79 4.45
N ALA A 276 -3.08 -29.11 3.76
CA ALA A 276 -2.70 -27.74 4.07
C ALA A 276 -3.22 -26.79 2.99
N LYS A 277 -3.09 -25.49 3.27
CA LYS A 277 -3.48 -24.46 2.32
C LYS A 277 -2.31 -23.81 1.62
N CYS A 278 -1.11 -23.89 2.19
CA CYS A 278 0.09 -23.32 1.61
C CYS A 278 1.22 -24.34 1.70
N GLN A 279 2.14 -24.28 0.75
CA GLN A 279 3.26 -25.23 0.70
C GLN A 279 4.55 -24.49 0.38
N THR A 280 5.56 -24.70 1.21
CA THR A 280 6.92 -24.23 0.99
C THR A 280 7.83 -25.41 0.70
N PRO A 281 9.01 -25.17 0.12
CA PRO A 281 9.94 -26.28 -0.08
C PRO A 281 10.34 -26.98 1.20
N GLN A 282 10.47 -26.26 2.31
CA GLN A 282 10.91 -26.86 3.56
C GLN A 282 9.76 -27.28 4.48
N GLY A 283 8.51 -27.09 4.06
CA GLY A 283 7.39 -27.47 4.89
C GLY A 283 6.11 -26.84 4.39
N ALA A 284 5.08 -26.93 5.22
CA ALA A 284 3.77 -26.39 4.92
C ALA A 284 3.29 -25.50 6.06
N ILE A 285 2.63 -24.40 5.70
CA ILE A 285 2.08 -23.46 6.67
C ILE A 285 0.59 -23.70 6.81
N ASN A 286 0.13 -23.90 8.04
CA ASN A 286 -1.28 -24.08 8.35
C ASN A 286 -1.70 -22.97 9.31
N SER A 287 -2.09 -21.82 8.76
CA SER A 287 -2.53 -20.70 9.57
C SER A 287 -3.32 -19.73 8.72
N SER A 288 -4.10 -18.88 9.40
CA SER A 288 -4.88 -17.84 8.76
C SER A 288 -4.22 -16.47 8.84
N LEU A 289 -2.97 -16.41 9.29
CA LEU A 289 -2.28 -15.15 9.41
C LEU A 289 -2.00 -14.56 8.04
N PRO A 290 -2.01 -13.23 7.93
CA PRO A 290 -1.84 -12.61 6.60
C PRO A 290 -0.40 -12.55 6.12
N PHE A 291 0.58 -12.62 7.02
CA PHE A 291 2.00 -12.41 6.61
C PHE A 291 2.85 -13.61 7.02
N GLN A 292 3.92 -13.89 6.28
CA GLN A 292 4.80 -15.06 6.57
C GLN A 292 6.26 -14.73 6.22
N ASN A 293 7.20 -15.25 7.01
CA ASN A 293 8.65 -15.04 6.76
C ASN A 293 9.34 -16.40 6.60
N VAL A 294 8.73 -17.37 5.91
CA VAL A 294 9.37 -18.69 5.86
C VAL A 294 10.15 -18.83 4.57
N HIS A 295 9.47 -18.61 3.43
CA HIS A 295 10.11 -18.79 2.14
C HIS A 295 9.41 -17.93 1.09
N PRO A 296 10.16 -17.22 0.25
CA PRO A 296 9.51 -16.44 -0.81
C PRO A 296 8.75 -17.28 -1.82
N VAL A 297 9.20 -18.49 -2.09
CA VAL A 297 8.59 -19.35 -3.10
C VAL A 297 7.59 -20.27 -2.42
N THR A 298 6.33 -20.22 -2.87
CA THR A 298 5.24 -20.96 -2.25
C THR A 298 4.27 -21.40 -3.33
N ILE A 299 3.46 -22.41 -2.99
CA ILE A 299 2.40 -22.90 -3.86
C ILE A 299 1.09 -22.93 -3.07
N GLY A 300 0.06 -22.34 -3.63
CA GLY A 300 -1.27 -22.36 -3.03
C GLY A 300 -1.67 -21.00 -2.50
N GLU A 301 -2.85 -20.98 -1.90
CA GLU A 301 -3.35 -19.78 -1.24
C GLU A 301 -2.50 -19.53 -0.02
N CYS A 302 -1.59 -18.56 -0.12
CA CYS A 302 -0.54 -18.42 0.87
C CYS A 302 -0.52 -17.03 1.46
N PRO A 303 -0.12 -16.90 2.73
CA PRO A 303 0.11 -15.58 3.30
C PRO A 303 1.26 -14.87 2.61
N LYS A 304 1.17 -13.55 2.57
CA LYS A 304 2.16 -12.75 1.85
C LYS A 304 3.52 -12.84 2.52
N TYR A 305 4.57 -12.80 1.70
CA TYR A 305 5.93 -12.85 2.21
C TYR A 305 6.41 -11.44 2.53
N VAL A 306 7.00 -11.29 3.71
CA VAL A 306 7.58 -10.03 4.16
C VAL A 306 8.97 -10.31 4.71
N ARG A 307 9.80 -9.28 4.70
CA ARG A 307 11.15 -9.39 5.24
C ARG A 307 11.24 -8.97 6.70
N SER A 308 10.13 -8.64 7.34
CA SER A 308 10.16 -8.25 8.74
C SER A 308 10.44 -9.44 9.63
N ALA A 309 11.18 -9.19 10.72
CA ALA A 309 11.48 -10.23 11.69
C ALA A 309 10.34 -10.45 12.67
N LYS A 310 9.50 -9.45 12.90
CA LYS A 310 8.37 -9.60 13.82
C LYS A 310 7.28 -8.61 13.43
N LEU A 311 6.03 -9.01 13.65
CA LEU A 311 4.87 -8.15 13.40
C LEU A 311 3.83 -8.51 14.47
N ARG A 312 3.82 -7.74 15.56
CA ARG A 312 2.99 -8.02 16.72
C ARG A 312 2.08 -6.84 16.97
N MET A 313 0.78 -7.08 16.97
CA MET A 313 -0.16 -6.01 17.26
C MET A 313 -0.45 -5.95 18.76
N VAL A 314 -0.79 -4.75 19.23
CA VAL A 314 -1.17 -4.55 20.62
C VAL A 314 -2.67 -4.76 20.75
N THR A 315 -3.06 -5.62 21.69
CA THR A 315 -4.46 -5.77 22.05
C THR A 315 -4.77 -5.31 23.46
N GLY A 316 -3.79 -5.27 24.36
CA GLY A 316 -3.99 -4.84 25.72
C GLY A 316 -3.37 -3.50 26.01
N LEU A 317 -3.19 -3.22 27.29
CA LEU A 317 -2.71 -1.93 27.77
C LEU A 317 -1.18 -1.92 27.84
N ARG A 318 -0.65 -0.73 28.12
CA ARG A 318 0.78 -0.59 28.39
C ARG A 318 1.06 -1.11 29.80
N ASN A 319 1.99 -2.05 29.90
CA ASN A 319 2.22 -2.76 31.16
C ASN A 319 3.11 -1.92 32.07
N ILE A 320 2.51 -1.35 33.12
CA ILE A 320 3.24 -0.57 34.10
C ILE A 320 2.94 -1.12 35.50
N PRO A 321 3.53 -2.24 35.88
CA PRO A 321 3.25 -2.80 37.21
C PRO A 321 4.04 -2.05 38.28
N SER A 322 3.33 -1.61 39.31
CA SER A 322 3.95 -0.86 40.40
C SER A 322 4.72 -1.79 41.34
N LEU B 2 -1.92 10.44 25.02
CA LEU B 2 -2.61 11.40 24.17
C LEU B 2 -3.75 12.06 24.93
N PHE B 3 -4.29 11.34 25.93
CA PHE B 3 -5.33 11.86 26.80
C PHE B 3 -4.89 12.02 28.23
N GLY B 4 -3.65 11.67 28.56
CA GLY B 4 -3.11 11.87 29.89
C GLY B 4 -3.79 11.07 30.99
N ALA B 5 -4.08 9.79 30.73
CA ALA B 5 -4.71 8.94 31.71
C ALA B 5 -3.84 7.75 32.11
N ILE B 6 -3.37 6.97 31.13
CA ILE B 6 -2.60 5.77 31.46
C ILE B 6 -1.25 6.13 32.09
N ALA B 7 -0.60 7.16 31.56
CA ALA B 7 0.65 7.64 32.13
C ALA B 7 0.56 9.10 32.58
N GLY B 8 -0.66 9.62 32.74
CA GLY B 8 -0.84 10.99 33.15
C GLY B 8 -1.06 11.13 34.64
N PHE B 9 -2.31 11.38 35.05
CA PHE B 9 -2.61 11.49 36.47
C PHE B 9 -2.79 10.13 37.15
N ILE B 10 -2.74 9.05 36.38
CA ILE B 10 -2.70 7.69 36.94
C ILE B 10 -1.36 7.11 36.53
N GLU B 11 -0.45 6.95 37.49
CA GLU B 11 0.93 6.60 37.16
C GLU B 11 1.05 5.16 36.68
N GLY B 12 0.45 4.22 37.41
CA GLY B 12 0.64 2.82 37.12
C GLY B 12 -0.67 2.05 37.22
N GLY B 13 -0.60 0.78 36.79
CA GLY B 13 -1.74 -0.10 36.81
C GLY B 13 -1.80 -0.92 38.08
N TRP B 14 -2.79 -1.82 38.11
CA TRP B 14 -3.07 -2.65 39.27
C TRP B 14 -2.89 -4.12 38.90
N THR B 15 -2.05 -4.82 39.67
CA THR B 15 -1.89 -6.25 39.47
C THR B 15 -2.95 -7.07 40.18
N GLY B 16 -3.69 -6.47 41.11
CA GLY B 16 -4.75 -7.15 41.81
C GLY B 16 -6.09 -7.11 41.13
N MET B 17 -6.20 -6.43 39.99
CA MET B 17 -7.43 -6.34 39.22
C MET B 17 -7.25 -7.21 37.98
N VAL B 18 -7.57 -8.49 38.13
CA VAL B 18 -7.25 -9.50 37.12
C VAL B 18 -8.51 -9.96 36.38
N ASP B 19 -9.56 -9.14 36.37
CA ASP B 19 -10.80 -9.51 35.73
C ASP B 19 -11.19 -8.60 34.57
N GLY B 20 -10.39 -7.60 34.24
CA GLY B 20 -10.73 -6.70 33.16
C GLY B 20 -9.58 -5.76 32.88
N TRP B 21 -9.80 -4.90 31.89
CA TRP B 21 -8.80 -3.90 31.52
C TRP B 21 -8.95 -2.62 32.35
N TYR B 22 -10.18 -2.17 32.56
CA TYR B 22 -10.47 -0.99 33.35
C TYR B 22 -11.40 -1.36 34.50
N GLY B 23 -11.36 -0.57 35.57
CA GLY B 23 -12.20 -0.86 36.71
C GLY B 23 -11.93 0.11 37.85
N TYR B 24 -12.43 -0.27 39.03
CA TYR B 24 -12.43 0.59 40.20
C TYR B 24 -11.76 -0.11 41.37
N HIS B 25 -11.31 0.70 42.32
CA HIS B 25 -10.83 0.22 43.62
C HIS B 25 -11.47 1.09 44.69
N HIS B 26 -12.30 0.49 45.52
CA HIS B 26 -13.01 1.21 46.57
C HIS B 26 -12.51 0.79 47.94
N GLN B 27 -12.67 1.70 48.89
CA GLN B 27 -12.32 1.45 50.29
C GLN B 27 -13.36 2.10 51.17
N ASN B 28 -14.03 1.30 51.98
CA ASN B 28 -15.01 1.79 52.95
C ASN B 28 -14.91 0.96 54.22
N GLU B 29 -15.91 1.11 55.09
CA GLU B 29 -15.89 0.42 56.37
C GLU B 29 -16.01 -1.08 56.21
N GLN B 30 -16.86 -1.53 55.28
CA GLN B 30 -17.06 -2.96 55.07
C GLN B 30 -15.86 -3.63 54.41
N GLY B 31 -14.94 -2.87 53.82
CA GLY B 31 -13.75 -3.45 53.25
C GLY B 31 -13.27 -2.75 51.99
N SER B 32 -12.23 -3.30 51.37
CA SER B 32 -11.66 -2.76 50.14
C SER B 32 -11.43 -3.88 49.15
N GLY B 33 -11.43 -3.53 47.87
CA GLY B 33 -11.19 -4.52 46.84
C GLY B 33 -11.17 -3.88 45.47
N TYR B 34 -10.83 -4.70 44.48
CA TYR B 34 -10.76 -4.29 43.09
C TYR B 34 -11.97 -4.82 42.33
N ALA B 35 -12.31 -4.12 41.25
CA ALA B 35 -13.40 -4.53 40.38
C ALA B 35 -13.11 -4.03 38.98
N ALA B 36 -13.82 -4.58 38.01
CA ALA B 36 -13.66 -4.22 36.61
C ALA B 36 -14.98 -3.69 36.06
N ASP B 37 -14.89 -2.65 35.23
CA ASP B 37 -16.07 -2.13 34.56
C ASP B 37 -16.38 -3.02 33.37
N GLN B 38 -17.43 -3.82 33.49
CA GLN B 38 -17.75 -4.80 32.46
C GLN B 38 -18.12 -4.12 31.15
N LYS B 39 -18.86 -3.00 31.22
CA LYS B 39 -19.30 -2.33 30.00
C LYS B 39 -18.11 -1.82 29.19
N SER B 40 -17.22 -1.06 29.84
CA SER B 40 -16.08 -0.48 29.12
C SER B 40 -15.13 -1.57 28.64
N THR B 41 -14.85 -2.56 29.48
CA THR B 41 -13.95 -3.63 29.09
C THR B 41 -14.52 -4.42 27.91
N GLN B 42 -15.81 -4.72 27.94
CA GLN B 42 -16.42 -5.47 26.84
C GLN B 42 -16.43 -4.65 25.55
N ASN B 43 -16.71 -3.35 25.65
CA ASN B 43 -16.67 -2.51 24.45
C ASN B 43 -15.25 -2.48 23.87
N ALA B 44 -14.24 -2.34 24.72
CA ALA B 44 -12.87 -2.34 24.26
C ALA B 44 -12.50 -3.67 23.61
N ILE B 45 -12.94 -4.78 24.22
CA ILE B 45 -12.64 -6.10 23.67
C ILE B 45 -13.29 -6.26 22.30
N ASN B 46 -14.54 -5.84 22.16
CA ASN B 46 -15.22 -5.93 20.87
C ASN B 46 -14.50 -5.09 19.82
N GLY B 47 -14.11 -3.87 20.17
CA GLY B 47 -13.41 -3.02 19.22
C GLY B 47 -12.07 -3.60 18.79
N ILE B 48 -11.28 -4.10 19.75
CA ILE B 48 -9.97 -4.63 19.41
C ILE B 48 -10.11 -5.92 18.61
N THR B 49 -11.08 -6.77 18.94
CA THR B 49 -11.32 -7.97 18.16
C THR B 49 -11.70 -7.61 16.73
N ASN B 50 -12.56 -6.60 16.56
CA ASN B 50 -12.93 -6.17 15.22
C ASN B 50 -11.73 -5.65 14.46
N LYS B 51 -10.86 -4.89 15.13
CA LYS B 51 -9.67 -4.37 14.46
C LYS B 51 -8.73 -5.48 14.03
N VAL B 52 -8.49 -6.45 14.91
CA VAL B 52 -7.59 -7.56 14.58
C VAL B 52 -8.16 -8.39 13.43
N ASN B 53 -9.45 -8.68 13.47
CA ASN B 53 -10.06 -9.42 12.38
C ASN B 53 -10.09 -8.63 11.09
N SER B 54 -10.20 -7.30 11.17
CA SER B 54 -10.12 -6.49 9.97
C SER B 54 -8.73 -6.57 9.37
N VAL B 55 -7.70 -6.58 10.22
CA VAL B 55 -6.34 -6.73 9.71
C VAL B 55 -6.14 -8.11 9.07
N ILE B 56 -6.68 -9.14 9.70
CA ILE B 56 -6.39 -10.51 9.26
C ILE B 56 -7.24 -10.91 8.07
N GLU B 57 -8.57 -10.93 8.24
CA GLU B 57 -9.46 -11.51 7.24
C GLU B 57 -9.58 -10.67 5.97
N LYS B 58 -9.15 -9.41 5.98
CA LYS B 58 -9.23 -8.64 4.75
C LYS B 58 -8.21 -9.07 3.71
N MET B 59 -7.26 -9.91 4.07
CA MET B 59 -6.27 -10.41 3.13
C MET B 59 -6.77 -11.73 2.57
N ASN B 60 -7.33 -11.68 1.37
CA ASN B 60 -7.80 -12.87 0.67
C ASN B 60 -6.85 -13.14 -0.50
N THR B 61 -6.31 -14.36 -0.55
CA THR B 61 -5.31 -14.73 -1.54
C THR B 61 -5.85 -15.85 -2.41
N GLN B 62 -5.59 -15.75 -3.70
CA GLN B 62 -5.96 -16.77 -4.67
C GLN B 62 -4.83 -17.78 -4.83
N PHE B 63 -5.16 -18.92 -5.42
CA PHE B 63 -4.15 -19.93 -5.70
C PHE B 63 -3.14 -19.37 -6.71
N THR B 64 -1.85 -19.56 -6.40
CA THR B 64 -0.80 -19.08 -7.28
C THR B 64 0.48 -19.85 -7.00
N ALA B 65 1.37 -19.84 -7.98
CA ALA B 65 2.72 -20.37 -7.85
C ALA B 65 3.71 -19.27 -8.17
N VAL B 66 4.69 -19.08 -7.29
CA VAL B 66 5.63 -17.97 -7.43
C VAL B 66 6.87 -18.36 -8.23
N GLY B 67 7.24 -19.63 -8.24
CA GLY B 67 8.47 -20.06 -8.88
C GLY B 67 8.32 -20.21 -10.38
N LYS B 68 9.30 -19.71 -11.12
CA LYS B 68 9.36 -19.86 -12.57
C LYS B 68 10.76 -20.27 -12.98
N GLU B 69 10.85 -20.99 -14.09
CA GLU B 69 12.10 -21.52 -14.59
C GLU B 69 12.36 -20.98 -15.98
N PHE B 70 13.57 -20.44 -16.19
CA PHE B 70 13.96 -19.88 -17.47
C PHE B 70 15.34 -20.40 -17.86
N ASN B 71 15.49 -20.77 -19.12
CA ASN B 71 16.77 -21.26 -19.61
C ASN B 71 17.78 -20.11 -19.69
N LYS B 72 19.04 -20.47 -19.90
CA LYS B 72 20.12 -19.50 -19.87
C LYS B 72 20.06 -18.50 -21.02
N LEU B 73 19.25 -18.76 -22.04
CA LEU B 73 19.05 -17.82 -23.13
C LEU B 73 17.86 -16.90 -22.89
N GLU B 74 17.19 -17.04 -21.75
CA GLU B 74 16.08 -16.16 -21.35
C GLU B 74 16.46 -15.52 -20.03
N ARG B 75 17.21 -14.41 -20.11
CA ARG B 75 17.68 -13.69 -18.94
C ARG B 75 16.85 -12.45 -18.63
N ARG B 76 16.42 -11.72 -19.65
CA ARG B 76 15.47 -10.63 -19.44
C ARG B 76 14.20 -11.15 -18.80
N MET B 77 13.83 -12.39 -19.12
CA MET B 77 12.63 -12.99 -18.55
C MET B 77 12.79 -13.16 -17.04
N GLU B 78 13.92 -13.74 -16.65
CA GLU B 78 14.22 -13.97 -15.23
C GLU B 78 14.34 -12.65 -14.49
N ASN B 79 14.94 -11.64 -15.12
CA ASN B 79 15.07 -10.34 -14.47
C ASN B 79 13.72 -9.68 -14.27
N LEU B 80 12.80 -9.81 -15.25
CA LEU B 80 11.46 -9.28 -15.08
C LEU B 80 10.72 -10.00 -13.95
N ASN B 81 10.85 -11.32 -13.88
CA ASN B 81 10.22 -12.08 -12.80
C ASN B 81 10.77 -11.66 -11.44
N LYS B 82 12.09 -11.48 -11.35
CA LYS B 82 12.71 -11.03 -10.11
C LYS B 82 12.23 -9.64 -9.74
N LYS B 83 12.09 -8.76 -10.73
CA LYS B 83 11.57 -7.42 -10.46
C LYS B 83 10.17 -7.48 -9.88
N VAL B 84 9.30 -8.31 -10.47
CA VAL B 84 7.93 -8.42 -9.99
C VAL B 84 7.92 -8.92 -8.55
N ASP B 85 8.65 -10.01 -8.29
CA ASP B 85 8.64 -10.60 -6.94
C ASP B 85 9.20 -9.63 -5.91
N ASP B 86 10.32 -8.97 -6.23
CA ASP B 86 10.93 -8.05 -5.30
C ASP B 86 10.05 -6.85 -5.03
N GLY B 87 9.39 -6.32 -6.06
CA GLY B 87 8.49 -5.20 -5.86
C GLY B 87 7.33 -5.55 -4.97
N PHE B 88 6.72 -6.71 -5.19
CA PHE B 88 5.61 -7.12 -4.34
C PHE B 88 6.06 -7.33 -2.91
N ILE B 89 7.23 -7.95 -2.71
CA ILE B 89 7.73 -8.16 -1.37
C ILE B 89 7.98 -6.83 -0.66
N ASP B 90 8.59 -5.88 -1.37
CA ASP B 90 8.88 -4.58 -0.78
C ASP B 90 7.60 -3.86 -0.39
N ILE B 91 6.61 -3.86 -1.28
CA ILE B 91 5.35 -3.18 -0.99
C ILE B 91 4.69 -3.80 0.25
N TRP B 92 4.63 -5.12 0.29
CA TRP B 92 3.97 -5.78 1.41
C TRP B 92 4.71 -5.57 2.71
N THR B 93 6.05 -5.60 2.68
CA THR B 93 6.83 -5.38 3.90
C THR B 93 6.61 -3.98 4.45
N TYR B 94 6.72 -2.97 3.58
CA TYR B 94 6.52 -1.60 4.02
C TYR B 94 5.13 -1.39 4.58
N ASN B 95 4.11 -1.89 3.85
CA ASN B 95 2.73 -1.70 4.29
C ASN B 95 2.48 -2.39 5.62
N ALA B 96 2.94 -3.63 5.77
CA ALA B 96 2.71 -4.36 7.01
C ALA B 96 3.37 -3.67 8.19
N GLU B 97 4.63 -3.26 8.03
CA GLU B 97 5.35 -2.63 9.15
C GLU B 97 4.69 -1.32 9.55
N LEU B 98 4.40 -0.45 8.58
CA LEU B 98 3.79 0.83 8.92
C LEU B 98 2.40 0.64 9.51
N LEU B 99 1.63 -0.31 8.97
CA LEU B 99 0.29 -0.57 9.48
C LEU B 99 0.34 -1.02 10.94
N VAL B 100 1.26 -1.93 11.26
CA VAL B 100 1.38 -2.40 12.63
C VAL B 100 1.77 -1.25 13.55
N LEU B 101 2.73 -0.41 13.13
CA LEU B 101 3.13 0.70 13.98
C LEU B 101 1.96 1.65 14.25
N LEU B 102 1.21 2.00 13.21
CA LEU B 102 0.12 2.95 13.37
C LEU B 102 -1.01 2.38 14.24
N GLU B 103 -1.37 1.12 14.05
CA GLU B 103 -2.38 0.54 14.93
C GLU B 103 -1.87 0.39 16.35
N ASN B 104 -0.56 0.18 16.53
CA ASN B 104 -0.02 0.14 17.88
C ASN B 104 -0.16 1.49 18.58
N GLU B 105 0.06 2.59 17.86
CA GLU B 105 -0.31 3.91 18.39
C GLU B 105 -1.79 3.98 18.74
N ARG B 106 -2.65 3.56 17.81
CA ARG B 106 -4.08 3.84 17.95
C ARG B 106 -4.72 3.03 19.08
N THR B 107 -4.26 1.79 19.29
CA THR B 107 -4.84 0.99 20.38
C THR B 107 -4.53 1.59 21.74
N LEU B 108 -3.28 2.04 21.95
CA LEU B 108 -2.93 2.69 23.20
C LEU B 108 -3.70 3.99 23.38
N ASP B 109 -3.87 4.76 22.30
CA ASP B 109 -4.69 5.97 22.40
C ASP B 109 -6.13 5.63 22.77
N PHE B 110 -6.67 4.55 22.21
CA PHE B 110 -8.03 4.11 22.52
C PHE B 110 -8.17 3.74 24.00
N HIS B 111 -7.18 3.03 24.54
CA HIS B 111 -7.23 2.68 25.96
C HIS B 111 -7.14 3.92 26.84
N ASP B 112 -6.26 4.87 26.49
CA ASP B 112 -6.22 6.15 27.19
C ASP B 112 -7.58 6.82 27.20
N SER B 113 -8.23 6.87 26.03
CA SER B 113 -9.54 7.51 25.94
C SER B 113 -10.56 6.81 26.81
N ASN B 114 -10.55 5.48 26.83
CA ASN B 114 -11.51 4.73 27.63
C ASN B 114 -11.32 5.02 29.13
N VAL B 115 -10.08 5.00 29.60
CA VAL B 115 -9.83 5.28 31.01
C VAL B 115 -10.24 6.70 31.37
N LYS B 116 -9.89 7.66 30.51
CA LYS B 116 -10.26 9.05 30.79
C LYS B 116 -11.77 9.24 30.78
N ASN B 117 -12.48 8.58 29.88
CA ASN B 117 -13.93 8.70 29.84
C ASN B 117 -14.58 8.08 31.07
N LEU B 118 -14.03 6.96 31.55
CA LEU B 118 -14.54 6.40 32.81
C LEU B 118 -14.33 7.37 33.97
N TYR B 119 -13.13 7.97 34.04
CA TYR B 119 -12.87 8.95 35.09
C TYR B 119 -13.83 10.12 35.00
N GLU B 120 -14.09 10.61 33.79
CA GLU B 120 -14.98 11.74 33.62
C GLU B 120 -16.42 11.39 33.97
N LYS B 121 -16.86 10.17 33.65
CA LYS B 121 -18.22 9.76 34.03
C LYS B 121 -18.37 9.74 35.54
N VAL B 122 -17.42 9.12 36.25
CA VAL B 122 -17.51 9.09 37.71
C VAL B 122 -17.41 10.49 38.29
N LYS B 123 -16.57 11.35 37.68
CA LYS B 123 -16.48 12.74 38.09
C LYS B 123 -17.81 13.47 37.95
N SER B 124 -18.53 13.25 36.86
CA SER B 124 -19.81 13.95 36.64
C SER B 124 -20.83 13.54 37.70
N GLN B 125 -20.95 12.26 37.99
CA GLN B 125 -21.96 11.78 38.96
C GLN B 125 -21.75 12.45 40.31
N LEU B 126 -20.67 12.13 41.00
CA LEU B 126 -20.34 12.69 42.32
C LEU B 126 -19.85 14.09 42.10
N LYS B 127 -20.65 15.11 42.35
CA LYS B 127 -20.18 16.45 41.98
C LYS B 127 -19.36 17.01 43.15
N ASN B 128 -20.02 17.67 44.09
CA ASN B 128 -19.34 18.28 45.26
C ASN B 128 -19.52 17.32 46.42
N ASN B 129 -19.87 16.08 46.13
CA ASN B 129 -20.11 15.06 47.17
C ASN B 129 -18.82 14.27 47.39
N ALA B 130 -17.80 14.53 46.57
CA ALA B 130 -16.51 13.88 46.73
C ALA B 130 -15.43 14.79 46.18
N LYS B 131 -14.35 14.93 46.93
CA LYS B 131 -13.20 15.72 46.50
C LYS B 131 -12.23 14.84 45.73
N GLU B 132 -11.41 15.48 44.91
CA GLU B 132 -10.45 14.77 44.07
C GLU B 132 -9.10 14.76 44.77
N ILE B 133 -8.64 13.57 45.13
CA ILE B 133 -7.37 13.43 45.85
C ILE B 133 -6.23 13.39 44.85
N GLY B 134 -6.53 13.67 43.59
CA GLY B 134 -5.50 13.63 42.58
C GLY B 134 -5.47 12.35 41.78
N ASN B 135 -4.59 11.43 42.17
CA ASN B 135 -4.22 10.27 41.36
C ASN B 135 -5.40 9.31 41.22
N GLY B 136 -6.43 9.78 40.53
CA GLY B 136 -7.52 8.93 40.11
C GLY B 136 -8.57 8.59 41.15
N CYS B 137 -8.42 9.04 42.40
CA CYS B 137 -9.40 8.74 43.43
C CYS B 137 -10.22 9.96 43.82
N PHE B 138 -11.41 9.66 44.34
CA PHE B 138 -12.33 10.64 44.91
C PHE B 138 -12.56 10.28 46.37
N GLU B 139 -12.55 11.28 47.24
CA GLU B 139 -12.80 11.10 48.67
C GLU B 139 -14.22 11.56 48.98
N PHE B 140 -15.08 10.62 49.34
CA PHE B 140 -16.47 10.95 49.64
C PHE B 140 -16.57 11.81 50.89
N TYR B 141 -17.44 12.82 50.84
CA TYR B 141 -17.78 13.63 52.00
C TYR B 141 -18.86 13.00 52.85
N HIS B 142 -19.38 11.83 52.46
CA HIS B 142 -20.43 11.14 53.18
C HIS B 142 -20.06 9.67 53.33
N LYS B 143 -20.76 9.01 54.25
CA LYS B 143 -20.53 7.57 54.45
C LYS B 143 -21.02 6.82 53.22
N CYS B 144 -20.13 6.02 52.63
CA CYS B 144 -20.43 5.30 51.39
C CYS B 144 -20.37 3.81 51.67
N ASN B 145 -21.54 3.16 51.68
CA ASN B 145 -21.61 1.72 51.89
C ASN B 145 -21.44 1.00 50.56
N ASP B 146 -21.53 -0.33 50.60
CA ASP B 146 -21.34 -1.13 49.39
C ASP B 146 -22.43 -0.87 48.37
N GLU B 147 -23.66 -0.64 48.82
CA GLU B 147 -24.74 -0.33 47.88
C GLU B 147 -24.48 0.97 47.15
N CYS B 148 -24.01 2.00 47.87
CA CYS B 148 -23.69 3.27 47.22
C CYS B 148 -22.55 3.12 46.24
N MET B 149 -21.50 2.36 46.61
CA MET B 149 -20.40 2.13 45.68
C MET B 149 -20.88 1.42 44.43
N GLU B 150 -21.72 0.39 44.60
CA GLU B 150 -22.26 -0.32 43.45
C GLU B 150 -23.10 0.60 42.57
N SER B 151 -23.81 1.55 43.19
CA SER B 151 -24.55 2.54 42.43
C SER B 151 -23.61 3.42 41.61
N VAL B 152 -22.48 3.82 42.20
CA VAL B 152 -21.52 4.64 41.46
C VAL B 152 -20.96 3.87 40.27
N LYS B 153 -20.58 2.60 40.49
CA LYS B 153 -20.04 1.81 39.39
C LYS B 153 -21.08 1.56 38.31
N ASN B 154 -22.32 1.28 38.70
CA ASN B 154 -23.35 0.97 37.72
C ASN B 154 -23.73 2.21 36.93
N GLY B 155 -23.72 3.38 37.55
CA GLY B 155 -24.12 4.61 36.92
C GLY B 155 -25.37 5.25 37.47
N THR B 156 -25.90 4.75 38.59
CA THR B 156 -27.16 5.21 39.15
C THR B 156 -26.94 5.86 40.53
N TYR B 157 -25.92 6.69 40.63
CA TYR B 157 -25.63 7.38 41.88
C TYR B 157 -26.72 8.39 42.20
N ASP B 158 -27.07 8.49 43.48
CA ASP B 158 -28.15 9.36 43.95
C ASP B 158 -27.51 10.55 44.66
N TYR B 159 -27.20 11.59 43.90
CA TYR B 159 -26.64 12.81 44.48
C TYR B 159 -27.57 13.49 45.49
N PRO B 160 -28.87 13.66 45.23
CA PRO B 160 -29.72 14.32 46.24
C PRO B 160 -29.75 13.62 47.57
N LYS B 161 -29.60 12.29 47.59
CA LYS B 161 -29.68 11.56 48.86
C LYS B 161 -28.55 11.96 49.80
N TYR B 162 -27.35 12.14 49.28
CA TYR B 162 -26.17 12.42 50.09
C TYR B 162 -25.71 13.86 49.95
N SER B 163 -26.55 14.70 49.34
CA SER B 163 -26.17 16.11 49.18
C SER B 163 -26.03 16.83 50.51
N GLU B 164 -27.00 16.70 51.41
CA GLU B 164 -26.98 17.45 52.66
C GLU B 164 -25.85 16.99 53.57
N GLU B 165 -25.67 15.67 53.70
CA GLU B 165 -24.61 15.13 54.53
C GLU B 165 -23.24 15.59 54.04
N SER B 166 -23.04 15.58 52.72
CA SER B 166 -21.78 16.08 52.15
C SER B 166 -21.62 17.57 52.40
N LYS B 167 -22.71 18.33 52.30
CA LYS B 167 -22.63 19.77 52.54
C LYS B 167 -22.19 20.07 53.96
N LEU B 168 -22.73 19.32 54.94
CA LEU B 168 -22.33 19.53 56.32
C LEU B 168 -20.86 19.21 56.55
N ASN B 169 -20.27 18.30 55.76
CA ASN B 169 -18.89 17.91 55.93
C ASN B 169 -17.93 18.61 54.97
N ARG B 170 -18.45 19.31 53.97
CA ARG B 170 -17.60 19.96 52.97
C ARG B 170 -16.88 21.16 53.57
N ASP C 1 -33.19 30.28 29.72
CA ASP C 1 -32.98 29.58 30.97
C ASP C 1 -32.13 28.34 30.76
N THR C 2 -32.08 27.87 29.52
CA THR C 2 -31.38 26.64 29.19
C THR C 2 -30.79 26.76 27.79
N ILE C 3 -29.62 26.18 27.58
CA ILE C 3 -28.95 26.17 26.28
C ILE C 3 -28.20 24.85 26.14
N CYS C 4 -28.65 23.99 25.23
CA CYS C 4 -28.01 22.69 25.05
C CYS C 4 -27.23 22.60 23.75
N ILE C 5 -26.19 21.76 23.82
CA ILE C 5 -25.26 21.49 22.73
C ILE C 5 -25.54 20.08 22.26
N GLY C 6 -25.89 19.94 20.98
CA GLY C 6 -26.21 18.63 20.45
C GLY C 6 -25.69 18.46 19.04
N TYR C 7 -26.14 17.43 18.35
CA TYR C 7 -25.66 17.19 17.00
C TYR C 7 -26.82 16.74 16.13
N HIS C 8 -26.51 16.45 14.88
CA HIS C 8 -27.50 16.26 13.83
C HIS C 8 -27.92 14.80 13.75
N ALA C 9 -29.21 14.58 13.50
CA ALA C 9 -29.75 13.27 13.21
C ALA C 9 -30.78 13.39 12.10
N ASN C 10 -30.93 12.33 11.32
CA ASN C 10 -31.90 12.33 10.23
C ASN C 10 -32.33 10.90 9.96
N ASN C 11 -33.25 10.74 9.00
CA ASN C 11 -33.85 9.45 8.68
C ASN C 11 -33.05 8.69 7.63
N SER C 12 -31.77 9.01 7.47
CA SER C 12 -30.93 8.30 6.52
C SER C 12 -30.61 6.88 7.03
N THR C 13 -30.57 5.93 6.10
CA THR C 13 -30.26 4.55 6.41
C THR C 13 -28.90 4.13 5.86
N ASP C 14 -28.04 5.09 5.56
CA ASP C 14 -26.71 4.78 5.05
C ASP C 14 -25.89 4.05 6.10
N THR C 15 -25.22 2.98 5.70
CA THR C 15 -24.47 2.13 6.60
C THR C 15 -23.02 2.06 6.15
N VAL C 16 -22.09 2.12 7.10
CA VAL C 16 -20.67 2.10 6.82
C VAL C 16 -19.99 1.03 7.67
N ASP C 17 -18.81 0.63 7.22
CA ASP C 17 -17.97 -0.30 7.96
C ASP C 17 -16.83 0.48 8.61
N THR C 18 -16.57 0.19 9.88
CA THR C 18 -15.63 0.95 10.69
C THR C 18 -14.73 -0.03 11.43
N VAL C 19 -13.46 0.33 11.58
CA VAL C 19 -12.44 -0.62 12.04
C VAL C 19 -12.72 -1.13 13.45
N LEU C 20 -13.44 -0.37 14.28
CA LEU C 20 -13.77 -0.81 15.62
C LEU C 20 -15.18 -1.36 15.75
N GLU C 21 -16.07 -1.07 14.79
CA GLU C 21 -17.45 -1.52 14.89
C GLU C 21 -18.04 -1.61 13.49
N LYS C 22 -18.75 -2.70 13.23
CA LYS C 22 -19.32 -2.96 11.91
C LYS C 22 -20.77 -2.50 11.85
N ASN C 23 -21.22 -2.19 10.64
CA ASN C 23 -22.61 -1.83 10.36
C ASN C 23 -23.05 -0.61 11.16
N VAL C 24 -22.44 0.54 10.91
CA VAL C 24 -22.76 1.79 11.60
C VAL C 24 -23.65 2.62 10.68
N THR C 25 -24.82 3.02 11.19
CA THR C 25 -25.68 3.92 10.44
C THR C 25 -25.20 5.35 10.62
N VAL C 26 -25.03 6.06 9.50
CA VAL C 26 -24.46 7.39 9.51
C VAL C 26 -25.41 8.34 8.79
N THR C 27 -25.29 9.63 9.12
CA THR C 27 -26.16 10.64 8.52
C THR C 27 -25.85 10.83 7.05
N HIS C 28 -24.57 10.95 6.70
CA HIS C 28 -24.15 11.21 5.33
C HIS C 28 -22.97 10.30 4.99
N SER C 29 -22.82 9.99 3.71
CA SER C 29 -21.77 9.10 3.26
C SER C 29 -21.47 9.38 1.80
N VAL C 30 -20.29 8.94 1.36
CA VAL C 30 -19.84 9.08 -0.01
C VAL C 30 -19.31 7.74 -0.49
N ASN C 31 -19.76 7.30 -1.66
CA ASN C 31 -19.29 6.05 -2.25
C ASN C 31 -18.01 6.27 -3.03
N LEU C 32 -17.07 5.34 -2.88
CA LEU C 32 -15.82 5.37 -3.63
C LEU C 32 -15.69 4.26 -4.64
N LEU C 33 -16.71 3.41 -4.78
CA LEU C 33 -16.64 2.23 -5.63
C LEU C 33 -17.64 2.36 -6.77
N GLU C 34 -17.18 2.11 -7.98
CA GLU C 34 -18.04 2.17 -9.17
C GLU C 34 -18.43 0.74 -9.56
N ASP C 35 -19.74 0.51 -9.66
CA ASP C 35 -20.26 -0.81 -9.98
C ASP C 35 -21.21 -0.81 -11.17
N SER C 36 -21.28 0.30 -11.91
CA SER C 36 -22.19 0.41 -13.04
C SER C 36 -21.42 0.92 -14.25
N HIS C 37 -21.90 0.54 -15.44
CA HIS C 37 -21.27 0.92 -16.70
C HIS C 37 -22.34 1.40 -17.67
N ASN C 38 -21.88 2.10 -18.71
CA ASN C 38 -22.79 2.61 -19.74
C ASN C 38 -23.47 1.46 -20.49
N GLY C 39 -22.71 0.41 -20.80
CA GLY C 39 -23.22 -0.67 -21.61
C GLY C 39 -22.96 -0.52 -23.10
N LYS C 40 -22.06 0.37 -23.50
CA LYS C 40 -21.78 0.67 -24.90
C LYS C 40 -20.28 0.71 -25.12
N LEU C 41 -19.88 0.74 -26.38
CA LEU C 41 -18.48 0.89 -26.78
C LEU C 41 -18.27 2.37 -27.12
N CYS C 42 -17.71 3.11 -26.16
CA CYS C 42 -17.51 4.53 -26.32
C CYS C 42 -16.19 4.80 -27.03
N LEU C 43 -15.78 6.07 -27.08
CA LEU C 43 -14.54 6.49 -27.71
C LEU C 43 -13.46 6.67 -26.64
N LEU C 44 -12.22 6.41 -27.03
CA LEU C 44 -11.06 6.57 -26.16
C LEU C 44 -10.12 7.60 -26.76
N LYS C 45 -9.78 8.61 -25.92
CA LYS C 45 -8.86 9.68 -26.39
C LYS C 45 -9.45 10.32 -27.65
N GLY C 46 -10.76 10.42 -27.73
CA GLY C 46 -11.41 11.09 -28.82
C GLY C 46 -11.42 10.33 -30.14
N ILE C 47 -10.83 9.14 -30.18
CA ILE C 47 -10.73 8.36 -31.41
C ILE C 47 -11.62 7.14 -31.29
N ALA C 48 -12.46 6.92 -32.29
CA ALA C 48 -13.34 5.78 -32.32
C ALA C 48 -12.54 4.48 -32.50
N PRO C 49 -13.04 3.37 -32.00
CA PRO C 49 -12.37 2.09 -32.18
C PRO C 49 -12.55 1.56 -33.60
N LEU C 50 -12.03 0.36 -33.82
CA LEU C 50 -12.20 -0.36 -35.08
C LEU C 50 -13.13 -1.54 -34.84
N GLN C 51 -14.20 -1.62 -35.61
CA GLN C 51 -15.18 -2.68 -35.47
C GLN C 51 -14.94 -3.75 -36.53
N LEU C 52 -14.91 -5.00 -36.09
CA LEU C 52 -14.63 -6.14 -36.95
C LEU C 52 -15.75 -7.15 -36.86
N GLY C 53 -16.99 -6.67 -36.99
CA GLY C 53 -18.14 -7.53 -36.85
C GLY C 53 -18.13 -8.70 -37.80
N ASN C 54 -18.31 -9.91 -37.25
CA ASN C 54 -18.27 -11.15 -38.02
C ASN C 54 -16.92 -11.35 -38.70
N CYS C 55 -15.85 -10.79 -38.11
CA CYS C 55 -14.51 -10.93 -38.64
C CYS C 55 -13.53 -11.11 -37.50
N SER C 56 -12.41 -11.75 -37.80
CA SER C 56 -11.26 -11.77 -36.92
C SER C 56 -10.18 -10.85 -37.48
N VAL C 57 -9.16 -10.61 -36.66
CA VAL C 57 -8.04 -9.78 -37.12
C VAL C 57 -7.37 -10.41 -38.32
N ALA C 58 -7.25 -11.74 -38.32
CA ALA C 58 -6.64 -12.43 -39.46
C ALA C 58 -7.45 -12.21 -40.73
N GLY C 59 -8.76 -12.38 -40.65
CA GLY C 59 -9.59 -12.19 -41.83
C GLY C 59 -9.56 -10.77 -42.36
N TRP C 60 -9.59 -9.80 -41.45
CA TRP C 60 -9.58 -8.40 -41.87
C TRP C 60 -8.25 -8.01 -42.49
N ILE C 61 -7.14 -8.45 -41.88
CA ILE C 61 -5.83 -8.06 -42.38
C ILE C 61 -5.40 -8.89 -43.59
N LEU C 62 -6.05 -10.02 -43.85
CA LEU C 62 -5.76 -10.81 -45.03
C LEU C 62 -6.66 -10.47 -46.20
N GLY C 63 -7.78 -9.80 -45.96
CA GLY C 63 -8.70 -9.45 -47.03
C GLY C 63 -9.69 -10.55 -47.33
N ASN C 64 -10.33 -11.08 -46.30
CA ASN C 64 -11.36 -12.08 -46.46
C ASN C 64 -12.48 -11.54 -47.34
N PRO C 65 -12.86 -12.23 -48.41
CA PRO C 65 -13.87 -11.69 -49.33
C PRO C 65 -15.20 -11.36 -48.66
N GLU C 66 -15.61 -12.17 -47.71
CA GLU C 66 -16.91 -12.01 -47.06
C GLU C 66 -16.82 -11.08 -45.85
N CYS C 67 -15.75 -10.28 -45.81
CA CYS C 67 -15.56 -9.35 -44.71
C CYS C 67 -15.03 -8.02 -45.26
N GLU C 68 -15.57 -7.58 -46.39
CA GLU C 68 -15.15 -6.34 -47.03
C GLU C 68 -16.06 -5.16 -46.75
N LEU C 69 -17.22 -5.38 -46.13
CA LEU C 69 -18.15 -4.30 -45.83
C LEU C 69 -17.56 -3.30 -44.84
N LEU C 70 -16.47 -3.69 -44.17
CA LEU C 70 -15.80 -2.82 -43.21
C LEU C 70 -15.36 -1.52 -43.86
N ILE C 71 -15.83 -0.40 -43.32
CA ILE C 71 -15.45 0.91 -43.86
C ILE C 71 -14.00 1.20 -43.51
N SER C 72 -13.26 1.76 -44.48
CA SER C 72 -11.86 2.09 -44.26
C SER C 72 -11.72 3.13 -43.15
N ARG C 73 -10.78 2.89 -42.24
CA ARG C 73 -10.53 3.77 -41.11
C ARG C 73 -9.08 4.20 -41.10
N GLU C 74 -8.86 5.51 -40.90
CA GLU C 74 -7.51 6.05 -40.87
C GLU C 74 -6.76 5.65 -39.59
N SER C 75 -7.43 5.75 -38.44
CA SER C 75 -6.79 5.44 -37.17
C SER C 75 -7.86 5.03 -36.17
N TRP C 76 -7.46 4.22 -35.19
CA TRP C 76 -8.37 3.76 -34.16
C TRP C 76 -7.61 3.66 -32.83
N SER C 77 -8.38 3.66 -31.74
CA SER C 77 -7.81 3.55 -30.41
C SER C 77 -7.75 2.10 -29.93
N TYR C 78 -8.78 1.31 -30.20
CA TYR C 78 -8.79 -0.10 -29.85
C TYR C 78 -9.63 -0.85 -30.87
N ILE C 79 -9.68 -2.17 -30.73
CA ILE C 79 -10.38 -3.05 -31.65
C ILE C 79 -11.47 -3.79 -30.90
N VAL C 80 -12.67 -3.80 -31.46
CA VAL C 80 -13.80 -4.57 -30.94
C VAL C 80 -13.99 -5.79 -31.83
N GLU C 81 -13.89 -6.96 -31.24
CA GLU C 81 -14.02 -8.18 -32.04
C GLU C 81 -14.95 -9.15 -31.31
N LYS C 82 -15.76 -9.87 -32.07
CA LYS C 82 -16.70 -10.80 -31.49
C LYS C 82 -15.99 -12.01 -30.91
N PRO C 83 -16.51 -12.59 -29.84
CA PRO C 83 -15.92 -13.81 -29.30
C PRO C 83 -16.11 -14.98 -30.27
N ASN C 84 -15.00 -15.63 -30.62
CA ASN C 84 -14.98 -16.69 -31.62
C ASN C 84 -15.65 -16.22 -32.92
N PRO C 85 -15.00 -15.33 -33.68
CA PRO C 85 -15.59 -14.88 -34.95
C PRO C 85 -15.63 -16.02 -35.96
N GLU C 86 -16.57 -15.92 -36.89
CA GLU C 86 -16.77 -16.99 -37.87
C GLU C 86 -15.95 -16.81 -39.13
N ASN C 87 -15.81 -15.58 -39.61
CA ASN C 87 -15.09 -15.31 -40.86
C ASN C 87 -13.67 -14.86 -40.54
N GLY C 88 -12.74 -15.81 -40.54
CA GLY C 88 -11.34 -15.52 -40.32
C GLY C 88 -10.48 -15.90 -41.51
N THR C 89 -9.66 -16.93 -41.35
CA THR C 89 -8.86 -17.46 -42.45
C THR C 89 -9.70 -18.48 -43.20
N CYS C 90 -10.24 -18.08 -44.35
CA CYS C 90 -11.10 -18.97 -45.12
C CYS C 90 -10.34 -20.20 -45.59
N TYR C 91 -9.13 -20.01 -46.10
CA TYR C 91 -8.30 -21.16 -46.44
C TYR C 91 -7.56 -21.63 -45.19
N PRO C 92 -7.64 -22.91 -44.84
CA PRO C 92 -7.02 -23.38 -43.60
C PRO C 92 -5.52 -23.20 -43.61
N GLY C 93 -4.95 -22.99 -42.43
CA GLY C 93 -3.53 -22.80 -42.30
C GLY C 93 -3.18 -22.28 -40.92
N HIS C 94 -1.91 -21.92 -40.77
CA HIS C 94 -1.39 -21.41 -39.51
C HIS C 94 -0.88 -20.00 -39.71
N PHE C 95 -1.31 -19.10 -38.84
CA PHE C 95 -0.92 -17.69 -38.91
C PHE C 95 0.27 -17.48 -37.97
N ALA C 96 1.44 -17.24 -38.53
CA ALA C 96 2.65 -17.11 -37.73
C ALA C 96 2.64 -15.83 -36.92
N ASP C 97 2.91 -15.95 -35.63
CA ASP C 97 2.97 -14.82 -34.70
C ASP C 97 1.69 -13.99 -34.77
N TYR C 98 0.58 -14.70 -34.61
CA TYR C 98 -0.73 -14.05 -34.67
C TYR C 98 -0.93 -13.06 -33.52
N GLU C 99 -0.65 -13.50 -32.30
CA GLU C 99 -0.86 -12.65 -31.14
C GLU C 99 -0.01 -11.39 -31.20
N GLU C 100 1.21 -11.49 -31.74
CA GLU C 100 2.04 -10.31 -31.90
C GLU C 100 1.43 -9.33 -32.89
N LEU C 101 0.84 -9.84 -33.98
CA LEU C 101 0.15 -8.97 -34.92
C LEU C 101 -1.03 -8.27 -34.26
N ARG C 102 -1.81 -9.01 -33.46
CA ARG C 102 -2.94 -8.37 -32.79
C ARG C 102 -2.51 -7.37 -31.74
N GLU C 103 -1.35 -7.57 -31.11
CA GLU C 103 -0.83 -6.57 -30.18
C GLU C 103 -0.27 -5.35 -30.88
N GLN C 104 0.33 -5.52 -32.06
CA GLN C 104 0.89 -4.41 -32.83
C GLN C 104 -0.14 -3.76 -33.73
N LEU C 105 -1.38 -4.27 -33.75
CA LEU C 105 -2.44 -3.67 -34.53
C LEU C 105 -3.57 -3.12 -33.66
N SER C 106 -3.43 -3.15 -32.34
CA SER C 106 -4.52 -2.71 -31.47
C SER C 106 -4.81 -1.23 -31.64
N SER C 107 -3.77 -0.42 -31.78
CA SER C 107 -3.93 1.02 -31.97
C SER C 107 -2.93 1.50 -33.01
N VAL C 108 -3.40 2.32 -33.95
CA VAL C 108 -2.55 2.91 -34.97
C VAL C 108 -2.84 4.41 -35.04
N SER C 109 -1.80 5.20 -35.23
CA SER C 109 -1.98 6.63 -35.45
C SER C 109 -2.25 6.94 -36.91
N SER C 110 -1.87 6.04 -37.82
CA SER C 110 -2.10 6.23 -39.24
C SER C 110 -2.19 4.86 -39.90
N PHE C 111 -3.05 4.73 -40.91
CA PHE C 111 -3.22 3.50 -41.66
C PHE C 111 -3.35 3.85 -43.14
N GLU C 112 -2.80 2.98 -43.99
CA GLU C 112 -2.82 3.23 -45.43
C GLU C 112 -2.69 1.90 -46.15
N ARG C 113 -3.76 1.44 -46.78
CA ARG C 113 -3.70 0.24 -47.60
C ARG C 113 -3.27 0.62 -49.02
N PHE C 114 -2.09 0.15 -49.41
CA PHE C 114 -1.54 0.47 -50.73
C PHE C 114 -1.08 -0.82 -51.40
N GLU C 115 -1.12 -0.81 -52.73
CA GLU C 115 -0.79 -1.99 -53.53
C GLU C 115 0.73 -2.11 -53.63
N ILE C 116 1.30 -3.06 -52.88
CA ILE C 116 2.74 -3.25 -52.93
C ILE C 116 3.18 -3.86 -54.26
N PHE C 117 2.41 -4.81 -54.79
CA PHE C 117 2.68 -5.44 -56.08
C PHE C 117 1.43 -5.34 -56.93
N PRO C 118 1.39 -4.42 -57.90
CA PRO C 118 0.21 -4.31 -58.76
C PRO C 118 -0.05 -5.63 -59.50
N LYS C 119 -1.31 -6.02 -59.54
CA LYS C 119 -1.67 -7.30 -60.15
C LYS C 119 -1.42 -7.31 -61.64
N GLU C 120 -1.79 -6.23 -62.33
CA GLU C 120 -1.63 -6.17 -63.78
C GLU C 120 -0.16 -6.01 -64.17
N SER C 121 0.55 -5.10 -63.52
CA SER C 121 1.93 -4.82 -63.91
C SER C 121 2.85 -5.99 -63.59
N SER C 122 2.77 -6.51 -62.38
CA SER C 122 3.65 -7.59 -61.95
C SER C 122 3.13 -8.94 -62.44
N TRP C 123 3.96 -9.96 -62.25
CA TRP C 123 3.65 -11.35 -62.62
C TRP C 123 3.25 -11.48 -64.08
N PRO C 124 4.16 -11.20 -65.03
CA PRO C 124 3.82 -11.40 -66.44
C PRO C 124 3.97 -12.83 -66.92
N ASN C 125 4.77 -13.65 -66.23
CA ASN C 125 4.97 -15.04 -66.59
C ASN C 125 4.19 -15.99 -65.70
N HIS C 126 3.28 -15.49 -64.86
CA HIS C 126 2.50 -16.31 -63.96
C HIS C 126 1.04 -15.95 -64.08
N THR C 127 0.17 -16.93 -63.81
CA THR C 127 -1.26 -16.71 -63.78
C THR C 127 -1.68 -16.24 -62.39
N THR C 128 -2.41 -15.14 -62.34
CA THR C 128 -2.80 -14.50 -61.09
C THR C 128 -4.29 -14.71 -60.77
N THR C 129 -4.90 -15.73 -61.35
CA THR C 129 -6.33 -15.98 -61.20
C THR C 129 -6.61 -17.15 -60.25
N GLY C 130 -5.75 -17.36 -59.27
CA GLY C 130 -5.97 -18.39 -58.28
C GLY C 130 -7.23 -18.15 -57.47
N VAL C 131 -8.12 -19.14 -57.43
CA VAL C 131 -9.42 -18.99 -56.79
C VAL C 131 -9.80 -20.32 -56.16
N SER C 132 -10.35 -20.26 -54.95
CA SER C 132 -10.71 -21.46 -54.20
C SER C 132 -12.14 -21.36 -53.73
N ALA C 133 -12.79 -22.52 -53.61
CA ALA C 133 -14.18 -22.57 -53.19
C ALA C 133 -14.37 -22.31 -51.70
N SER C 134 -13.31 -22.48 -50.90
CA SER C 134 -13.43 -22.21 -49.47
C SER C 134 -13.67 -20.73 -49.22
N CYS C 135 -12.97 -19.86 -49.95
CA CYS C 135 -13.15 -18.41 -49.82
C CYS C 135 -14.20 -17.98 -50.84
N SER C 136 -15.46 -18.25 -50.51
CA SER C 136 -16.58 -18.03 -51.42
C SER C 136 -17.28 -16.73 -51.07
N HIS C 137 -17.35 -15.82 -52.03
CA HIS C 137 -18.16 -14.61 -51.91
C HIS C 137 -19.40 -14.78 -52.77
N ASN C 138 -20.56 -14.49 -52.19
CA ASN C 138 -21.86 -14.77 -52.82
C ASN C 138 -21.89 -16.27 -53.09
N GLY C 139 -22.14 -16.72 -54.31
CA GLY C 139 -22.11 -18.13 -54.61
C GLY C 139 -20.84 -18.54 -55.32
N GLU C 140 -20.13 -17.57 -55.89
CA GLU C 140 -18.92 -17.86 -56.65
C GLU C 140 -17.73 -18.00 -55.72
N SER C 141 -16.66 -18.58 -56.26
CA SER C 141 -15.43 -18.81 -55.53
C SER C 141 -14.46 -17.66 -55.75
N SER C 142 -13.82 -17.22 -54.66
CA SER C 142 -12.94 -16.05 -54.69
C SER C 142 -11.73 -16.35 -53.81
N PHE C 143 -10.98 -15.30 -53.49
CA PHE C 143 -9.77 -15.44 -52.68
C PHE C 143 -9.60 -14.19 -51.83
N TYR C 144 -8.52 -14.16 -51.06
CA TYR C 144 -8.22 -13.01 -50.22
C TYR C 144 -8.01 -11.76 -51.07
N LYS C 145 -8.45 -10.62 -50.55
CA LYS C 145 -8.35 -9.37 -51.30
C LYS C 145 -6.96 -8.74 -51.19
N ASN C 146 -6.13 -9.18 -50.25
CA ASN C 146 -4.80 -8.61 -50.05
C ASN C 146 -3.69 -9.56 -50.47
N LEU C 147 -4.02 -10.76 -50.95
CA LEU C 147 -3.04 -11.74 -51.36
C LEU C 147 -3.33 -12.19 -52.78
N LEU C 148 -2.30 -12.69 -53.45
CA LEU C 148 -2.41 -13.13 -54.84
C LEU C 148 -1.87 -14.55 -54.94
N TRP C 149 -2.68 -15.44 -55.52
CA TRP C 149 -2.28 -16.83 -55.72
C TRP C 149 -1.63 -16.95 -57.11
N LEU C 150 -0.38 -17.36 -57.13
CA LEU C 150 0.39 -17.46 -58.38
C LEU C 150 0.48 -18.92 -58.80
N THR C 151 0.03 -19.20 -60.02
CA THR C 151 0.11 -20.52 -60.62
C THR C 151 0.82 -20.40 -61.95
N GLY C 152 1.59 -21.43 -62.30
CA GLY C 152 2.42 -21.35 -63.50
C GLY C 152 1.61 -21.16 -64.76
N LYS C 153 2.22 -20.47 -65.72
CA LYS C 153 1.60 -20.14 -67.00
C LYS C 153 2.27 -20.93 -68.12
N ASN C 154 1.46 -21.32 -69.10
CA ASN C 154 1.94 -22.06 -70.28
C ASN C 154 2.63 -23.36 -69.89
N GLY C 155 2.13 -24.00 -68.84
CA GLY C 155 2.64 -25.30 -68.46
C GLY C 155 3.96 -25.30 -67.75
N LEU C 156 4.42 -24.14 -67.30
CA LEU C 156 5.67 -24.07 -66.54
C LEU C 156 5.59 -22.91 -65.56
N TYR C 157 6.38 -23.02 -64.48
CA TYR C 157 6.41 -22.02 -63.43
C TYR C 157 7.78 -21.35 -63.42
N PRO C 158 7.93 -20.18 -64.03
CA PRO C 158 9.23 -19.51 -64.03
C PRO C 158 9.63 -19.07 -62.62
N ASN C 159 10.94 -19.01 -62.41
CA ASN C 159 11.47 -18.43 -61.19
C ASN C 159 11.10 -16.96 -61.11
N LEU C 160 10.73 -16.50 -59.92
CA LEU C 160 10.35 -15.10 -59.70
C LEU C 160 11.27 -14.48 -58.68
N SER C 161 11.56 -13.19 -58.87
CA SER C 161 12.40 -12.43 -57.95
C SER C 161 11.90 -10.99 -57.97
N LYS C 162 11.03 -10.66 -57.02
CA LYS C 162 10.39 -9.35 -56.95
C LYS C 162 10.74 -8.68 -55.62
N SER C 163 11.05 -7.40 -55.68
CA SER C 163 11.50 -6.66 -54.52
C SER C 163 10.74 -5.35 -54.39
N TYR C 164 10.63 -4.88 -53.15
CA TYR C 164 9.97 -3.61 -52.83
C TYR C 164 10.84 -2.82 -51.88
N ALA C 165 10.88 -1.50 -52.08
CA ALA C 165 11.65 -0.59 -51.24
C ALA C 165 10.69 0.31 -50.47
N ASN C 166 10.94 0.49 -49.19
CA ASN C 166 10.06 1.27 -48.32
C ASN C 166 10.45 2.75 -48.42
N ASN C 167 9.61 3.53 -49.11
CA ASN C 167 9.82 4.96 -49.24
C ASN C 167 8.70 5.77 -48.60
N LYS C 168 7.87 5.15 -47.76
CA LYS C 168 6.71 5.80 -47.17
C LYS C 168 7.03 6.49 -45.86
N GLU C 169 8.27 6.43 -45.40
CA GLU C 169 8.69 6.99 -44.11
C GLU C 169 7.90 6.43 -42.94
N LYS C 170 7.30 5.25 -43.13
CA LYS C 170 6.51 4.61 -42.09
C LYS C 170 6.66 3.11 -42.25
N GLU C 171 6.38 2.39 -41.16
CA GLU C 171 6.46 0.93 -41.19
C GLU C 171 5.40 0.36 -42.12
N VAL C 172 5.78 -0.66 -42.87
CA VAL C 172 4.89 -1.30 -43.84
C VAL C 172 4.68 -2.75 -43.39
N LEU C 173 3.42 -3.15 -43.26
CA LEU C 173 3.06 -4.51 -42.90
C LEU C 173 2.87 -5.32 -44.17
N VAL C 174 3.73 -6.31 -44.38
CA VAL C 174 3.72 -7.14 -45.58
C VAL C 174 3.28 -8.55 -45.18
N LEU C 175 2.24 -9.06 -45.81
CA LEU C 175 1.70 -10.38 -45.54
C LEU C 175 1.80 -11.24 -46.79
N TRP C 176 2.09 -12.52 -46.60
CA TRP C 176 2.19 -13.46 -47.72
C TRP C 176 1.83 -14.84 -47.20
N GLY C 177 2.03 -15.86 -48.04
CA GLY C 177 1.72 -17.22 -47.64
C GLY C 177 2.41 -18.24 -48.50
N VAL C 178 2.51 -19.46 -47.97
CA VAL C 178 3.12 -20.59 -48.67
C VAL C 178 2.08 -21.71 -48.75
N HIS C 179 1.90 -22.24 -49.94
CA HIS C 179 0.90 -23.27 -50.19
C HIS C 179 1.48 -24.65 -49.99
N HIS C 180 0.72 -25.51 -49.31
CA HIS C 180 1.13 -26.89 -49.05
C HIS C 180 0.11 -27.85 -49.64
N PRO C 181 0.34 -28.38 -50.84
CA PRO C 181 -0.66 -29.24 -51.47
C PRO C 181 -0.80 -30.55 -50.72
N PRO C 182 -1.96 -31.21 -50.81
CA PRO C 182 -2.16 -32.44 -50.04
C PRO C 182 -1.38 -33.63 -50.58
N ASN C 183 -1.27 -33.75 -51.90
CA ASN C 183 -0.57 -34.88 -52.50
C ASN C 183 0.40 -34.36 -53.55
N ILE C 184 1.34 -35.22 -53.95
CA ILE C 184 2.36 -34.82 -54.92
C ILE C 184 1.72 -34.47 -56.26
N GLY C 185 0.57 -35.06 -56.57
CA GLY C 185 -0.08 -34.75 -57.82
C GLY C 185 -0.52 -33.30 -57.93
N ASP C 186 -1.10 -32.76 -56.85
CA ASP C 186 -1.52 -31.37 -56.85
C ASP C 186 -0.33 -30.43 -56.98
N GLN C 187 0.77 -30.72 -56.28
CA GLN C 187 1.96 -29.88 -56.38
C GLN C 187 2.55 -29.93 -57.78
N ARG C 188 2.60 -31.11 -58.39
CA ARG C 188 3.11 -31.21 -59.75
C ARG C 188 2.20 -30.53 -60.76
N ALA C 189 0.88 -30.58 -60.53
CA ALA C 189 -0.07 -29.96 -61.44
C ALA C 189 -0.20 -28.46 -61.27
N LEU C 190 0.33 -27.90 -60.18
CA LEU C 190 0.24 -26.48 -59.90
C LEU C 190 1.54 -25.73 -60.12
N TYR C 191 2.65 -26.30 -59.66
CA TYR C 191 3.92 -25.55 -59.72
C TYR C 191 4.88 -26.29 -60.60
N HIS C 192 4.50 -27.48 -61.09
CA HIS C 192 5.31 -28.23 -62.07
C HIS C 192 6.50 -28.93 -61.41
N LYS C 193 7.28 -28.26 -60.58
CA LYS C 193 8.34 -28.92 -59.80
C LYS C 193 7.69 -29.75 -58.69
N GLU C 194 8.48 -30.50 -57.93
CA GLU C 194 7.95 -31.30 -56.80
C GLU C 194 8.77 -30.95 -55.56
N ASN C 195 9.79 -30.11 -55.74
CA ASN C 195 10.62 -29.65 -54.60
C ASN C 195 10.79 -28.15 -54.80
N ALA C 196 9.78 -27.37 -54.43
CA ALA C 196 9.84 -25.91 -54.66
C ALA C 196 10.46 -25.21 -53.46
N TYR C 197 10.71 -23.91 -53.58
CA TYR C 197 11.38 -23.14 -52.52
C TYR C 197 10.82 -21.77 -52.49
N VAL C 198 10.58 -21.24 -51.30
CA VAL C 198 10.20 -19.85 -51.11
C VAL C 198 11.23 -19.18 -50.20
N SER C 199 11.73 -18.02 -50.61
CA SER C 199 12.71 -17.27 -49.83
C SER C 199 12.26 -15.83 -49.70
N VAL C 200 12.23 -15.32 -48.47
CA VAL C 200 11.90 -13.93 -48.18
C VAL C 200 13.05 -13.38 -47.35
N VAL C 201 13.63 -12.27 -47.81
CA VAL C 201 14.82 -11.71 -47.19
C VAL C 201 14.60 -10.23 -46.92
N SER C 202 15.27 -9.72 -45.89
CA SER C 202 15.26 -8.32 -45.53
C SER C 202 16.49 -8.06 -44.65
N SER C 203 16.71 -6.79 -44.31
CA SER C 203 17.84 -6.45 -43.47
C SER C 203 17.69 -7.01 -42.05
N HIS C 204 16.46 -7.30 -41.62
CA HIS C 204 16.23 -7.83 -40.29
C HIS C 204 15.31 -9.05 -40.28
N TYR C 205 14.90 -9.54 -41.45
CA TYR C 205 14.05 -10.74 -41.53
C TYR C 205 14.59 -11.61 -42.66
N SER C 206 14.93 -12.85 -42.32
CA SER C 206 15.42 -13.81 -43.30
C SER C 206 14.81 -15.16 -42.97
N ARG C 207 14.11 -15.75 -43.93
CA ARG C 207 13.50 -17.06 -43.70
C ARG C 207 13.30 -17.77 -45.03
N LYS C 208 13.57 -19.07 -45.03
CA LYS C 208 13.41 -19.93 -46.19
C LYS C 208 12.34 -20.97 -45.90
N PHE C 209 11.38 -21.10 -46.81
CA PHE C 209 10.26 -22.02 -46.65
C PHE C 209 10.36 -23.14 -47.68
N THR C 210 10.05 -24.35 -47.24
CA THR C 210 9.98 -25.50 -48.11
C THR C 210 8.58 -26.11 -48.03
N PRO C 211 7.88 -26.25 -49.14
CA PRO C 211 6.53 -26.81 -49.10
C PRO C 211 6.51 -28.20 -48.46
N GLU C 212 5.48 -28.45 -47.67
CA GLU C 212 5.28 -29.72 -47.00
C GLU C 212 4.04 -30.39 -47.58
N ILE C 213 4.22 -31.56 -48.16
CA ILE C 213 3.13 -32.31 -48.78
C ILE C 213 2.65 -33.33 -47.76
N ALA C 214 1.48 -33.07 -47.17
CA ALA C 214 0.90 -33.96 -46.19
C ALA C 214 -0.61 -33.92 -46.31
N LYS C 215 -1.25 -34.98 -45.84
CA LYS C 215 -2.71 -35.10 -45.87
C LYS C 215 -3.26 -34.75 -44.51
N ARG C 216 -4.07 -33.71 -44.45
CA ARG C 216 -4.66 -33.24 -43.20
C ARG C 216 -6.17 -33.31 -43.25
N PRO C 217 -6.85 -33.33 -42.10
CA PRO C 217 -8.31 -33.42 -42.09
C PRO C 217 -8.96 -32.28 -42.87
N LYS C 218 -10.07 -32.61 -43.52
CA LYS C 218 -10.78 -31.67 -44.38
C LYS C 218 -11.37 -30.55 -43.52
N VAL C 219 -10.80 -29.35 -43.64
CA VAL C 219 -11.34 -28.15 -43.02
C VAL C 219 -11.77 -27.21 -44.14
N ARG C 220 -13.04 -26.79 -44.11
CA ARG C 220 -13.62 -25.99 -45.20
C ARG C 220 -13.41 -26.67 -46.55
N ASP C 221 -13.58 -28.00 -46.55
CA ASP C 221 -13.46 -28.81 -47.77
C ASP C 221 -12.07 -28.66 -48.41
N GLN C 222 -11.04 -28.61 -47.58
CA GLN C 222 -9.66 -28.50 -48.06
C GLN C 222 -8.76 -29.40 -47.24
N GLU C 223 -7.85 -30.09 -47.91
CA GLU C 223 -6.86 -30.94 -47.26
C GLU C 223 -5.50 -30.28 -47.12
N GLY C 224 -5.11 -29.45 -48.09
CA GLY C 224 -3.90 -28.68 -47.97
C GLY C 224 -4.11 -27.42 -47.16
N ARG C 225 -3.00 -26.82 -46.72
CA ARG C 225 -3.03 -25.64 -45.90
C ARG C 225 -2.14 -24.56 -46.51
N ILE C 226 -2.46 -23.31 -46.18
CA ILE C 226 -1.64 -22.16 -46.53
C ILE C 226 -1.19 -21.50 -45.23
N ASN C 227 0.12 -21.42 -45.02
CA ASN C 227 0.67 -20.80 -43.82
C ASN C 227 0.95 -19.33 -44.09
N TYR C 228 0.39 -18.46 -43.26
CA TYR C 228 0.46 -17.02 -43.46
C TYR C 228 1.55 -16.41 -42.59
N TYR C 229 2.31 -15.50 -43.18
CA TYR C 229 3.45 -14.86 -42.51
C TYR C 229 3.36 -13.35 -42.70
N TRP C 230 4.02 -12.63 -41.79
CA TRP C 230 4.00 -11.18 -41.83
C TRP C 230 5.32 -10.63 -41.31
N THR C 231 5.63 -9.41 -41.72
CA THR C 231 6.83 -8.72 -41.27
C THR C 231 6.57 -7.21 -41.32
N LEU C 232 7.38 -6.46 -40.58
CA LEU C 232 7.31 -5.01 -40.55
C LEU C 232 8.59 -4.46 -41.15
N LEU C 233 8.46 -3.62 -42.17
CA LEU C 233 9.59 -3.03 -42.87
C LEU C 233 9.84 -1.64 -42.30
N GLU C 234 11.06 -1.40 -41.82
CA GLU C 234 11.44 -0.08 -41.36
C GLU C 234 11.54 0.87 -42.55
N PRO C 235 11.44 2.17 -42.31
CA PRO C 235 11.64 3.13 -43.40
C PRO C 235 13.02 2.97 -44.03
N GLY C 236 13.08 3.11 -45.34
CA GLY C 236 14.32 2.93 -46.06
C GLY C 236 14.83 1.52 -46.10
N ASP C 237 13.94 0.53 -46.05
CA ASP C 237 14.31 -0.88 -46.08
C ASP C 237 13.71 -1.53 -47.31
N THR C 238 14.23 -2.71 -47.65
CA THR C 238 13.77 -3.46 -48.81
C THR C 238 13.44 -4.89 -48.41
N ILE C 239 12.59 -5.50 -49.22
CA ILE C 239 12.22 -6.90 -49.05
C ILE C 239 12.25 -7.57 -50.41
N ILE C 240 12.76 -8.80 -50.47
CA ILE C 240 12.94 -9.54 -51.71
C ILE C 240 12.20 -10.86 -51.59
N PHE C 241 11.34 -11.14 -52.56
CA PHE C 241 10.59 -12.39 -52.63
C PHE C 241 11.12 -13.22 -53.78
N GLU C 242 11.63 -14.41 -53.48
CA GLU C 242 12.17 -15.32 -54.48
C GLU C 242 11.52 -16.68 -54.27
N ALA C 243 10.92 -17.22 -55.32
CA ALA C 243 10.27 -18.52 -55.22
C ALA C 243 10.13 -19.12 -56.60
N ASN C 244 9.97 -20.44 -56.62
CA ASN C 244 9.64 -21.18 -57.83
C ASN C 244 8.40 -22.05 -57.62
N GLY C 245 7.56 -21.68 -56.67
CA GLY C 245 6.32 -22.38 -56.43
C GLY C 245 5.89 -22.24 -54.99
N ASN C 246 4.60 -22.46 -54.77
CA ASN C 246 4.00 -22.43 -53.43
C ASN C 246 4.17 -21.06 -52.78
N LEU C 247 3.86 -20.01 -53.52
CA LEU C 247 3.90 -18.65 -53.01
C LEU C 247 2.54 -17.98 -53.22
N ILE C 248 1.97 -17.49 -52.13
CA ILE C 248 0.78 -16.64 -52.18
C ILE C 248 1.31 -15.21 -52.05
N ALA C 249 1.56 -14.58 -53.19
CA ALA C 249 2.29 -13.32 -53.21
C ALA C 249 1.46 -12.20 -52.59
N PRO C 250 2.11 -11.24 -51.92
CA PRO C 250 1.37 -10.08 -51.41
C PRO C 250 0.84 -9.21 -52.54
N ARG C 251 -0.31 -8.61 -52.29
CA ARG C 251 -0.92 -7.70 -53.25
C ARG C 251 -1.12 -6.29 -52.69
N TYR C 252 -1.69 -6.16 -51.51
CA TYR C 252 -1.82 -4.88 -50.83
C TYR C 252 -1.06 -4.92 -49.52
N ALA C 253 -0.21 -3.93 -49.30
CA ALA C 253 0.50 -3.75 -48.04
C ALA C 253 -0.10 -2.58 -47.28
N PHE C 254 0.19 -2.52 -45.99
CA PHE C 254 -0.36 -1.52 -45.09
C PHE C 254 0.78 -0.70 -44.51
N ALA C 255 0.66 0.63 -44.63
CA ALA C 255 1.60 1.55 -44.01
C ALA C 255 0.97 2.10 -42.74
N LEU C 256 1.67 1.92 -41.62
CA LEU C 256 1.10 2.23 -40.32
C LEU C 256 2.13 2.92 -39.42
N SER C 257 1.62 3.62 -38.42
CA SER C 257 2.44 4.17 -37.35
C SER C 257 1.76 3.83 -36.03
N ARG C 258 2.50 3.13 -35.16
CA ARG C 258 1.92 2.65 -33.90
C ARG C 258 1.63 3.83 -32.98
N GLY C 259 0.47 3.80 -32.33
CA GLY C 259 0.15 4.79 -31.32
C GLY C 259 -0.16 4.15 -29.99
N PHE C 260 0.74 4.34 -29.01
CA PHE C 260 0.64 3.82 -27.65
C PHE C 260 0.28 2.33 -27.63
N GLY C 261 -0.25 1.86 -26.51
CA GLY C 261 -0.64 0.47 -26.36
C GLY C 261 -2.12 0.33 -26.10
N SER C 262 -2.72 -0.70 -26.70
CA SER C 262 -4.15 -0.96 -26.54
C SER C 262 -4.37 -2.47 -26.61
N GLY C 263 -5.62 -2.87 -26.81
CA GLY C 263 -5.96 -4.26 -26.88
C GLY C 263 -7.25 -4.48 -27.62
N ILE C 264 -7.68 -5.73 -27.67
CA ILE C 264 -8.90 -6.14 -28.35
C ILE C 264 -9.95 -6.45 -27.30
N ILE C 265 -11.12 -5.82 -27.41
CA ILE C 265 -12.25 -6.09 -26.53
C ILE C 265 -13.14 -7.13 -27.22
N ASN C 266 -13.40 -8.23 -26.53
CA ASN C 266 -14.26 -9.28 -27.03
C ASN C 266 -15.65 -9.06 -26.44
N SER C 267 -16.53 -8.45 -27.24
CA SER C 267 -17.85 -8.09 -26.74
C SER C 267 -18.82 -7.98 -27.91
N ASN C 268 -20.12 -8.00 -27.57
CA ASN C 268 -21.19 -7.83 -28.55
C ASN C 268 -22.13 -6.69 -28.15
N ALA C 269 -21.64 -5.71 -27.40
CA ALA C 269 -22.47 -4.62 -26.95
C ALA C 269 -22.75 -3.66 -28.11
N PRO C 270 -23.83 -2.87 -28.01
CA PRO C 270 -24.05 -1.82 -29.01
C PRO C 270 -22.92 -0.80 -29.00
N MET C 271 -22.64 -0.26 -30.18
CA MET C 271 -21.60 0.79 -30.30
C MET C 271 -22.30 2.12 -30.54
N ASP C 272 -21.94 3.14 -29.77
CA ASP C 272 -22.56 4.46 -29.85
C ASP C 272 -21.49 5.54 -29.72
N GLU C 273 -21.81 6.73 -30.21
CA GLU C 273 -20.88 7.86 -30.21
C GLU C 273 -20.89 8.51 -28.83
N CYS C 274 -20.03 8.02 -27.96
CA CYS C 274 -19.80 8.59 -26.65
C CYS C 274 -18.31 8.66 -26.39
N ASP C 275 -17.89 9.67 -25.63
CA ASP C 275 -16.48 9.87 -25.30
C ASP C 275 -16.29 9.58 -23.81
N ALA C 276 -15.72 8.42 -23.52
CA ALA C 276 -15.43 8.00 -22.16
C ALA C 276 -13.92 7.93 -21.94
N LYS C 277 -13.53 7.69 -20.70
CA LYS C 277 -12.13 7.56 -20.33
C LYS C 277 -11.72 6.13 -20.04
N CYS C 278 -12.67 5.27 -19.68
CA CYS C 278 -12.42 3.86 -19.42
C CYS C 278 -13.39 3.01 -20.21
N GLN C 279 -12.94 1.84 -20.63
CA GLN C 279 -13.76 0.93 -21.43
C GLN C 279 -13.59 -0.49 -20.93
N THR C 280 -14.66 -1.06 -20.41
CA THR C 280 -14.75 -2.45 -20.02
C THR C 280 -15.39 -3.24 -21.16
N PRO C 281 -15.25 -4.58 -21.16
CA PRO C 281 -15.88 -5.36 -22.22
C PRO C 281 -17.39 -5.16 -22.32
N GLN C 282 -18.08 -5.06 -21.20
CA GLN C 282 -19.54 -4.96 -21.21
C GLN C 282 -20.05 -3.53 -21.17
N GLY C 283 -19.17 -2.54 -21.17
CA GLY C 283 -19.62 -1.16 -21.13
C GLY C 283 -18.46 -0.23 -20.83
N ALA C 284 -18.79 1.04 -20.66
CA ALA C 284 -17.81 2.08 -20.36
C ALA C 284 -18.13 2.72 -19.02
N ILE C 285 -17.09 3.16 -18.33
CA ILE C 285 -17.20 3.78 -17.00
C ILE C 285 -16.95 5.27 -17.16
N ASN C 286 -17.90 6.08 -16.69
CA ASN C 286 -17.77 7.53 -16.67
C ASN C 286 -17.90 7.97 -15.21
N SER C 287 -16.78 7.97 -14.50
CA SER C 287 -16.78 8.38 -13.10
C SER C 287 -15.37 8.79 -12.71
N SER C 288 -15.29 9.58 -11.64
CA SER C 288 -14.02 9.99 -11.06
C SER C 288 -13.65 9.15 -9.85
N LEU C 289 -14.41 8.10 -9.57
CA LEU C 289 -14.14 7.27 -8.41
C LEU C 289 -12.81 6.53 -8.60
N PRO C 290 -12.04 6.32 -7.53
CA PRO C 290 -10.73 5.69 -7.70
C PRO C 290 -10.79 4.17 -7.84
N PHE C 291 -11.92 3.54 -7.53
CA PHE C 291 -12.01 2.09 -7.51
C PHE C 291 -13.24 1.62 -8.27
N GLN C 292 -13.19 0.36 -8.71
CA GLN C 292 -14.25 -0.25 -9.49
C GLN C 292 -14.28 -1.74 -9.23
N ASN C 293 -15.44 -2.36 -9.48
CA ASN C 293 -15.60 -3.81 -9.41
C ASN C 293 -16.41 -4.34 -10.58
N VAL C 294 -16.26 -3.73 -11.76
CA VAL C 294 -17.01 -4.13 -12.93
C VAL C 294 -16.27 -5.25 -13.66
N HIS C 295 -15.03 -4.98 -14.07
CA HIS C 295 -14.27 -5.95 -14.83
C HIS C 295 -12.77 -5.75 -14.57
N PRO C 296 -12.01 -6.84 -14.41
CA PRO C 296 -10.58 -6.69 -14.18
C PRO C 296 -9.82 -6.14 -15.38
N VAL C 297 -10.17 -6.58 -16.59
CA VAL C 297 -9.46 -6.14 -17.79
C VAL C 297 -10.21 -4.98 -18.42
N THR C 298 -9.49 -3.88 -18.67
CA THR C 298 -10.07 -2.65 -19.18
C THR C 298 -9.05 -1.98 -20.09
N ILE C 299 -9.53 -1.05 -20.89
CA ILE C 299 -8.67 -0.23 -21.75
C ILE C 299 -8.93 1.23 -21.43
N GLY C 300 -7.88 1.97 -21.14
CA GLY C 300 -7.95 3.39 -20.85
C GLY C 300 -7.47 3.71 -19.45
N GLU C 301 -7.55 4.99 -19.13
CA GLU C 301 -7.22 5.46 -17.78
C GLU C 301 -8.37 5.08 -16.86
N CYS C 302 -8.23 3.94 -16.19
CA CYS C 302 -9.35 3.32 -15.51
C CYS C 302 -9.14 3.31 -13.99
N PRO C 303 -10.21 3.38 -13.22
CA PRO C 303 -10.10 3.17 -11.78
C PRO C 303 -9.66 1.75 -11.47
N LYS C 304 -8.95 1.60 -10.36
CA LYS C 304 -8.38 0.31 -10.01
C LYS C 304 -9.49 -0.70 -9.72
N TYR C 305 -9.28 -1.93 -10.17
CA TYR C 305 -10.23 -3.00 -9.87
C TYR C 305 -9.96 -3.55 -8.47
N VAL C 306 -11.03 -3.72 -7.70
CA VAL C 306 -10.95 -4.29 -6.36
C VAL C 306 -11.96 -5.42 -6.27
N ARG C 307 -11.74 -6.31 -5.31
CA ARG C 307 -12.64 -7.42 -5.06
C ARG C 307 -13.70 -7.09 -4.02
N SER C 308 -13.74 -5.86 -3.54
CA SER C 308 -14.71 -5.47 -2.52
C SER C 308 -16.11 -5.36 -3.10
N ALA C 309 -17.10 -5.53 -2.25
CA ALA C 309 -18.49 -5.32 -2.63
C ALA C 309 -18.96 -3.90 -2.37
N LYS C 310 -18.36 -3.22 -1.40
CA LYS C 310 -18.72 -1.84 -1.11
C LYS C 310 -17.53 -1.11 -0.49
N LEU C 311 -17.38 0.15 -0.85
CA LEU C 311 -16.38 1.05 -0.25
C LEU C 311 -17.06 2.39 -0.04
N ARG C 312 -17.64 2.59 1.14
CA ARG C 312 -18.40 3.78 1.45
C ARG C 312 -17.70 4.54 2.56
N MET C 313 -17.50 5.84 2.34
CA MET C 313 -16.85 6.71 3.31
C MET C 313 -17.87 7.37 4.21
N VAL C 314 -17.44 7.71 5.43
CA VAL C 314 -18.26 8.45 6.36
C VAL C 314 -17.95 9.93 6.21
N THR C 315 -18.98 10.73 5.90
CA THR C 315 -18.85 12.17 5.89
C THR C 315 -19.66 12.85 6.97
N GLY C 316 -20.78 12.27 7.37
CA GLY C 316 -21.62 12.83 8.41
C GLY C 316 -21.33 12.22 9.76
N LEU C 317 -22.34 12.23 10.61
CA LEU C 317 -22.22 11.79 11.99
C LEU C 317 -22.89 10.44 12.18
N ARG C 318 -22.60 9.82 13.33
CA ARG C 318 -23.33 8.63 13.72
C ARG C 318 -24.79 8.99 13.97
N ASN C 319 -25.69 8.20 13.41
CA ASN C 319 -27.12 8.52 13.41
C ASN C 319 -27.77 7.89 14.63
N ILE C 320 -28.09 8.71 15.62
CA ILE C 320 -28.80 8.25 16.83
C ILE C 320 -30.01 9.15 17.02
N PRO C 321 -31.09 8.96 16.25
CA PRO C 321 -32.28 9.80 16.40
C PRO C 321 -33.11 9.36 17.60
N SER C 322 -33.35 10.29 18.52
CA SER C 322 -34.13 10.00 19.72
C SER C 322 -35.13 11.10 20.01
N LEU D 2 -14.39 8.47 21.30
CA LEU D 2 -13.01 8.70 21.71
C LEU D 2 -12.91 9.92 22.61
N PHE D 3 -13.79 10.89 22.38
CA PHE D 3 -13.86 12.08 23.21
C PHE D 3 -15.10 12.08 24.11
N GLY D 4 -15.95 11.07 24.00
CA GLY D 4 -17.07 10.90 24.91
C GLY D 4 -18.13 11.99 24.85
N ALA D 5 -18.48 12.44 23.65
CA ALA D 5 -19.54 13.43 23.49
C ALA D 5 -20.69 12.94 22.63
N ILE D 6 -20.41 12.35 21.47
CA ILE D 6 -21.48 11.95 20.55
C ILE D 6 -22.36 10.88 21.18
N ALA D 7 -21.75 9.88 21.80
CA ALA D 7 -22.48 8.86 22.54
C ALA D 7 -22.17 8.89 24.03
N GLY D 8 -21.56 9.98 24.51
CA GLY D 8 -21.18 10.07 25.90
C GLY D 8 -22.19 10.83 26.74
N PHE D 9 -21.86 12.06 27.13
CA PHE D 9 -22.79 12.84 27.94
C PHE D 9 -23.86 13.52 27.11
N ILE D 10 -23.82 13.39 25.79
CA ILE D 10 -24.91 13.82 24.91
C ILE D 10 -25.41 12.54 24.25
N GLU D 11 -26.51 11.99 24.79
CA GLU D 11 -26.90 10.63 24.46
C GLU D 11 -27.31 10.50 23.00
N GLY D 12 -28.16 11.39 22.50
CA GLY D 12 -28.71 11.25 21.18
C GLY D 12 -28.64 12.53 20.39
N GLY D 13 -28.93 12.41 19.10
CA GLY D 13 -28.94 13.55 18.19
C GLY D 13 -30.29 14.24 18.15
N TRP D 14 -30.32 15.35 17.42
CA TRP D 14 -31.52 16.16 17.27
C TRP D 14 -32.01 16.08 15.85
N THR D 15 -33.17 15.44 15.65
CA THR D 15 -33.77 15.36 14.33
C THR D 15 -34.41 16.68 13.90
N GLY D 16 -34.59 17.63 14.82
CA GLY D 16 -35.13 18.92 14.49
C GLY D 16 -34.13 19.93 14.00
N MET D 17 -32.87 19.74 14.21
CA MET D 17 -31.82 20.62 13.65
C MET D 17 -31.53 20.07 12.26
N VAL D 18 -32.09 20.64 11.25
CA VAL D 18 -32.04 20.15 9.89
C VAL D 18 -31.12 21.02 9.03
N ASP D 19 -30.22 21.79 9.65
CA ASP D 19 -29.41 22.76 8.92
C ASP D 19 -27.96 22.80 9.37
N GLY D 20 -27.50 21.81 10.12
CA GLY D 20 -26.12 21.79 10.56
C GLY D 20 -25.81 20.53 11.31
N TRP D 21 -24.52 20.16 11.29
CA TRP D 21 -24.07 18.98 12.01
C TRP D 21 -24.08 19.22 13.52
N TYR D 22 -23.63 20.39 13.95
CA TYR D 22 -23.58 20.75 15.36
C TYR D 22 -24.33 22.06 15.56
N GLY D 23 -24.89 22.23 16.76
CA GLY D 23 -25.66 23.43 17.03
C GLY D 23 -26.16 23.51 18.45
N TYR D 24 -27.18 24.33 18.63
CA TYR D 24 -27.68 24.70 19.95
C TYR D 24 -29.17 24.47 20.03
N HIS D 25 -29.66 24.23 21.25
CA HIS D 25 -31.08 24.24 21.55
C HIS D 25 -31.29 25.12 22.77
N HIS D 26 -32.02 26.21 22.60
CA HIS D 26 -32.23 27.20 23.65
C HIS D 26 -33.70 27.30 23.98
N GLN D 27 -33.98 27.70 25.21
CA GLN D 27 -35.35 27.87 25.68
C GLN D 27 -35.40 29.01 26.69
N ASN D 28 -36.16 30.04 26.37
CA ASN D 28 -36.35 31.17 27.27
C ASN D 28 -37.82 31.59 27.21
N GLU D 29 -38.13 32.75 27.77
CA GLU D 29 -39.50 33.24 27.77
C GLU D 29 -39.98 33.58 26.37
N GLN D 30 -39.09 34.15 25.54
CA GLN D 30 -39.46 34.51 24.18
C GLN D 30 -39.71 33.31 23.29
N GLY D 31 -39.30 32.11 23.71
CA GLY D 31 -39.54 30.92 22.92
C GLY D 31 -38.36 29.96 22.90
N SER D 32 -38.50 28.87 22.15
CA SER D 32 -37.45 27.88 22.04
C SER D 32 -37.28 27.50 20.58
N GLY D 33 -36.08 27.04 20.23
CA GLY D 33 -35.81 26.66 18.86
C GLY D 33 -34.45 26.01 18.74
N TYR D 34 -34.20 25.48 17.54
CA TYR D 34 -32.93 24.85 17.20
C TYR D 34 -32.15 25.74 16.26
N ALA D 35 -30.86 25.87 16.51
CA ALA D 35 -29.96 26.62 15.64
C ALA D 35 -28.64 25.87 15.56
N ALA D 36 -27.90 26.10 14.49
CA ALA D 36 -26.64 25.43 14.25
C ALA D 36 -25.49 26.42 14.28
N ASP D 37 -24.36 25.98 14.83
CA ASP D 37 -23.14 26.77 14.80
C ASP D 37 -22.57 26.75 13.39
N GLN D 38 -22.74 27.85 12.66
CA GLN D 38 -22.34 27.89 11.26
C GLN D 38 -20.83 27.75 11.12
N LYS D 39 -20.06 28.33 12.03
CA LYS D 39 -18.61 28.29 11.91
C LYS D 39 -18.07 26.87 12.04
N SER D 40 -18.48 26.16 13.10
CA SER D 40 -17.99 24.80 13.31
C SER D 40 -18.46 23.87 12.21
N THR D 41 -19.72 23.99 11.79
CA THR D 41 -20.24 23.16 10.71
C THR D 41 -19.49 23.41 9.41
N GLN D 42 -19.21 24.67 9.10
CA GLN D 42 -18.48 24.99 7.87
C GLN D 42 -17.05 24.49 7.92
N ASN D 43 -16.39 24.61 9.08
CA ASN D 43 -15.03 24.09 9.22
C ASN D 43 -15.02 22.58 9.05
N ALA D 44 -15.99 21.88 9.65
CA ALA D 44 -16.06 20.42 9.49
C ALA D 44 -16.33 20.04 8.04
N ILE D 45 -17.21 20.78 7.37
CA ILE D 45 -17.52 20.49 5.97
C ILE D 45 -16.28 20.70 5.10
N ASN D 46 -15.54 21.78 5.34
CA ASN D 46 -14.30 22.01 4.60
C ASN D 46 -13.30 20.89 4.83
N GLY D 47 -13.12 20.46 6.08
CA GLY D 47 -12.19 19.40 6.36
C GLY D 47 -12.57 18.09 5.70
N ILE D 48 -13.85 17.72 5.79
CA ILE D 48 -14.28 16.45 5.20
C ILE D 48 -14.20 16.51 3.68
N THR D 49 -14.53 17.65 3.09
CA THR D 49 -14.38 17.80 1.65
C THR D 49 -12.93 17.65 1.23
N ASN D 50 -12.01 18.24 1.98
CA ASN D 50 -10.60 18.08 1.69
C ASN D 50 -10.17 16.63 1.81
N LYS D 51 -10.67 15.92 2.83
CA LYS D 51 -10.32 14.52 3.02
C LYS D 51 -10.80 13.68 1.83
N VAL D 52 -12.06 13.86 1.43
CA VAL D 52 -12.62 13.06 0.35
C VAL D 52 -11.91 13.37 -0.96
N ASN D 53 -11.63 14.65 -1.23
CA ASN D 53 -10.91 15.00 -2.44
C ASN D 53 -9.49 14.48 -2.42
N SER D 54 -8.86 14.44 -1.24
CA SER D 54 -7.52 13.88 -1.16
C SER D 54 -7.53 12.39 -1.46
N VAL D 55 -8.54 11.66 -0.97
CA VAL D 55 -8.61 10.23 -1.25
C VAL D 55 -8.92 9.98 -2.71
N ILE D 56 -9.79 10.80 -3.31
CA ILE D 56 -10.24 10.55 -4.68
C ILE D 56 -9.20 11.01 -5.70
N GLU D 57 -8.88 12.31 -5.69
CA GLU D 57 -8.05 12.90 -6.73
C GLU D 57 -6.59 12.50 -6.65
N LYS D 58 -6.16 11.86 -5.57
CA LYS D 58 -4.77 11.40 -5.48
C LYS D 58 -4.48 10.25 -6.43
N MET D 59 -5.49 9.61 -7.00
CA MET D 59 -5.31 8.47 -7.89
C MET D 59 -5.23 8.97 -9.33
N ASN D 60 -4.01 9.05 -9.84
CA ASN D 60 -3.75 9.40 -11.24
C ASN D 60 -3.28 8.14 -11.96
N THR D 61 -4.04 7.73 -12.97
CA THR D 61 -3.76 6.51 -13.72
C THR D 61 -3.48 6.84 -15.17
N GLN D 62 -2.42 6.27 -15.71
CA GLN D 62 -2.06 6.47 -17.10
C GLN D 62 -2.85 5.51 -18.00
N PHE D 63 -2.78 5.76 -19.30
CA PHE D 63 -3.45 4.91 -20.28
C PHE D 63 -2.71 3.58 -20.37
N THR D 64 -3.43 2.48 -20.17
CA THR D 64 -2.84 1.16 -20.30
C THR D 64 -3.94 0.15 -20.58
N ALA D 65 -3.54 -0.98 -21.15
CA ALA D 65 -4.43 -2.10 -21.41
C ALA D 65 -3.96 -3.30 -20.59
N VAL D 66 -4.89 -3.92 -19.87
CA VAL D 66 -4.53 -5.03 -19.01
C VAL D 66 -4.52 -6.36 -19.75
N GLY D 67 -5.36 -6.52 -20.76
CA GLY D 67 -5.45 -7.80 -21.44
C GLY D 67 -4.19 -8.11 -22.23
N LYS D 68 -3.85 -9.39 -22.30
CA LYS D 68 -2.72 -9.87 -23.07
C LYS D 68 -3.02 -11.28 -23.53
N GLU D 69 -2.55 -11.63 -24.72
CA GLU D 69 -2.86 -12.91 -25.35
C GLU D 69 -1.58 -13.71 -25.59
N PHE D 70 -1.58 -14.97 -25.17
CA PHE D 70 -0.46 -15.86 -25.33
C PHE D 70 -0.95 -17.19 -25.89
N ASN D 71 -0.10 -17.86 -26.65
CA ASN D 71 -0.45 -19.15 -27.23
C ASN D 71 -0.19 -20.27 -26.23
N LYS D 72 -0.54 -21.50 -26.64
CA LYS D 72 -0.41 -22.65 -25.74
C LYS D 72 1.04 -23.04 -25.50
N LEU D 73 1.97 -22.57 -26.34
CA LEU D 73 3.38 -22.82 -26.14
C LEU D 73 4.05 -21.74 -25.30
N GLU D 74 3.27 -20.79 -24.79
CA GLU D 74 3.77 -19.70 -23.94
C GLU D 74 2.92 -19.68 -22.69
N ARG D 75 3.27 -20.51 -21.72
CA ARG D 75 2.54 -20.59 -20.47
C ARG D 75 3.21 -19.86 -19.32
N ARG D 76 4.54 -19.78 -19.34
CA ARG D 76 5.25 -19.02 -18.31
C ARG D 76 4.87 -17.55 -18.37
N MET D 77 4.68 -17.02 -19.58
CA MET D 77 4.24 -15.62 -19.70
C MET D 77 2.78 -15.45 -19.30
N GLU D 78 1.92 -16.42 -19.65
CA GLU D 78 0.54 -16.34 -19.18
C GLU D 78 0.50 -16.30 -17.67
N ASN D 79 1.27 -17.16 -17.00
CA ASN D 79 1.27 -17.21 -15.55
C ASN D 79 1.96 -16.00 -14.94
N LEU D 80 3.00 -15.45 -15.57
CA LEU D 80 3.63 -14.24 -15.06
C LEU D 80 2.67 -13.05 -15.14
N ASN D 81 1.96 -12.92 -16.26
CA ASN D 81 0.95 -11.87 -16.39
C ASN D 81 -0.16 -12.04 -15.36
N LYS D 82 -0.60 -13.28 -15.15
CA LYS D 82 -1.61 -13.55 -14.14
C LYS D 82 -1.12 -13.18 -12.76
N LYS D 83 0.15 -13.48 -12.46
CA LYS D 83 0.71 -13.12 -11.17
C LYS D 83 0.74 -11.61 -10.98
N VAL D 84 1.15 -10.88 -12.02
CA VAL D 84 1.20 -9.42 -11.94
C VAL D 84 -0.20 -8.87 -11.66
N ASP D 85 -1.19 -9.31 -12.43
CA ASP D 85 -2.53 -8.78 -12.28
C ASP D 85 -3.11 -9.12 -10.92
N ASP D 86 -2.95 -10.38 -10.48
CA ASP D 86 -3.49 -10.79 -9.19
C ASP D 86 -2.81 -10.04 -8.04
N GLY D 87 -1.50 -9.84 -8.12
CA GLY D 87 -0.82 -9.11 -7.06
C GLY D 87 -1.26 -7.67 -6.98
N PHE D 88 -1.43 -7.02 -8.12
CA PHE D 88 -1.91 -5.64 -8.10
C PHE D 88 -3.32 -5.56 -7.53
N ILE D 89 -4.19 -6.49 -7.93
CA ILE D 89 -5.56 -6.50 -7.42
C ILE D 89 -5.57 -6.71 -5.91
N ASP D 90 -4.75 -7.64 -5.43
CA ASP D 90 -4.70 -7.90 -3.99
C ASP D 90 -4.21 -6.68 -3.22
N ILE D 91 -3.14 -6.05 -3.70
CA ILE D 91 -2.60 -4.88 -3.03
C ILE D 91 -3.65 -3.78 -2.96
N TRP D 92 -4.27 -3.48 -4.10
CA TRP D 92 -5.23 -2.38 -4.15
C TRP D 92 -6.45 -2.67 -3.30
N THR D 93 -6.95 -3.91 -3.32
CA THR D 93 -8.11 -4.27 -2.51
C THR D 93 -7.81 -4.11 -1.03
N TYR D 94 -6.68 -4.66 -0.58
CA TYR D 94 -6.33 -4.57 0.83
C TYR D 94 -6.16 -3.12 1.27
N ASN D 95 -5.44 -2.34 0.46
CA ASN D 95 -5.20 -0.95 0.81
C ASN D 95 -6.49 -0.15 0.86
N ALA D 96 -7.38 -0.34 -0.11
CA ALA D 96 -8.63 0.41 -0.14
C ALA D 96 -9.50 0.06 1.06
N GLU D 97 -9.65 -1.23 1.35
CA GLU D 97 -10.47 -1.64 2.48
C GLU D 97 -9.93 -1.07 3.78
N LEU D 98 -8.62 -1.22 4.03
CA LEU D 98 -8.06 -0.76 5.29
C LEU D 98 -8.10 0.77 5.39
N LEU D 99 -7.87 1.45 4.27
CA LEU D 99 -7.91 2.91 4.24
C LEU D 99 -9.29 3.43 4.63
N VAL D 100 -10.34 2.89 3.99
CA VAL D 100 -11.70 3.32 4.32
C VAL D 100 -12.02 3.00 5.77
N LEU D 101 -11.63 1.79 6.22
CA LEU D 101 -11.93 1.40 7.59
C LEU D 101 -11.31 2.36 8.60
N LEU D 102 -10.05 2.75 8.38
CA LEU D 102 -9.38 3.60 9.35
C LEU D 102 -9.90 5.03 9.30
N GLU D 103 -10.14 5.58 8.10
CA GLU D 103 -10.60 6.95 8.04
C GLU D 103 -12.07 7.10 8.42
N ASN D 104 -12.82 6.01 8.45
CA ASN D 104 -14.15 6.08 9.08
C ASN D 104 -14.03 6.40 10.57
N GLU D 105 -13.19 5.65 11.28
CA GLU D 105 -12.85 5.99 12.66
C GLU D 105 -12.40 7.43 12.79
N ARG D 106 -11.50 7.86 11.90
CA ARG D 106 -10.93 9.20 12.02
C ARG D 106 -12.01 10.26 11.87
N THR D 107 -12.92 10.09 10.91
CA THR D 107 -14.00 11.07 10.73
C THR D 107 -14.94 11.09 11.94
N LEU D 108 -15.29 9.92 12.48
CA LEU D 108 -16.16 9.90 13.64
C LEU D 108 -15.51 10.58 14.83
N ASP D 109 -14.21 10.34 15.04
CA ASP D 109 -13.50 11.01 16.12
C ASP D 109 -13.42 12.51 15.88
N PHE D 110 -13.30 12.92 14.62
CA PHE D 110 -13.29 14.34 14.28
C PHE D 110 -14.59 15.01 14.70
N HIS D 111 -15.73 14.37 14.39
CA HIS D 111 -17.01 14.92 14.80
C HIS D 111 -17.15 14.96 16.32
N ASP D 112 -16.72 13.88 16.99
CA ASP D 112 -16.78 13.85 18.45
C ASP D 112 -15.96 14.99 19.05
N SER D 113 -14.75 15.22 18.53
CA SER D 113 -13.91 16.30 19.03
C SER D 113 -14.55 17.64 18.79
N ASN D 114 -15.19 17.83 17.63
CA ASN D 114 -15.83 19.12 17.35
C ASN D 114 -16.95 19.39 18.36
N VAL D 115 -17.79 18.40 18.63
CA VAL D 115 -18.87 18.59 19.59
C VAL D 115 -18.31 18.87 20.98
N LYS D 116 -17.29 18.11 21.40
CA LYS D 116 -16.70 18.32 22.71
C LYS D 116 -16.09 19.70 22.84
N ASN D 117 -15.41 20.18 21.79
CA ASN D 117 -14.82 21.51 21.82
C ASN D 117 -15.88 22.58 21.91
N LEU D 118 -16.99 22.42 21.19
CA LEU D 118 -18.09 23.38 21.30
C LEU D 118 -18.62 23.42 22.72
N TYR D 119 -18.83 22.25 23.34
CA TYR D 119 -19.31 22.21 24.71
C TYR D 119 -18.34 22.89 25.66
N GLU D 120 -17.04 22.64 25.49
CA GLU D 120 -16.04 23.25 26.35
C GLU D 120 -16.01 24.76 26.17
N LYS D 121 -16.18 25.24 24.94
CA LYS D 121 -16.19 26.68 24.70
C LYS D 121 -17.36 27.35 25.41
N VAL D 122 -18.55 26.78 25.28
CA VAL D 122 -19.71 27.36 25.96
C VAL D 122 -19.54 27.25 27.48
N LYS D 123 -18.93 26.21 28.02
CA LYS D 123 -18.69 26.13 29.48
C LYS D 123 -17.71 27.24 29.88
N SER D 124 -16.66 27.45 29.08
CA SER D 124 -15.70 28.49 29.44
C SER D 124 -16.34 29.86 29.46
N GLN D 125 -17.23 30.14 28.51
CA GLN D 125 -17.89 31.45 28.48
C GLN D 125 -18.71 31.68 29.74
N LEU D 126 -19.55 30.71 30.11
CA LEU D 126 -20.40 30.79 31.29
C LEU D 126 -19.68 30.13 32.45
N LYS D 127 -18.86 30.89 33.15
CA LYS D 127 -18.00 30.34 34.19
C LYS D 127 -18.82 29.73 35.33
N ASN D 128 -19.57 30.57 36.05
CA ASN D 128 -20.44 30.09 37.11
C ASN D 128 -21.82 30.72 37.04
N ASN D 129 -22.13 31.45 35.97
CA ASN D 129 -23.45 32.00 35.75
C ASN D 129 -24.44 30.96 35.26
N ALA D 130 -23.98 29.75 34.94
CA ALA D 130 -24.84 28.69 34.45
C ALA D 130 -24.49 27.40 35.19
N LYS D 131 -25.51 26.57 35.40
CA LYS D 131 -25.35 25.28 36.07
C LYS D 131 -25.47 24.14 35.07
N GLU D 132 -24.56 23.19 35.16
CA GLU D 132 -24.57 22.01 34.31
C GLU D 132 -25.57 20.99 34.82
N ILE D 133 -26.39 20.46 33.90
CA ILE D 133 -27.38 19.47 34.25
C ILE D 133 -27.03 18.17 33.53
N GLY D 134 -25.83 18.13 32.95
CA GLY D 134 -25.57 17.00 32.08
C GLY D 134 -26.37 17.18 30.80
N ASN D 135 -26.39 16.10 30.01
CA ASN D 135 -27.08 16.05 28.73
C ASN D 135 -26.64 17.15 27.78
N GLY D 136 -25.45 17.68 28.00
CA GLY D 136 -25.00 18.81 27.17
C GLY D 136 -25.71 20.11 27.48
N CYS D 137 -26.60 20.16 28.48
CA CYS D 137 -27.40 21.39 28.71
C CYS D 137 -26.80 22.26 29.82
N PHE D 138 -27.15 23.55 29.86
CA PHE D 138 -26.63 24.52 30.88
C PHE D 138 -27.78 25.38 31.35
N GLU D 139 -28.15 25.30 32.63
CA GLU D 139 -29.24 26.14 33.19
C GLU D 139 -28.66 27.45 33.71
N PHE D 140 -29.27 28.58 33.38
CA PHE D 140 -28.84 29.93 33.69
C PHE D 140 -29.36 30.34 35.06
N TYR D 141 -28.49 30.96 35.86
CA TYR D 141 -28.88 31.56 37.11
C TYR D 141 -29.46 32.97 36.95
N HIS D 142 -29.45 33.50 35.74
CA HIS D 142 -29.99 34.82 35.46
C HIS D 142 -30.94 34.73 34.27
N LYS D 143 -31.84 35.65 34.20
CA LYS D 143 -32.79 35.67 33.07
C LYS D 143 -31.96 35.90 31.83
N CYS D 144 -32.27 35.20 30.79
CA CYS D 144 -31.51 35.24 29.55
C CYS D 144 -32.47 35.42 28.39
N ASN D 145 -32.27 36.47 27.60
CA ASN D 145 -33.12 36.78 26.48
C ASN D 145 -32.44 36.35 25.18
N ASP D 146 -33.10 36.69 24.05
CA ASP D 146 -32.59 36.26 22.75
C ASP D 146 -31.23 36.90 22.44
N GLU D 147 -31.06 38.16 22.82
CA GLU D 147 -29.78 38.83 22.59
C GLU D 147 -28.66 38.12 23.33
N CYS D 148 -28.90 37.72 24.58
CA CYS D 148 -27.87 37.03 25.34
C CYS D 148 -27.59 35.64 24.78
N MET D 149 -28.62 34.92 24.35
CA MET D 149 -28.41 33.63 23.70
C MET D 149 -27.56 33.78 22.44
N GLU D 150 -27.86 34.79 21.62
CA GLU D 150 -27.04 35.04 20.44
C GLU D 150 -25.62 35.45 20.80
N SER D 151 -25.44 36.13 21.94
CA SER D 151 -24.09 36.43 22.39
C SER D 151 -23.33 35.17 22.75
N VAL D 152 -23.98 34.24 23.46
CA VAL D 152 -23.33 32.96 23.79
C VAL D 152 -23.00 32.19 22.53
N LYS D 153 -23.93 32.15 21.57
CA LYS D 153 -23.68 31.43 20.33
C LYS D 153 -22.53 32.06 19.55
N ASN D 154 -22.46 33.39 19.51
CA ASN D 154 -21.42 34.07 18.76
C ASN D 154 -20.07 33.96 19.45
N GLY D 155 -20.05 34.04 20.77
CA GLY D 155 -18.81 33.97 21.52
C GLY D 155 -18.48 35.26 22.25
N THR D 156 -19.48 36.12 22.38
CA THR D 156 -19.32 37.43 22.99
C THR D 156 -20.22 37.58 24.22
N TYR D 157 -20.27 36.55 25.06
CA TYR D 157 -21.06 36.60 26.27
C TYR D 157 -20.41 37.54 27.29
N ASP D 158 -21.21 38.44 27.84
CA ASP D 158 -20.73 39.44 28.81
C ASP D 158 -20.92 38.88 30.21
N TYR D 159 -19.89 38.20 30.70
CA TYR D 159 -19.96 37.66 32.07
C TYR D 159 -20.11 38.74 33.13
N PRO D 160 -19.35 39.84 33.13
CA PRO D 160 -19.52 40.84 34.20
C PRO D 160 -20.91 41.45 34.24
N LYS D 161 -21.63 41.48 33.12
CA LYS D 161 -22.95 42.09 33.10
C LYS D 161 -23.95 41.33 33.98
N TYR D 162 -23.87 40.00 33.98
CA TYR D 162 -24.84 39.17 34.67
C TYR D 162 -24.28 38.50 35.92
N SER D 163 -23.15 38.98 36.46
CA SER D 163 -22.54 38.30 37.60
C SER D 163 -23.33 38.53 38.88
N GLU D 164 -23.82 39.75 39.09
CA GLU D 164 -24.52 40.08 40.34
C GLU D 164 -25.82 39.31 40.46
N GLU D 165 -26.62 39.30 39.39
CA GLU D 165 -27.90 38.58 39.42
C GLU D 165 -27.68 37.08 39.61
N SER D 166 -26.69 36.53 38.92
CA SER D 166 -26.38 35.11 39.06
C SER D 166 -25.94 34.77 40.47
N LYS D 167 -25.09 35.63 41.07
CA LYS D 167 -24.66 35.40 42.44
C LYS D 167 -25.84 35.46 43.40
N LEU D 168 -26.76 36.40 43.18
CA LEU D 168 -27.95 36.47 44.02
C LEU D 168 -28.79 35.20 43.90
N ASN D 169 -28.96 34.70 42.69
CA ASN D 169 -29.80 33.52 42.47
C ASN D 169 -29.05 32.21 42.68
N ARG D 170 -27.74 32.23 42.85
CA ARG D 170 -26.98 31.00 43.03
C ARG D 170 -27.22 30.41 44.41
N ASP E 1 2.59 36.50 39.88
CA ASP E 1 1.17 36.82 39.82
C ASP E 1 0.47 36.02 38.73
N THR E 2 1.12 35.89 37.58
CA THR E 2 0.54 35.19 36.44
C THR E 2 1.55 34.23 35.85
N ILE E 3 1.03 33.03 35.45
CA ILE E 3 1.76 31.96 34.72
C ILE E 3 0.88 31.55 33.53
N CYS E 4 1.43 31.52 32.32
CA CYS E 4 0.66 31.18 31.10
C CYS E 4 1.36 30.05 30.35
N ILE E 5 0.61 29.14 29.73
CA ILE E 5 1.17 28.02 28.90
C ILE E 5 1.04 28.40 27.42
N GLY E 6 2.06 28.12 26.60
CA GLY E 6 2.05 28.52 25.21
C GLY E 6 2.91 27.56 24.40
N TYR E 7 2.95 27.82 23.10
CA TYR E 7 3.72 27.00 22.18
C TYR E 7 4.60 27.90 21.33
N HIS E 8 5.38 27.28 20.45
CA HIS E 8 6.49 27.92 19.76
C HIS E 8 6.06 28.46 18.41
N ALA E 9 6.50 29.67 18.10
CA ALA E 9 6.29 30.27 16.79
C ALA E 9 7.60 30.88 16.31
N ASN E 10 7.81 30.87 15.00
CA ASN E 10 9.03 31.38 14.41
C ASN E 10 8.71 31.94 13.02
N ASN E 11 9.73 32.50 12.38
CA ASN E 11 9.58 33.13 11.07
C ASN E 11 9.73 32.13 9.93
N SER E 12 9.58 30.85 10.20
CA SER E 12 9.69 29.83 9.15
C SER E 12 8.51 29.91 8.19
N THR E 13 8.80 29.73 6.90
CA THR E 13 7.78 29.73 5.86
C THR E 13 7.56 28.34 5.28
N ASP E 14 7.97 27.30 6.00
CA ASP E 14 7.76 25.94 5.52
C ASP E 14 6.28 25.62 5.48
N THR E 15 5.86 24.96 4.40
CA THR E 15 4.45 24.67 4.15
C THR E 15 4.28 23.17 3.95
N VAL E 16 3.18 22.64 4.48
CA VAL E 16 2.87 21.22 4.39
C VAL E 16 1.42 21.05 3.95
N ASP E 17 1.11 19.85 3.48
CA ASP E 17 -0.24 19.47 3.11
C ASP E 17 -0.78 18.49 4.13
N THR E 18 -2.00 18.72 4.58
CA THR E 18 -2.64 17.87 5.58
C THR E 18 -3.99 17.40 5.02
N VAL E 19 -4.45 16.25 5.50
CA VAL E 19 -5.63 15.62 4.93
C VAL E 19 -6.87 16.48 5.15
N LEU E 20 -6.88 17.32 6.18
CA LEU E 20 -8.04 18.16 6.46
C LEU E 20 -7.87 19.59 5.98
N GLU E 21 -6.65 20.04 5.72
CA GLU E 21 -6.42 21.41 5.30
C GLU E 21 -5.13 21.49 4.50
N LYS E 22 -5.17 22.19 3.38
CA LYS E 22 -4.01 22.35 2.52
C LYS E 22 -3.24 23.62 2.86
N ASN E 23 -1.96 23.63 2.51
CA ASN E 23 -1.10 24.80 2.62
C ASN E 23 -1.03 25.32 4.07
N VAL E 24 -0.48 24.48 4.94
CA VAL E 24 -0.34 24.80 6.36
C VAL E 24 1.11 25.19 6.61
N THR E 25 1.31 26.39 7.14
CA THR E 25 2.64 26.85 7.50
C THR E 25 3.04 26.29 8.85
N VAL E 26 4.20 25.65 8.92
CA VAL E 26 4.64 24.94 10.11
C VAL E 26 6.02 25.42 10.51
N THR E 27 6.34 25.22 11.80
CA THR E 27 7.62 25.68 12.33
C THR E 27 8.78 24.85 11.79
N HIS E 28 8.63 23.52 11.80
CA HIS E 28 9.69 22.63 11.37
C HIS E 28 9.11 21.55 10.48
N SER E 29 9.92 21.08 9.52
CA SER E 29 9.47 20.06 8.58
C SER E 29 10.67 19.26 8.10
N VAL E 30 10.40 18.08 7.56
CA VAL E 30 11.42 17.18 7.04
C VAL E 30 11.01 16.75 5.64
N ASN E 31 11.94 16.85 4.70
CA ASN E 31 11.69 16.44 3.32
C ASN E 31 11.91 14.94 3.18
N LEU E 32 10.99 14.29 2.47
CA LEU E 32 11.06 12.86 2.20
C LEU E 32 11.24 12.54 0.72
N LEU E 33 11.52 13.55 -0.10
CA LEU E 33 11.62 13.38 -1.54
C LEU E 33 12.96 13.93 -2.03
N GLU E 34 13.67 13.14 -2.83
CA GLU E 34 14.93 13.55 -3.42
C GLU E 34 14.68 14.01 -4.85
N ASP E 35 15.05 15.25 -5.16
CA ASP E 35 14.82 15.82 -6.48
C ASP E 35 16.10 16.34 -7.12
N SER E 36 17.27 16.00 -6.58
CA SER E 36 18.54 16.45 -7.11
C SER E 36 19.50 15.28 -7.21
N HIS E 37 20.47 15.39 -8.12
CA HIS E 37 21.43 14.34 -8.38
C HIS E 37 22.84 14.92 -8.46
N ASN E 38 23.83 14.03 -8.40
CA ASN E 38 25.23 14.45 -8.45
C ASN E 38 25.60 15.04 -9.80
N GLY E 39 24.98 14.55 -10.87
CA GLY E 39 25.35 14.96 -12.22
C GLY E 39 26.51 14.20 -12.83
N LYS E 40 27.03 13.20 -12.13
CA LYS E 40 28.17 12.41 -12.57
C LYS E 40 27.77 10.94 -12.66
N LEU E 41 28.68 10.13 -13.18
CA LEU E 41 28.50 8.68 -13.28
C LEU E 41 29.41 8.05 -12.22
N CYS E 42 28.86 7.81 -11.04
CA CYS E 42 29.61 7.25 -9.94
C CYS E 42 29.80 5.75 -10.15
N LEU E 43 30.34 5.07 -9.14
CA LEU E 43 30.62 3.65 -9.21
C LEU E 43 29.84 2.91 -8.13
N LEU E 44 29.28 1.76 -8.50
CA LEU E 44 28.37 1.00 -7.65
C LEU E 44 29.07 -0.21 -7.06
N LYS E 45 28.80 -0.48 -5.77
CA LYS E 45 29.31 -1.64 -5.06
C LYS E 45 30.83 -1.78 -5.18
N GLY E 46 31.55 -0.68 -5.11
CA GLY E 46 32.99 -0.73 -5.17
C GLY E 46 33.57 -1.02 -6.53
N ILE E 47 32.75 -1.02 -7.57
CA ILE E 47 33.18 -1.35 -8.93
C ILE E 47 32.76 -0.24 -9.87
N ALA E 48 33.69 0.22 -10.69
CA ALA E 48 33.40 1.26 -11.67
C ALA E 48 32.64 0.68 -12.86
N PRO E 49 31.92 1.52 -13.60
CA PRO E 49 31.23 1.03 -14.80
C PRO E 49 32.17 0.74 -15.96
N LEU E 50 31.60 0.34 -17.09
CA LEU E 50 32.35 0.12 -18.33
C LEU E 50 31.96 1.21 -19.30
N GLN E 51 32.94 1.99 -19.74
CA GLN E 51 32.71 3.10 -20.65
C GLN E 51 32.97 2.66 -22.07
N LEU E 52 32.02 2.95 -22.96
CA LEU E 52 32.06 2.57 -24.37
C LEU E 52 31.90 3.79 -25.25
N GLY E 53 32.66 4.84 -24.97
CA GLY E 53 32.54 6.09 -25.70
C GLY E 53 32.68 5.93 -27.19
N ASN E 54 31.72 6.48 -27.95
CA ASN E 54 31.67 6.37 -29.40
C ASN E 54 31.59 4.92 -29.87
N CYS E 55 31.07 4.03 -29.03
CA CYS E 55 30.97 2.62 -29.35
C CYS E 55 29.63 2.07 -28.91
N SER E 56 29.21 0.99 -29.55
CA SER E 56 28.10 0.18 -29.09
C SER E 56 28.62 -1.11 -28.51
N VAL E 57 27.72 -1.84 -27.83
CA VAL E 57 28.11 -3.13 -27.26
C VAL E 57 28.50 -4.08 -28.38
N ALA E 58 27.80 -4.03 -29.51
CA ALA E 58 28.15 -4.88 -30.65
C ALA E 58 29.54 -4.57 -31.16
N GLY E 59 29.85 -3.28 -31.32
CA GLY E 59 31.17 -2.91 -31.81
C GLY E 59 32.28 -3.29 -30.86
N TRP E 60 32.06 -3.07 -29.56
CA TRP E 60 33.07 -3.41 -28.57
C TRP E 60 33.29 -4.91 -28.49
N ILE E 61 32.21 -5.69 -28.52
CA ILE E 61 32.34 -7.14 -28.35
C ILE E 61 32.80 -7.81 -29.63
N LEU E 62 32.59 -7.20 -30.79
CA LEU E 62 33.13 -7.72 -32.04
C LEU E 62 34.54 -7.27 -32.31
N GLY E 63 35.03 -6.25 -31.61
CA GLY E 63 36.36 -5.74 -31.83
C GLY E 63 36.41 -4.77 -33.00
N ASN E 64 35.63 -3.72 -32.94
CA ASN E 64 35.64 -2.71 -34.00
C ASN E 64 37.02 -2.10 -34.11
N PRO E 65 37.59 -2.00 -35.32
CA PRO E 65 38.96 -1.46 -35.43
C PRO E 65 39.09 -0.05 -34.90
N GLU E 66 38.07 0.77 -35.10
CA GLU E 66 38.09 2.17 -34.67
C GLU E 66 37.56 2.35 -33.26
N CYS E 67 37.42 1.27 -32.50
CA CYS E 67 36.93 1.33 -31.13
C CYS E 67 37.79 0.42 -30.25
N GLU E 68 39.10 0.56 -30.38
CA GLU E 68 40.05 -0.24 -29.60
C GLU E 68 40.75 0.54 -28.52
N LEU E 69 40.54 1.85 -28.45
CA LEU E 69 41.21 2.67 -27.45
C LEU E 69 40.73 2.39 -26.03
N LEU E 70 39.65 1.63 -25.87
CA LEU E 70 39.12 1.32 -24.55
C LEU E 70 40.10 0.44 -23.78
N ILE E 71 40.32 0.79 -22.51
CA ILE E 71 41.23 0.04 -21.67
C ILE E 71 40.53 -1.22 -21.17
N SER E 72 41.20 -2.37 -21.30
CA SER E 72 40.61 -3.63 -20.88
C SER E 72 40.35 -3.64 -19.38
N ARG E 73 39.18 -4.11 -18.99
CA ARG E 73 38.78 -4.18 -17.59
C ARG E 73 38.32 -5.59 -17.26
N GLU E 74 38.52 -5.98 -16.00
CA GLU E 74 38.23 -7.34 -15.57
C GLU E 74 36.79 -7.51 -15.08
N SER E 75 36.18 -6.45 -14.55
CA SER E 75 34.82 -6.53 -14.06
C SER E 75 34.20 -5.13 -14.05
N TRP E 76 32.89 -5.08 -14.20
CA TRP E 76 32.17 -3.82 -14.13
C TRP E 76 30.80 -4.05 -13.52
N SER E 77 30.21 -2.98 -13.00
CA SER E 77 28.89 -3.04 -12.40
C SER E 77 27.77 -2.68 -13.39
N TYR E 78 28.02 -1.75 -14.30
CA TYR E 78 27.05 -1.42 -15.35
C TYR E 78 27.82 -0.83 -16.53
N ILE E 79 27.11 -0.59 -17.62
CA ILE E 79 27.69 -0.11 -18.87
C ILE E 79 27.13 1.26 -19.18
N VAL E 80 28.02 2.21 -19.45
CA VAL E 80 27.64 3.54 -19.91
C VAL E 80 27.80 3.58 -21.43
N GLU E 81 26.74 3.96 -22.12
CA GLU E 81 26.71 3.94 -23.58
C GLU E 81 26.12 5.25 -24.09
N LYS E 82 26.51 5.62 -25.27
CA LYS E 82 25.96 6.85 -25.80
C LYS E 82 24.68 6.55 -26.59
N PRO E 83 23.73 7.49 -26.59
CA PRO E 83 22.58 7.32 -27.47
C PRO E 83 22.99 7.44 -28.93
N ASN E 84 22.55 6.47 -29.73
CA ASN E 84 22.92 6.37 -31.13
C ASN E 84 24.44 6.39 -31.30
N PRO E 85 25.13 5.31 -30.92
CA PRO E 85 26.60 5.29 -31.07
C PRO E 85 27.00 5.33 -32.54
N GLU E 86 28.17 5.93 -32.78
CA GLU E 86 28.66 6.07 -34.14
C GLU E 86 29.32 4.79 -34.65
N ASN E 87 30.15 4.17 -33.81
CA ASN E 87 30.98 3.03 -34.23
C ASN E 87 30.41 1.76 -33.61
N GLY E 88 29.64 1.01 -34.39
CA GLY E 88 29.14 -0.28 -33.95
C GLY E 88 29.65 -1.40 -34.83
N THR E 89 28.75 -1.98 -35.63
CA THR E 89 29.12 -3.01 -36.60
C THR E 89 29.49 -2.32 -37.90
N CYS E 90 30.80 -2.23 -38.17
CA CYS E 90 31.25 -1.55 -39.38
C CYS E 90 30.76 -2.25 -40.63
N TYR E 91 30.81 -3.57 -40.67
CA TYR E 91 30.22 -4.31 -41.77
C TYR E 91 28.74 -4.52 -41.53
N PRO E 92 27.88 -4.14 -42.48
CA PRO E 92 26.43 -4.27 -42.24
C PRO E 92 26.02 -5.72 -42.04
N GLY E 93 25.01 -5.91 -41.20
CA GLY E 93 24.50 -7.23 -40.93
C GLY E 93 23.50 -7.19 -39.80
N HIS E 94 23.06 -8.37 -39.40
CA HIS E 94 22.09 -8.52 -38.32
C HIS E 94 22.75 -9.25 -37.16
N PHE E 95 22.60 -8.69 -35.97
CA PHE E 95 23.17 -9.28 -34.75
C PHE E 95 22.08 -10.10 -34.08
N ALA E 96 22.24 -11.42 -34.11
CA ALA E 96 21.23 -12.32 -33.53
C ALA E 96 21.24 -12.22 -32.02
N ASP E 97 20.04 -12.16 -31.44
CA ASP E 97 19.84 -12.12 -29.99
C ASP E 97 20.67 -11.01 -29.35
N TYR E 98 20.58 -9.82 -29.94
CA TYR E 98 21.41 -8.70 -29.49
C TYR E 98 21.02 -8.28 -28.08
N GLU E 99 19.73 -8.05 -27.84
CA GLU E 99 19.29 -7.54 -26.54
C GLU E 99 19.62 -8.51 -25.42
N GLU E 100 19.54 -9.81 -25.70
CA GLU E 100 19.97 -10.80 -24.71
C GLU E 100 21.45 -10.66 -24.38
N LEU E 101 22.28 -10.43 -25.40
CA LEU E 101 23.71 -10.25 -25.15
C LEU E 101 23.96 -9.01 -24.30
N ARG E 102 23.26 -7.93 -24.56
CA ARG E 102 23.44 -6.68 -23.79
C ARG E 102 22.98 -6.92 -22.36
N GLU E 103 21.90 -7.67 -22.18
CA GLU E 103 21.42 -7.95 -20.84
C GLU E 103 22.42 -8.80 -20.06
N GLN E 104 23.00 -9.81 -20.70
CA GLN E 104 23.91 -10.71 -20.00
C GLN E 104 25.27 -10.08 -19.76
N LEU E 105 25.68 -9.14 -20.62
CA LEU E 105 26.97 -8.49 -20.47
C LEU E 105 26.92 -7.25 -19.59
N SER E 106 25.76 -6.97 -18.97
CA SER E 106 25.62 -5.75 -18.18
C SER E 106 26.56 -5.75 -16.98
N SER E 107 26.68 -6.89 -16.29
CA SER E 107 27.56 -7.01 -15.14
C SER E 107 28.30 -8.34 -15.23
N VAL E 108 29.61 -8.31 -15.03
CA VAL E 108 30.45 -9.51 -15.05
C VAL E 108 31.31 -9.51 -13.80
N SER E 109 31.40 -10.67 -13.15
CA SER E 109 32.30 -10.80 -12.01
C SER E 109 33.76 -10.92 -12.45
N SER E 110 34.02 -11.59 -13.57
CA SER E 110 35.38 -11.72 -14.09
C SER E 110 35.32 -11.78 -15.60
N PHE E 111 36.17 -10.98 -16.26
CA PHE E 111 36.27 -10.94 -17.71
C PHE E 111 37.70 -11.23 -18.11
N GLU E 112 37.87 -12.12 -19.10
CA GLU E 112 39.20 -12.50 -19.55
C GLU E 112 39.11 -12.86 -21.03
N ARG E 113 39.60 -11.98 -21.89
CA ARG E 113 39.60 -12.20 -23.33
C ARG E 113 40.78 -13.09 -23.71
N PHE E 114 40.49 -14.22 -24.36
CA PHE E 114 41.51 -15.18 -24.75
C PHE E 114 41.30 -15.62 -26.19
N GLU E 115 42.39 -16.02 -26.84
CA GLU E 115 42.35 -16.45 -28.23
C GLU E 115 41.88 -17.89 -28.30
N ILE E 116 40.67 -18.09 -28.82
CA ILE E 116 40.12 -19.44 -28.92
C ILE E 116 40.75 -20.19 -30.08
N PHE E 117 40.88 -19.54 -31.23
CA PHE E 117 41.50 -20.15 -32.41
C PHE E 117 42.68 -19.29 -32.84
N PRO E 118 43.91 -19.68 -32.50
CA PRO E 118 45.07 -18.87 -32.89
C PRO E 118 45.16 -18.69 -34.39
N LYS E 119 45.47 -17.46 -34.81
CA LYS E 119 45.49 -17.13 -36.23
C LYS E 119 46.63 -17.84 -36.94
N GLU E 120 47.82 -17.85 -36.32
CA GLU E 120 48.98 -18.46 -36.97
C GLU E 120 48.86 -19.99 -37.03
N SER E 121 48.41 -20.61 -35.93
CA SER E 121 48.39 -22.06 -35.87
C SER E 121 47.27 -22.64 -36.74
N SER E 122 46.05 -22.16 -36.53
CA SER E 122 44.91 -22.69 -37.26
C SER E 122 44.82 -22.09 -38.66
N TRP E 123 43.87 -22.61 -39.44
CA TRP E 123 43.66 -22.21 -40.83
C TRP E 123 44.92 -22.32 -41.69
N PRO E 124 45.48 -23.53 -41.84
CA PRO E 124 46.64 -23.67 -42.72
C PRO E 124 46.28 -23.73 -44.19
N ASN E 125 45.01 -23.93 -44.54
CA ASN E 125 44.59 -24.07 -45.93
C ASN E 125 43.69 -22.92 -46.38
N HIS E 126 43.62 -21.84 -45.61
CA HIS E 126 42.78 -20.70 -45.92
C HIS E 126 43.57 -19.41 -45.76
N THR E 127 43.17 -18.39 -46.51
CA THR E 127 43.75 -17.06 -46.37
C THR E 127 43.01 -16.30 -45.28
N THR E 128 43.76 -15.78 -44.30
CA THR E 128 43.19 -15.12 -43.13
C THR E 128 43.47 -13.63 -43.14
N THR E 129 43.48 -13.00 -44.31
CA THR E 129 43.80 -11.58 -44.44
C THR E 129 42.63 -10.79 -45.02
N GLY E 130 41.41 -11.29 -44.82
CA GLY E 130 40.24 -10.58 -45.32
C GLY E 130 40.06 -9.25 -44.62
N VAL E 131 39.93 -8.18 -45.40
CA VAL E 131 39.72 -6.83 -44.88
C VAL E 131 38.62 -6.16 -45.69
N SER E 132 38.06 -5.11 -45.12
CA SER E 132 36.96 -4.39 -45.74
C SER E 132 37.19 -2.89 -45.63
N ALA E 133 36.69 -2.15 -46.63
CA ALA E 133 36.78 -0.70 -46.58
C ALA E 133 35.83 -0.11 -45.54
N SER E 134 34.72 -0.79 -45.26
CA SER E 134 33.80 -0.32 -44.24
C SER E 134 34.46 -0.28 -42.86
N CYS E 135 35.24 -1.31 -42.53
CA CYS E 135 35.98 -1.35 -41.26
C CYS E 135 37.35 -0.76 -41.54
N SER E 136 37.43 0.56 -41.51
CA SER E 136 38.63 1.31 -41.88
C SER E 136 39.25 1.90 -40.62
N HIS E 137 40.46 1.46 -40.29
CA HIS E 137 41.24 2.02 -39.20
C HIS E 137 42.35 2.89 -39.77
N ASN E 138 42.48 4.10 -39.24
CA ASN E 138 43.35 5.13 -39.81
C ASN E 138 42.89 5.34 -41.25
N GLY E 139 43.71 5.08 -42.25
CA GLY E 139 43.26 5.19 -43.62
C GLY E 139 43.18 3.84 -44.31
N GLU E 140 43.85 2.84 -43.75
CA GLU E 140 43.94 1.52 -44.38
C GLU E 140 42.76 0.65 -43.95
N SER E 141 42.38 -0.26 -44.84
CA SER E 141 41.28 -1.18 -44.56
C SER E 141 41.68 -2.17 -43.48
N SER E 142 40.72 -2.53 -42.64
CA SER E 142 40.95 -3.44 -41.53
C SER E 142 39.70 -4.31 -41.36
N PHE E 143 39.64 -5.00 -40.22
CA PHE E 143 38.50 -5.86 -39.89
C PHE E 143 38.39 -5.95 -38.39
N TYR E 144 37.38 -6.69 -37.92
CA TYR E 144 37.17 -6.87 -36.49
C TYR E 144 38.37 -7.56 -35.86
N LYS E 145 38.72 -7.14 -34.65
CA LYS E 145 39.85 -7.73 -33.95
C LYS E 145 39.51 -9.04 -33.26
N ASN E 146 38.22 -9.38 -33.14
CA ASN E 146 37.80 -10.63 -32.52
C ASN E 146 37.34 -11.67 -33.53
N LEU E 147 37.18 -11.29 -34.79
CA LEU E 147 36.70 -12.19 -35.84
C LEU E 147 37.74 -12.29 -36.94
N LEU E 148 37.71 -13.40 -37.67
CA LEU E 148 38.65 -13.67 -38.75
C LEU E 148 37.89 -14.01 -40.01
N TRP E 149 38.21 -13.35 -41.11
CA TRP E 149 37.57 -13.59 -42.39
C TRP E 149 38.40 -14.61 -43.17
N LEU E 150 37.78 -15.73 -43.50
CA LEU E 150 38.46 -16.82 -44.19
C LEU E 150 38.05 -16.83 -45.66
N THR E 151 39.05 -16.80 -46.54
CA THR E 151 38.84 -16.84 -47.97
C THR E 151 39.69 -17.95 -48.56
N GLY E 152 39.17 -18.59 -49.60
CA GLY E 152 39.86 -19.75 -50.15
C GLY E 152 41.24 -19.43 -50.66
N LYS E 153 42.12 -20.42 -50.57
CA LYS E 153 43.51 -20.30 -50.98
C LYS E 153 43.79 -21.20 -52.18
N ASN E 154 44.62 -20.71 -53.10
CA ASN E 154 45.01 -21.45 -54.29
C ASN E 154 43.79 -21.84 -55.13
N GLY E 155 42.81 -20.95 -55.20
CA GLY E 155 41.64 -21.21 -56.00
C GLY E 155 40.75 -22.32 -55.49
N LEU E 156 40.81 -22.64 -54.21
CA LEU E 156 39.92 -23.65 -53.66
C LEU E 156 39.71 -23.38 -52.17
N TYR E 157 38.55 -23.78 -51.68
CA TYR E 157 38.18 -23.62 -50.28
C TYR E 157 38.03 -25.00 -49.64
N PRO E 158 39.04 -25.48 -48.93
CA PRO E 158 38.91 -26.79 -48.27
C PRO E 158 37.86 -26.77 -47.18
N ASN E 159 37.27 -27.94 -46.94
CA ASN E 159 36.36 -28.11 -45.81
C ASN E 159 37.12 -27.92 -44.51
N LEU E 160 36.49 -27.26 -43.55
CA LEU E 160 37.11 -26.99 -42.26
C LEU E 160 36.27 -27.58 -41.13
N SER E 161 36.95 -28.07 -40.10
CA SER E 161 36.28 -28.64 -38.94
C SER E 161 37.16 -28.36 -37.73
N LYS E 162 36.84 -27.29 -37.01
CA LYS E 162 37.58 -26.90 -35.81
C LYS E 162 36.72 -27.06 -34.58
N SER E 163 37.35 -27.47 -33.48
CA SER E 163 36.66 -27.72 -32.23
C SER E 163 37.40 -27.05 -31.08
N TYR E 164 36.63 -26.57 -30.09
CA TYR E 164 37.20 -26.01 -28.87
C TYR E 164 36.45 -26.57 -27.69
N ALA E 165 37.18 -27.08 -26.70
CA ALA E 165 36.61 -27.60 -25.47
C ALA E 165 36.84 -26.61 -24.34
N ASN E 166 35.80 -26.29 -23.59
CA ASN E 166 35.88 -25.29 -22.54
C ASN E 166 36.50 -25.92 -21.30
N ASN E 167 37.77 -25.58 -21.04
CA ASN E 167 38.49 -26.07 -19.87
C ASN E 167 38.85 -24.94 -18.92
N LYS E 168 38.21 -23.78 -19.05
CA LYS E 168 38.53 -22.61 -18.25
C LYS E 168 37.69 -22.48 -17.00
N GLU E 169 36.78 -23.43 -16.74
CA GLU E 169 35.92 -23.48 -15.57
C GLU E 169 34.97 -22.29 -15.50
N LYS E 170 34.85 -21.51 -16.56
CA LYS E 170 33.90 -20.41 -16.65
C LYS E 170 33.21 -20.48 -18.01
N GLU E 171 32.06 -19.81 -18.10
CA GLU E 171 31.35 -19.75 -19.37
C GLU E 171 32.14 -18.94 -20.38
N VAL E 172 32.12 -19.39 -21.63
CA VAL E 172 32.88 -18.76 -22.71
C VAL E 172 31.91 -18.22 -23.74
N LEU E 173 32.08 -16.94 -24.08
CA LEU E 173 31.26 -16.28 -25.08
C LEU E 173 31.96 -16.39 -26.43
N VAL E 174 31.29 -17.03 -27.39
CA VAL E 174 31.86 -17.27 -28.73
C VAL E 174 31.05 -16.48 -29.74
N LEU E 175 31.73 -15.70 -30.56
CA LEU E 175 31.11 -14.88 -31.59
C LEU E 175 31.66 -15.29 -32.95
N TRP E 176 30.77 -15.52 -33.92
CA TRP E 176 31.15 -15.85 -35.28
C TRP E 176 30.20 -15.14 -36.22
N GLY E 177 30.34 -15.42 -37.52
CA GLY E 177 29.49 -14.80 -38.51
C GLY E 177 29.44 -15.60 -39.79
N VAL E 178 28.38 -15.36 -40.56
CA VAL E 178 28.18 -15.99 -41.87
C VAL E 178 28.06 -14.88 -42.90
N HIS E 179 28.86 -14.96 -43.96
CA HIS E 179 28.89 -13.93 -44.98
C HIS E 179 27.86 -14.21 -46.07
N HIS E 180 27.18 -13.16 -46.51
CA HIS E 180 26.18 -13.25 -47.57
C HIS E 180 26.61 -12.37 -48.74
N PRO E 181 27.22 -12.94 -49.79
CA PRO E 181 27.67 -12.11 -50.90
C PRO E 181 26.49 -11.53 -51.67
N PRO E 182 26.68 -10.40 -52.34
CA PRO E 182 25.57 -9.75 -53.04
C PRO E 182 25.10 -10.52 -54.27
N ASN E 183 26.05 -10.98 -55.07
CA ASN E 183 25.74 -11.68 -56.31
C ASN E 183 26.51 -13.00 -56.35
N ILE E 184 26.09 -13.88 -57.25
CA ILE E 184 26.70 -15.21 -57.35
C ILE E 184 28.15 -15.09 -57.79
N GLY E 185 28.50 -14.01 -58.50
CA GLY E 185 29.88 -13.83 -58.92
C GLY E 185 30.83 -13.70 -57.74
N ASP E 186 30.45 -12.88 -56.75
CA ASP E 186 31.29 -12.71 -55.57
C ASP E 186 31.37 -14.01 -54.76
N GLN E 187 30.30 -14.79 -54.70
CA GLN E 187 30.34 -16.08 -53.96
C GLN E 187 31.35 -17.02 -54.59
N ARG E 188 31.52 -16.96 -55.91
CA ARG E 188 32.39 -17.92 -56.61
C ARG E 188 33.83 -17.45 -56.57
N ALA E 189 34.05 -16.17 -56.30
CA ALA E 189 35.40 -15.60 -56.23
C ALA E 189 36.04 -15.80 -54.86
N LEU E 190 35.25 -15.71 -53.79
CA LEU E 190 35.82 -15.76 -52.43
C LEU E 190 35.71 -17.18 -51.88
N TYR E 191 34.76 -17.96 -52.39
CA TYR E 191 34.51 -19.28 -51.76
C TYR E 191 34.62 -20.40 -52.78
N HIS E 192 34.79 -20.08 -54.06
CA HIS E 192 35.00 -21.11 -55.10
C HIS E 192 33.96 -22.20 -54.95
N LYS E 193 32.68 -21.86 -54.87
CA LYS E 193 31.54 -22.80 -54.72
C LYS E 193 30.33 -21.89 -54.85
N GLU E 194 29.11 -22.41 -54.87
CA GLU E 194 27.94 -21.52 -55.07
C GLU E 194 26.84 -21.94 -54.10
N ASN E 195 27.00 -23.09 -53.47
CA ASN E 195 26.03 -23.57 -52.47
C ASN E 195 26.84 -24.03 -51.27
N ALA E 196 27.18 -23.09 -50.39
CA ALA E 196 28.04 -23.41 -49.23
C ALA E 196 27.18 -23.65 -48.01
N TYR E 197 27.80 -24.07 -46.93
CA TYR E 197 27.06 -24.41 -45.70
C TYR E 197 27.91 -24.11 -44.52
N VAL E 198 27.33 -23.57 -43.46
CA VAL E 198 28.03 -23.40 -42.19
C VAL E 198 27.26 -24.14 -41.10
N SER E 199 27.97 -24.89 -40.28
CA SER E 199 27.37 -25.62 -39.18
C SER E 199 28.14 -25.35 -37.90
N VAL E 200 27.41 -24.97 -36.84
CA VAL E 200 27.96 -24.80 -35.50
C VAL E 200 27.15 -25.68 -34.58
N VAL E 201 27.82 -26.62 -33.90
CA VAL E 201 27.16 -27.60 -33.06
C VAL E 201 27.81 -27.61 -31.69
N SER E 202 26.99 -27.49 -30.65
CA SER E 202 27.43 -27.63 -29.27
C SER E 202 26.47 -28.58 -28.57
N SER E 203 26.71 -28.81 -27.28
CA SER E 203 25.82 -29.70 -26.53
C SER E 203 24.43 -29.11 -26.33
N HIS E 204 24.30 -27.78 -26.42
CA HIS E 204 23.00 -27.14 -26.26
C HIS E 204 22.70 -26.12 -27.34
N TYR E 205 23.58 -25.97 -28.34
CA TYR E 205 23.36 -25.02 -29.43
C TYR E 205 23.72 -25.73 -30.74
N SER E 206 22.76 -25.77 -31.64
CA SER E 206 23.02 -26.34 -32.98
C SER E 206 22.24 -25.55 -34.02
N ARG E 207 22.90 -24.99 -35.02
CA ARG E 207 22.17 -24.32 -36.12
C ARG E 207 22.93 -24.55 -37.43
N LYS E 208 22.31 -24.63 -38.51
CA LYS E 208 22.91 -24.78 -39.84
C LYS E 208 22.56 -23.54 -40.66
N PHE E 209 23.55 -22.84 -41.19
CA PHE E 209 23.39 -21.59 -41.90
C PHE E 209 23.67 -21.81 -43.37
N THR E 210 22.80 -21.31 -44.23
CA THR E 210 22.98 -21.33 -45.67
C THR E 210 23.08 -19.89 -46.18
N PRO E 211 24.14 -19.54 -46.89
CA PRO E 211 24.26 -18.17 -47.39
C PRO E 211 23.08 -17.76 -48.26
N GLU E 212 22.63 -16.52 -48.06
CA GLU E 212 21.58 -15.93 -48.88
C GLU E 212 22.21 -14.87 -49.77
N ILE E 213 22.10 -15.05 -51.08
CA ILE E 213 22.75 -14.18 -52.05
C ILE E 213 21.68 -13.29 -52.65
N ALA E 214 21.60 -12.05 -52.16
CA ALA E 214 20.65 -11.07 -52.67
C ALA E 214 21.27 -9.69 -52.56
N LYS E 215 20.82 -8.78 -53.43
CA LYS E 215 21.30 -7.42 -53.44
C LYS E 215 20.46 -6.57 -52.49
N ARG E 216 21.11 -5.75 -51.69
CA ARG E 216 20.49 -4.99 -50.63
C ARG E 216 20.94 -3.53 -50.70
N PRO E 217 20.20 -2.60 -50.07
CA PRO E 217 20.60 -1.20 -50.09
C PRO E 217 22.00 -0.99 -49.55
N LYS E 218 22.76 -0.09 -50.18
CA LYS E 218 24.16 0.09 -49.83
C LYS E 218 24.29 0.77 -48.48
N VAL E 219 24.81 0.02 -47.51
CA VAL E 219 25.09 0.60 -46.18
C VAL E 219 26.60 0.47 -45.98
N ARG E 220 27.27 1.52 -45.53
CA ARG E 220 28.76 1.47 -45.41
C ARG E 220 29.36 1.02 -46.75
N ASP E 221 28.79 1.46 -47.88
CA ASP E 221 29.35 1.18 -49.24
C ASP E 221 29.31 -0.31 -49.59
N GLN E 222 28.63 -1.13 -48.80
CA GLN E 222 28.56 -2.55 -49.02
C GLN E 222 27.16 -2.98 -49.41
N GLU E 223 27.07 -3.92 -50.36
CA GLU E 223 25.81 -4.51 -50.76
C GLU E 223 25.60 -5.89 -50.20
N GLY E 224 26.62 -6.49 -49.58
CA GLY E 224 26.51 -7.74 -48.88
C GLY E 224 26.44 -7.53 -47.38
N ARG E 225 26.06 -8.59 -46.68
CA ARG E 225 25.85 -8.52 -45.24
C ARG E 225 26.53 -9.70 -44.55
N ILE E 226 27.02 -9.45 -43.34
CA ILE E 226 27.57 -10.48 -42.48
C ILE E 226 26.68 -10.57 -41.25
N ASN E 227 26.03 -11.71 -41.06
CA ASN E 227 25.15 -11.91 -39.92
C ASN E 227 25.94 -12.49 -38.75
N TYR E 228 25.84 -11.84 -37.60
CA TYR E 228 26.64 -12.17 -36.43
C TYR E 228 25.83 -13.00 -35.45
N TYR E 229 26.48 -14.01 -34.87
CA TYR E 229 25.84 -14.95 -33.97
C TYR E 229 26.73 -15.14 -32.74
N TRP E 230 26.11 -15.51 -31.63
CA TRP E 230 26.83 -15.70 -30.39
C TRP E 230 26.24 -16.87 -29.62
N THR E 231 27.08 -17.45 -28.76
CA THR E 231 26.66 -18.58 -27.93
C THR E 231 27.47 -18.56 -26.65
N LEU E 232 26.98 -19.28 -25.64
CA LEU E 232 27.67 -19.45 -24.37
C LEU E 232 28.01 -20.92 -24.19
N LEU E 233 29.27 -21.19 -23.86
CA LEU E 233 29.75 -22.54 -23.68
C LEU E 233 29.92 -22.80 -22.19
N GLU E 234 29.17 -23.77 -21.67
CA GLU E 234 29.31 -24.16 -20.27
C GLU E 234 30.65 -24.84 -20.05
N PRO E 235 31.16 -24.83 -18.82
CA PRO E 235 32.42 -25.51 -18.54
C PRO E 235 32.33 -27.00 -18.88
N GLY E 236 33.40 -27.53 -19.45
CA GLY E 236 33.42 -28.93 -19.84
C GLY E 236 32.68 -29.24 -21.12
N ASP E 237 32.24 -28.24 -21.86
CA ASP E 237 31.50 -28.43 -23.09
C ASP E 237 32.38 -28.05 -24.29
N THR E 238 31.99 -28.52 -25.47
CA THR E 238 32.75 -28.28 -26.68
C THR E 238 31.86 -27.69 -27.76
N ILE E 239 32.48 -27.00 -28.70
CA ILE E 239 31.80 -26.40 -29.85
C ILE E 239 32.55 -26.80 -31.11
N ILE E 240 31.80 -27.14 -32.15
CA ILE E 240 32.36 -27.65 -33.40
C ILE E 240 31.94 -26.73 -34.53
N PHE E 241 32.92 -26.25 -35.29
CA PHE E 241 32.68 -25.38 -36.44
C PHE E 241 32.99 -26.16 -37.70
N GLU E 242 31.96 -26.56 -38.43
CA GLU E 242 32.11 -27.22 -39.71
C GLU E 242 31.54 -26.30 -40.79
N ALA E 243 32.35 -26.00 -41.80
CA ALA E 243 31.92 -25.14 -42.88
C ALA E 243 32.75 -25.42 -44.13
N ASN E 244 32.19 -25.03 -45.27
CA ASN E 244 32.90 -25.06 -46.54
C ASN E 244 32.81 -23.72 -47.25
N GLY E 245 32.56 -22.64 -46.52
CA GLY E 245 32.48 -21.31 -47.09
C GLY E 245 31.57 -20.41 -46.28
N ASN E 246 31.77 -19.10 -46.40
CA ASN E 246 30.92 -18.10 -45.76
C ASN E 246 30.99 -18.20 -44.24
N LEU E 247 32.20 -18.28 -43.70
CA LEU E 247 32.43 -18.34 -42.27
C LEU E 247 33.37 -17.21 -41.86
N ILE E 248 32.93 -16.38 -40.92
CA ILE E 248 33.80 -15.41 -40.27
C ILE E 248 34.18 -16.04 -38.93
N ALA E 249 35.29 -16.76 -38.94
CA ALA E 249 35.63 -17.63 -37.83
C ALA E 249 35.99 -16.82 -36.59
N PRO E 250 35.69 -17.35 -35.40
CA PRO E 250 36.11 -16.68 -34.17
C PRO E 250 37.62 -16.60 -34.06
N ARG E 251 38.09 -15.50 -33.49
CA ARG E 251 39.50 -15.32 -33.19
C ARG E 251 39.76 -15.17 -31.70
N TYR E 252 39.08 -14.24 -31.04
CA TYR E 252 39.21 -14.03 -29.61
C TYR E 252 37.88 -14.31 -28.94
N ALA E 253 37.89 -15.20 -27.96
CA ALA E 253 36.71 -15.51 -27.16
C ALA E 253 36.80 -14.82 -25.82
N PHE E 254 35.70 -14.88 -25.07
CA PHE E 254 35.59 -14.19 -23.78
C PHE E 254 35.09 -15.19 -22.74
N ALA E 255 35.92 -15.45 -21.74
CA ALA E 255 35.52 -16.25 -20.59
C ALA E 255 35.04 -15.32 -19.49
N LEU E 256 33.78 -15.46 -19.09
CA LEU E 256 33.18 -14.51 -18.18
C LEU E 256 32.42 -15.24 -17.08
N SER E 257 32.32 -14.58 -15.93
CA SER E 257 31.44 -14.99 -14.85
C SER E 257 30.49 -13.84 -14.56
N ARG E 258 29.20 -14.12 -14.53
CA ARG E 258 28.19 -13.07 -14.48
C ARG E 258 27.70 -12.89 -13.05
N GLY E 259 27.72 -11.64 -12.57
CA GLY E 259 27.28 -11.33 -11.23
C GLY E 259 26.03 -10.48 -11.20
N PHE E 260 24.95 -11.03 -10.63
CA PHE E 260 23.65 -10.38 -10.50
C PHE E 260 23.18 -9.74 -11.80
N GLY E 261 22.27 -8.78 -11.69
CA GLY E 261 21.69 -8.13 -12.85
C GLY E 261 21.97 -6.64 -12.85
N SER E 262 22.15 -6.09 -14.04
CA SER E 262 22.40 -4.66 -14.20
C SER E 262 21.80 -4.22 -15.53
N GLY E 263 22.18 -3.04 -15.98
CA GLY E 263 21.66 -2.50 -17.22
C GLY E 263 22.66 -1.60 -17.90
N ILE E 264 22.25 -1.10 -19.06
CA ILE E 264 23.04 -0.16 -19.85
C ILE E 264 22.39 1.21 -19.74
N ILE E 265 23.18 2.22 -19.40
CA ILE E 265 22.70 3.59 -19.25
C ILE E 265 23.12 4.39 -20.47
N ASN E 266 22.15 4.98 -21.15
CA ASN E 266 22.41 5.87 -22.29
C ASN E 266 22.48 7.29 -21.76
N SER E 267 23.68 7.85 -21.71
CA SER E 267 23.87 9.15 -21.10
C SER E 267 25.10 9.83 -21.66
N ASN E 268 25.15 11.15 -21.50
CA ASN E 268 26.32 11.96 -21.85
C ASN E 268 26.98 12.56 -20.62
N ALA E 269 26.62 12.10 -19.43
CA ALA E 269 27.14 12.68 -18.20
C ALA E 269 28.62 12.34 -18.02
N PRO E 270 29.38 13.24 -17.40
CA PRO E 270 30.78 12.93 -17.10
C PRO E 270 30.91 11.78 -16.12
N MET E 271 32.00 11.03 -16.27
CA MET E 271 32.31 9.92 -15.38
C MET E 271 33.36 10.37 -14.38
N ASP E 272 33.06 10.21 -13.09
CA ASP E 272 33.96 10.69 -12.04
C ASP E 272 34.02 9.65 -10.94
N GLU E 273 35.11 9.71 -10.17
CA GLU E 273 35.35 8.76 -9.08
C GLU E 273 34.50 9.16 -7.88
N CYS E 274 33.43 8.42 -7.65
CA CYS E 274 32.58 8.63 -6.48
C CYS E 274 31.85 7.34 -6.16
N ASP E 275 31.46 7.19 -4.91
CA ASP E 275 30.68 6.05 -4.45
C ASP E 275 29.23 6.47 -4.28
N ALA E 276 28.33 5.77 -4.96
CA ALA E 276 26.90 6.03 -4.87
C ALA E 276 26.16 4.72 -4.72
N LYS E 277 24.97 4.80 -4.13
CA LYS E 277 24.10 3.65 -3.97
C LYS E 277 23.04 3.57 -5.06
N CYS E 278 22.80 4.67 -5.78
CA CYS E 278 21.83 4.73 -6.87
C CYS E 278 22.44 5.46 -8.04
N GLN E 279 22.00 5.11 -9.25
CA GLN E 279 22.51 5.72 -10.47
C GLN E 279 21.37 5.95 -11.45
N THR E 280 21.16 7.21 -11.82
CA THR E 280 20.20 7.61 -12.84
C THR E 280 20.93 7.92 -14.14
N PRO E 281 20.21 7.97 -15.26
CA PRO E 281 20.86 8.37 -16.51
C PRO E 281 21.54 9.72 -16.45
N GLN E 282 20.95 10.70 -15.77
CA GLN E 282 21.48 12.05 -15.76
C GLN E 282 22.30 12.37 -14.51
N GLY E 283 22.56 11.39 -13.65
CA GLY E 283 23.34 11.64 -12.46
C GLY E 283 23.18 10.49 -11.48
N ALA E 284 23.68 10.73 -10.27
CA ALA E 284 23.61 9.77 -9.18
C ALA E 284 23.01 10.42 -7.95
N ILE E 285 22.27 9.63 -7.18
CA ILE E 285 21.60 10.09 -5.97
C ILE E 285 22.39 9.62 -4.77
N ASN E 286 22.80 10.56 -3.92
CA ASN E 286 23.46 10.26 -2.65
C ASN E 286 22.54 10.77 -1.54
N SER E 287 21.59 9.94 -1.15
CA SER E 287 20.63 10.33 -0.13
C SER E 287 19.97 9.07 0.43
N SER E 288 19.55 9.16 1.70
CA SER E 288 18.86 8.08 2.37
C SER E 288 17.35 8.24 2.35
N LEU E 289 16.83 9.22 1.63
CA LEU E 289 15.40 9.45 1.59
C LEU E 289 14.71 8.29 0.87
N PRO E 290 13.50 7.91 1.29
CA PRO E 290 12.84 6.74 0.68
C PRO E 290 12.23 6.98 -0.67
N PHE E 291 12.01 8.24 -1.08
CA PHE E 291 11.31 8.53 -2.31
C PHE E 291 12.14 9.45 -3.19
N GLN E 292 11.77 9.52 -4.46
CA GLN E 292 12.61 10.08 -5.50
C GLN E 292 11.78 10.41 -6.73
N ASN E 293 12.05 11.56 -7.35
CA ASN E 293 11.33 11.98 -8.54
C ASN E 293 12.29 12.56 -9.58
N VAL E 294 13.47 11.96 -9.72
CA VAL E 294 14.45 12.41 -10.69
C VAL E 294 14.21 11.70 -12.01
N HIS E 295 14.31 10.37 -11.99
CA HIS E 295 14.15 9.57 -13.20
C HIS E 295 13.54 8.22 -12.85
N PRO E 296 12.64 7.71 -13.68
CA PRO E 296 12.02 6.41 -13.37
C PRO E 296 12.99 5.24 -13.43
N VAL E 297 13.85 5.19 -14.45
CA VAL E 297 14.76 4.07 -14.63
C VAL E 297 16.08 4.38 -13.92
N THR E 298 16.53 3.44 -13.09
CA THR E 298 17.74 3.60 -12.29
C THR E 298 18.45 2.25 -12.22
N ILE E 299 19.66 2.26 -11.68
CA ILE E 299 20.44 1.06 -11.42
C ILE E 299 20.95 1.12 -9.99
N GLY E 300 20.73 0.06 -9.24
CA GLY E 300 21.22 -0.05 -7.87
C GLY E 300 20.08 0.03 -6.86
N GLU E 301 20.48 0.00 -5.60
CA GLU E 301 19.55 0.16 -4.48
C GLU E 301 19.09 1.61 -4.47
N CYS E 302 17.86 1.85 -4.92
CA CYS E 302 17.40 3.20 -5.18
C CYS E 302 16.10 3.49 -4.44
N PRO E 303 15.88 4.74 -4.06
CA PRO E 303 14.58 5.12 -3.52
C PRO E 303 13.49 4.97 -4.57
N LYS E 304 12.28 4.69 -4.10
CA LYS E 304 11.17 4.45 -5.01
C LYS E 304 10.80 5.71 -5.77
N TYR E 305 10.50 5.56 -7.05
CA TYR E 305 10.11 6.69 -7.88
C TYR E 305 8.63 6.98 -7.68
N VAL E 306 8.31 8.26 -7.51
CA VAL E 306 6.93 8.71 -7.36
C VAL E 306 6.72 9.90 -8.28
N ARG E 307 5.46 10.14 -8.62
CA ARG E 307 5.08 11.26 -9.47
C ARG E 307 4.75 12.52 -8.67
N SER E 308 4.90 12.48 -7.35
CA SER E 308 4.59 13.64 -6.53
C SER E 308 5.63 14.74 -6.72
N ALA E 309 5.18 15.99 -6.63
CA ALA E 309 6.07 17.12 -6.74
C ALA E 309 6.75 17.45 -5.41
N LYS E 310 6.10 17.15 -4.29
CA LYS E 310 6.70 17.38 -2.98
C LYS E 310 6.11 16.40 -1.98
N LEU E 311 6.96 15.92 -1.07
CA LEU E 311 6.55 15.08 0.05
C LEU E 311 7.23 15.65 1.29
N ARG E 312 6.56 16.59 1.95
CA ARG E 312 7.08 17.23 3.15
C ARG E 312 6.27 16.76 4.35
N MET E 313 6.98 16.36 5.41
CA MET E 313 6.36 15.78 6.59
C MET E 313 6.63 16.67 7.79
N VAL E 314 5.56 16.98 8.53
CA VAL E 314 5.68 17.93 9.64
C VAL E 314 6.43 17.30 10.79
N THR E 315 7.29 18.08 11.43
CA THR E 315 7.89 17.71 12.71
C THR E 315 7.63 18.72 13.81
N GLY E 316 7.24 19.95 13.48
CA GLY E 316 6.99 20.99 14.44
C GLY E 316 5.53 21.37 14.54
N LEU E 317 5.28 22.56 15.06
CA LEU E 317 3.95 23.03 15.36
C LEU E 317 3.37 23.83 14.20
N ARG E 318 2.08 24.14 14.31
CA ARG E 318 1.44 25.05 13.38
C ARG E 318 1.89 26.48 13.67
N ASN E 319 2.34 27.18 12.64
CA ASN E 319 2.97 28.49 12.82
C ASN E 319 1.89 29.55 12.91
N ILE E 320 1.66 30.06 14.12
CA ILE E 320 0.70 31.14 14.34
C ILE E 320 1.39 32.25 15.12
N PRO E 321 2.22 33.07 14.47
CA PRO E 321 2.88 34.16 15.20
C PRO E 321 2.00 35.39 15.26
N SER E 322 1.79 35.92 16.46
CA SER E 322 0.97 37.09 16.66
C SER E 322 1.48 37.94 17.82
N LEU F 2 -8.07 19.34 17.42
CA LEU F 2 -8.65 18.08 17.88
C LEU F 2 -8.83 18.11 19.39
N PHE F 3 -7.90 18.76 20.09
CA PHE F 3 -7.97 18.94 21.53
C PHE F 3 -8.26 20.38 21.93
N GLY F 4 -8.40 21.28 20.96
CA GLY F 4 -8.81 22.65 21.25
C GLY F 4 -7.81 23.46 22.05
N ALA F 5 -6.52 23.31 21.77
CA ALA F 5 -5.50 24.09 22.47
C ALA F 5 -4.64 24.94 21.55
N ILE F 6 -4.20 24.41 20.41
CA ILE F 6 -3.31 25.16 19.53
C ILE F 6 -4.07 26.30 18.86
N ALA F 7 -5.28 26.02 18.38
CA ALA F 7 -6.16 27.05 17.84
C ALA F 7 -7.41 27.24 18.68
N GLY F 8 -7.42 26.71 19.90
CA GLY F 8 -8.59 26.81 20.75
C GLY F 8 -8.50 27.97 21.71
N PHE F 9 -8.29 27.67 23.00
CA PHE F 9 -8.21 28.74 23.99
C PHE F 9 -6.85 29.41 24.04
N ILE F 10 -5.88 28.93 23.28
CA ILE F 10 -4.59 29.60 23.11
C ILE F 10 -4.49 29.95 21.63
N GLU F 11 -4.88 31.18 21.27
CA GLU F 11 -5.01 31.54 19.87
C GLU F 11 -3.67 31.52 19.15
N GLY F 12 -2.65 32.14 19.75
CA GLY F 12 -1.39 32.29 19.05
C GLY F 12 -0.19 31.72 19.77
N GLY F 13 0.90 31.50 19.03
CA GLY F 13 2.13 31.03 19.61
C GLY F 13 3.01 32.17 20.10
N TRP F 14 4.11 31.80 20.74
CA TRP F 14 5.04 32.75 21.34
C TRP F 14 6.32 32.76 20.52
N THR F 15 6.56 33.88 19.84
CA THR F 15 7.77 34.02 19.04
C THR F 15 9.00 34.20 19.91
N GLY F 16 8.83 34.71 21.12
CA GLY F 16 9.95 34.95 22.01
C GLY F 16 10.41 33.75 22.80
N MET F 17 9.68 32.64 22.75
CA MET F 17 10.06 31.40 23.43
C MET F 17 10.76 30.54 22.38
N VAL F 18 12.07 30.71 22.27
CA VAL F 18 12.85 30.15 21.18
C VAL F 18 13.68 28.95 21.63
N ASP F 19 13.38 28.38 22.79
CA ASP F 19 14.16 27.29 23.34
C ASP F 19 13.39 25.98 23.44
N GLY F 20 12.22 25.89 22.83
CA GLY F 20 11.46 24.65 22.89
C GLY F 20 10.18 24.77 22.10
N TRP F 21 9.41 23.68 22.10
CA TRP F 21 8.10 23.69 21.46
C TRP F 21 7.01 24.15 22.43
N TYR F 22 7.01 23.62 23.64
CA TYR F 22 6.03 23.98 24.66
C TYR F 22 6.76 24.59 25.84
N GLY F 23 6.10 25.51 26.54
CA GLY F 23 6.75 26.17 27.65
C GLY F 23 5.80 27.08 28.41
N TYR F 24 6.41 27.90 29.26
CA TYR F 24 5.69 28.74 30.20
C TYR F 24 6.10 30.20 30.03
N HIS F 25 5.19 31.10 30.36
CA HIS F 25 5.48 32.52 30.50
C HIS F 25 4.95 32.96 31.85
N HIS F 26 5.81 33.61 32.63
CA HIS F 26 5.45 34.02 33.98
C HIS F 26 5.72 35.51 34.16
N GLN F 27 4.99 36.12 35.09
CA GLN F 27 5.17 37.53 35.40
C GLN F 27 4.94 37.72 36.89
N ASN F 28 6.01 38.07 37.61
CA ASN F 28 5.91 38.39 39.02
C ASN F 28 6.72 39.66 39.27
N GLU F 29 6.89 40.01 40.55
CA GLU F 29 7.62 41.23 40.88
C GLU F 29 9.09 41.15 40.50
N GLN F 30 9.70 39.97 40.65
CA GLN F 30 11.11 39.81 40.30
C GLN F 30 11.36 39.90 38.80
N GLY F 31 10.33 39.79 37.97
CA GLY F 31 10.49 39.91 36.54
C GLY F 31 9.60 38.98 35.74
N SER F 32 9.75 39.01 34.41
CA SER F 32 8.96 38.18 33.52
C SER F 32 9.88 37.55 32.48
N GLY F 33 9.46 36.42 31.94
CA GLY F 33 10.28 35.76 30.93
C GLY F 33 9.57 34.56 30.34
N TYR F 34 10.22 34.00 29.33
CA TYR F 34 9.75 32.80 28.65
C TYR F 34 10.69 31.64 28.99
N ALA F 35 10.10 30.47 29.25
CA ALA F 35 10.87 29.26 29.46
C ALA F 35 10.13 28.10 28.81
N ALA F 36 10.86 27.04 28.51
CA ALA F 36 10.30 25.86 27.86
C ALA F 36 10.30 24.68 28.82
N ASP F 37 9.28 23.85 28.71
CA ASP F 37 9.21 22.62 29.50
C ASP F 37 10.13 21.59 28.86
N GLN F 38 11.20 21.23 29.56
CA GLN F 38 12.19 20.32 29.00
C GLN F 38 11.61 18.92 28.81
N LYS F 39 10.82 18.44 29.77
CA LYS F 39 10.32 17.07 29.70
C LYS F 39 9.39 16.88 28.51
N SER F 40 8.38 17.74 28.38
CA SER F 40 7.42 17.59 27.29
C SER F 40 8.08 17.79 25.93
N THR F 41 8.95 18.80 25.82
CA THR F 41 9.65 19.03 24.56
C THR F 41 10.53 17.85 24.18
N GLN F 42 11.25 17.30 25.16
CA GLN F 42 12.13 16.16 24.87
C GLN F 42 11.34 14.93 24.47
N ASN F 43 10.22 14.65 25.15
CA ASN F 43 9.39 13.52 24.77
C ASN F 43 8.82 13.70 23.37
N ALA F 44 8.36 14.92 23.06
CA ALA F 44 7.83 15.17 21.72
C ALA F 44 8.92 15.00 20.66
N ILE F 45 10.13 15.48 20.95
CA ILE F 45 11.23 15.34 20.00
C ILE F 45 11.57 13.87 19.78
N ASN F 46 11.63 13.09 20.87
CA ASN F 46 11.90 11.66 20.74
C ASN F 46 10.83 10.97 19.91
N GLY F 47 9.56 11.26 20.18
CA GLY F 47 8.49 10.63 19.43
C GLY F 47 8.51 10.99 17.95
N ILE F 48 8.72 12.27 17.63
CA ILE F 48 8.72 12.68 16.23
C ILE F 48 9.94 12.13 15.51
N THR F 49 11.08 12.08 16.18
CA THR F 49 12.27 11.47 15.58
C THR F 49 12.04 9.99 15.31
N ASN F 50 11.40 9.29 16.25
CA ASN F 50 11.10 7.87 16.03
C ASN F 50 10.15 7.70 14.85
N LYS F 51 9.14 8.57 14.73
CA LYS F 51 8.20 8.46 13.63
C LYS F 51 8.88 8.71 12.28
N VAL F 52 9.73 9.74 12.22
CA VAL F 52 10.43 10.05 10.98
C VAL F 52 11.37 8.91 10.60
N ASN F 53 12.09 8.37 11.57
CA ASN F 53 12.98 7.24 11.28
C ASN F 53 12.20 6.00 10.88
N SER F 54 11.04 5.77 11.48
CA SER F 54 10.21 4.64 11.08
C SER F 54 9.76 4.78 9.64
N VAL F 55 9.40 6.00 9.23
CA VAL F 55 9.00 6.21 7.84
C VAL F 55 10.19 6.02 6.89
N ILE F 56 11.36 6.54 7.28
CA ILE F 56 12.49 6.56 6.35
C ILE F 56 13.16 5.19 6.27
N GLU F 57 13.65 4.68 7.40
CA GLU F 57 14.51 3.51 7.40
C GLU F 57 13.76 2.20 7.22
N LYS F 58 12.43 2.21 7.21
CA LYS F 58 11.69 0.97 6.97
C LYS F 58 11.67 0.57 5.50
N MET F 59 12.18 1.42 4.61
CA MET F 59 12.22 1.10 3.18
C MET F 59 13.58 0.49 2.87
N ASN F 60 13.62 -0.85 2.86
CA ASN F 60 14.82 -1.59 2.49
C ASN F 60 14.65 -2.09 1.05
N THR F 61 15.57 -1.68 0.18
CA THR F 61 15.50 -2.00 -1.24
C THR F 61 16.73 -2.81 -1.65
N GLN F 62 16.51 -3.78 -2.52
CA GLN F 62 17.58 -4.62 -3.04
C GLN F 62 18.11 -4.06 -4.36
N PHE F 63 19.28 -4.54 -4.75
CA PHE F 63 19.90 -4.12 -5.99
C PHE F 63 19.06 -4.61 -7.17
N THR F 64 18.62 -3.69 -8.02
CA THR F 64 17.80 -4.05 -9.17
C THR F 64 18.02 -3.03 -10.27
N ALA F 65 17.73 -3.45 -11.50
CA ALA F 65 17.79 -2.53 -12.65
C ALA F 65 16.40 -2.50 -13.31
N VAL F 66 15.81 -1.33 -13.45
CA VAL F 66 14.46 -1.19 -13.99
C VAL F 66 14.44 -1.26 -15.51
N GLY F 67 15.50 -0.78 -16.17
CA GLY F 67 15.51 -0.74 -17.62
C GLY F 67 15.55 -2.14 -18.23
N LYS F 68 14.86 -2.28 -19.35
CA LYS F 68 14.81 -3.53 -20.09
C LYS F 68 14.51 -3.22 -21.55
N GLU F 69 15.20 -3.89 -22.47
CA GLU F 69 15.10 -3.60 -23.89
C GLU F 69 14.56 -4.81 -24.63
N PHE F 70 13.59 -4.57 -25.51
CA PHE F 70 12.96 -5.60 -26.31
C PHE F 70 12.94 -5.17 -27.77
N ASN F 71 13.01 -6.17 -28.66
CA ASN F 71 13.09 -5.90 -30.09
C ASN F 71 11.68 -5.67 -30.64
N LYS F 72 11.59 -5.52 -31.97
CA LYS F 72 10.33 -5.15 -32.59
C LYS F 72 9.31 -6.29 -32.55
N LEU F 73 9.77 -7.54 -32.56
CA LEU F 73 8.89 -8.69 -32.62
C LEU F 73 8.41 -9.15 -31.25
N GLU F 74 8.80 -8.41 -30.20
CA GLU F 74 8.40 -8.71 -28.80
C GLU F 74 7.80 -7.48 -28.12
N ARG F 75 6.52 -7.19 -28.37
CA ARG F 75 5.84 -6.02 -27.78
C ARG F 75 5.04 -6.46 -26.55
N ARG F 76 4.46 -7.66 -26.58
CA ARG F 76 3.76 -8.17 -25.38
C ARG F 76 4.76 -8.10 -24.22
N MET F 77 6.06 -8.24 -24.53
CA MET F 77 7.09 -8.18 -23.50
C MET F 77 7.22 -6.75 -22.98
N GLU F 78 7.35 -5.81 -23.90
CA GLU F 78 7.47 -4.40 -23.54
C GLU F 78 6.24 -3.90 -22.81
N ASN F 79 5.06 -4.30 -23.27
CA ASN F 79 3.83 -3.86 -22.63
C ASN F 79 3.69 -4.43 -21.23
N LEU F 80 4.08 -5.68 -21.03
CA LEU F 80 4.07 -6.26 -19.68
C LEU F 80 5.05 -5.53 -18.76
N ASN F 81 6.25 -5.24 -19.26
CA ASN F 81 7.22 -4.51 -18.45
C ASN F 81 6.71 -3.13 -18.09
N LYS F 82 6.10 -2.43 -19.05
CA LYS F 82 5.54 -1.11 -18.79
C LYS F 82 4.41 -1.19 -17.78
N LYS F 83 3.56 -2.22 -17.89
CA LYS F 83 2.48 -2.38 -16.93
C LYS F 83 3.02 -2.57 -15.52
N VAL F 84 4.05 -3.41 -15.38
CA VAL F 84 4.64 -3.65 -14.06
C VAL F 84 5.20 -2.35 -13.48
N ASP F 85 5.99 -1.63 -14.28
CA ASP F 85 6.63 -0.41 -13.78
C ASP F 85 5.59 0.64 -13.42
N ASP F 86 4.59 0.84 -14.28
CA ASP F 86 3.57 1.85 -14.02
C ASP F 86 2.74 1.50 -12.80
N GLY F 87 2.40 0.22 -12.63
CA GLY F 87 1.66 -0.18 -11.45
C GLY F 87 2.43 0.05 -10.17
N PHE F 88 3.72 -0.29 -10.17
CA PHE F 88 4.53 -0.01 -8.98
C PHE F 88 4.60 1.48 -8.69
N ILE F 89 4.78 2.29 -9.74
CA ILE F 89 4.86 3.73 -9.54
C ILE F 89 3.55 4.28 -8.98
N ASP F 90 2.43 3.82 -9.50
CA ASP F 90 1.12 4.28 -9.03
C ASP F 90 0.91 3.90 -7.57
N ILE F 91 1.23 2.66 -7.21
CA ILE F 91 1.04 2.21 -5.83
C ILE F 91 1.90 3.05 -4.89
N TRP F 92 3.17 3.24 -5.24
CA TRP F 92 4.06 3.97 -4.36
C TRP F 92 3.66 5.44 -4.24
N THR F 93 3.25 6.06 -5.34
CA THR F 93 2.82 7.46 -5.29
C THR F 93 1.61 7.63 -4.38
N TYR F 94 0.59 6.80 -4.59
CA TYR F 94 -0.63 6.89 -3.79
C TYR F 94 -0.31 6.68 -2.32
N ASN F 95 0.43 5.61 -2.00
CA ASN F 95 0.72 5.29 -0.61
C ASN F 95 1.54 6.39 0.05
N ALA F 96 2.56 6.91 -0.63
CA ALA F 96 3.40 7.93 -0.04
C ALA F 96 2.61 9.21 0.22
N GLU F 97 1.80 9.63 -0.75
CA GLU F 97 1.05 10.87 -0.58
C GLU F 97 0.06 10.76 0.57
N LEU F 98 -0.71 9.66 0.61
CA LEU F 98 -1.70 9.54 1.67
C LEU F 98 -1.06 9.35 3.04
N LEU F 99 0.07 8.63 3.08
CA LEU F 99 0.81 8.48 4.33
C LEU F 99 1.28 9.83 4.85
N VAL F 100 1.81 10.67 3.96
CA VAL F 100 2.29 11.98 4.39
C VAL F 100 1.14 12.81 4.93
N LEU F 101 0.00 12.83 4.23
CA LEU F 101 -1.14 13.60 4.71
C LEU F 101 -1.58 13.14 6.10
N LEU F 102 -1.82 11.84 6.25
CA LEU F 102 -2.34 11.33 7.52
C LEU F 102 -1.34 11.53 8.65
N GLU F 103 -0.04 11.36 8.37
CA GLU F 103 0.98 11.54 9.38
C GLU F 103 1.11 12.99 9.79
N ASN F 104 0.95 13.93 8.85
CA ASN F 104 0.94 15.34 9.22
C ASN F 104 -0.23 15.66 10.15
N GLU F 105 -1.41 15.12 9.84
CA GLU F 105 -2.56 15.32 10.72
C GLU F 105 -2.28 14.78 12.11
N ARG F 106 -1.70 13.58 12.19
CA ARG F 106 -1.46 12.97 13.49
C ARG F 106 -0.39 13.73 14.27
N THR F 107 0.62 14.27 13.59
CA THR F 107 1.63 15.07 14.28
C THR F 107 1.03 16.34 14.87
N LEU F 108 0.17 17.02 14.11
CA LEU F 108 -0.48 18.21 14.64
C LEU F 108 -1.37 17.86 15.84
N ASP F 109 -2.09 16.74 15.77
CA ASP F 109 -2.89 16.31 16.90
C ASP F 109 -2.02 15.99 18.11
N PHE F 110 -0.84 15.39 17.87
CA PHE F 110 0.10 15.08 18.95
C PHE F 110 0.54 16.35 19.67
N HIS F 111 0.88 17.38 18.91
CA HIS F 111 1.29 18.65 19.52
C HIS F 111 0.14 19.28 20.30
N ASP F 112 -1.07 19.25 19.74
CA ASP F 112 -2.24 19.77 20.44
C ASP F 112 -2.44 19.04 21.77
N SER F 113 -2.32 17.71 21.75
CA SER F 113 -2.48 16.93 22.97
C SER F 113 -1.42 17.27 23.99
N ASN F 114 -0.18 17.49 23.54
CA ASN F 114 0.89 17.85 24.47
C ASN F 114 0.59 19.16 25.18
N VAL F 115 0.18 20.17 24.41
CA VAL F 115 -0.13 21.48 25.00
C VAL F 115 -1.31 21.35 25.98
N LYS F 116 -2.35 20.62 25.57
CA LYS F 116 -3.52 20.46 26.43
C LYS F 116 -3.17 19.74 27.73
N ASN F 117 -2.33 18.70 27.64
CA ASN F 117 -1.95 17.96 28.83
C ASN F 117 -1.11 18.81 29.77
N LEU F 118 -0.21 19.64 29.22
CA LEU F 118 0.58 20.52 30.08
C LEU F 118 -0.32 21.52 30.80
N TYR F 119 -1.27 22.11 30.07
CA TYR F 119 -2.21 23.03 30.70
C TYR F 119 -3.02 22.34 31.80
N GLU F 120 -3.48 21.11 31.54
CA GLU F 120 -4.27 20.39 32.53
C GLU F 120 -3.43 20.05 33.76
N LYS F 121 -2.15 19.72 33.56
CA LYS F 121 -1.27 19.46 34.69
C LYS F 121 -1.13 20.69 35.57
N VAL F 122 -0.91 21.86 34.95
CA VAL F 122 -0.79 23.08 35.74
C VAL F 122 -2.12 23.41 36.43
N LYS F 123 -3.23 23.14 35.76
CA LYS F 123 -4.53 23.33 36.39
C LYS F 123 -4.69 22.45 37.62
N SER F 124 -4.30 21.18 37.52
CA SER F 124 -4.45 20.25 38.63
C SER F 124 -3.53 20.61 39.79
N GLN F 125 -2.36 21.17 39.51
CA GLN F 125 -1.47 21.59 40.59
C GLN F 125 -2.08 22.71 41.41
N LEU F 126 -2.53 23.79 40.74
CA LEU F 126 -3.10 24.95 41.41
C LEU F 126 -4.61 24.75 41.48
N LYS F 127 -5.08 24.15 42.57
CA LYS F 127 -6.48 23.77 42.69
C LYS F 127 -7.39 24.98 42.66
N ASN F 128 -7.30 25.83 43.68
CA ASN F 128 -8.07 27.07 43.71
C ASN F 128 -7.21 28.24 44.17
N ASN F 129 -5.90 28.07 44.29
CA ASN F 129 -4.99 29.17 44.55
C ASN F 129 -4.76 30.04 43.33
N ALA F 130 -5.26 29.61 42.16
CA ALA F 130 -5.06 30.34 40.92
C ALA F 130 -6.40 30.53 40.21
N LYS F 131 -6.57 31.70 39.60
CA LYS F 131 -7.74 32.01 38.80
C LYS F 131 -7.40 31.85 37.33
N GLU F 132 -8.32 31.25 36.57
CA GLU F 132 -8.14 31.07 35.14
C GLU F 132 -8.73 32.26 34.40
N ILE F 133 -7.90 32.92 33.61
CA ILE F 133 -8.30 34.11 32.87
C ILE F 133 -8.69 33.75 31.43
N GLY F 134 -8.70 32.47 31.08
CA GLY F 134 -8.73 32.16 29.69
C GLY F 134 -7.35 32.39 29.12
N ASN F 135 -7.24 32.25 27.80
CA ASN F 135 -5.99 32.40 27.06
C ASN F 135 -4.93 31.43 27.54
N GLY F 136 -5.28 30.45 28.36
CA GLY F 136 -4.30 29.57 28.96
C GLY F 136 -3.63 30.10 30.22
N CYS F 137 -4.06 31.26 30.73
CA CYS F 137 -3.31 31.92 31.79
C CYS F 137 -4.02 31.84 33.14
N PHE F 138 -3.18 31.77 34.19
CA PHE F 138 -3.62 31.59 35.57
C PHE F 138 -3.18 32.82 36.36
N GLU F 139 -4.10 33.41 37.14
CA GLU F 139 -3.73 34.45 38.09
C GLU F 139 -3.71 33.88 39.50
N PHE F 140 -2.57 34.01 40.17
CA PHE F 140 -2.40 33.51 41.53
C PHE F 140 -3.16 34.38 42.52
N TYR F 141 -3.68 33.75 43.56
CA TYR F 141 -4.27 34.47 44.69
C TYR F 141 -3.25 34.78 45.78
N HIS F 142 -1.99 34.44 45.55
CA HIS F 142 -0.92 34.68 46.50
C HIS F 142 0.31 35.15 45.75
N LYS F 143 1.26 35.72 46.49
CA LYS F 143 2.51 36.15 45.88
C LYS F 143 3.32 34.94 45.46
N CYS F 144 3.74 34.92 44.20
CA CYS F 144 4.42 33.78 43.59
C CYS F 144 5.79 34.22 43.12
N ASN F 145 6.81 33.99 43.94
CA ASN F 145 8.16 34.37 43.60
C ASN F 145 8.76 33.36 42.63
N ASP F 146 10.04 33.55 42.31
CA ASP F 146 10.70 32.69 41.32
C ASP F 146 10.80 31.25 41.79
N GLU F 147 10.98 31.02 43.08
CA GLU F 147 11.01 29.66 43.60
C GLU F 147 9.66 28.97 43.43
N CYS F 148 8.57 29.69 43.71
CA CYS F 148 7.25 29.11 43.53
C CYS F 148 6.94 28.85 42.05
N MET F 149 7.35 29.76 41.17
CA MET F 149 7.17 29.53 39.74
C MET F 149 7.96 28.32 39.28
N GLU F 150 9.18 28.17 39.78
CA GLU F 150 10.00 27.01 39.44
C GLU F 150 9.35 25.72 39.94
N SER F 151 8.76 25.77 41.15
CA SER F 151 8.06 24.60 41.67
C SER F 151 6.84 24.25 40.81
N VAL F 152 6.11 25.26 40.35
CA VAL F 152 4.98 25.02 39.46
C VAL F 152 5.45 24.40 38.16
N LYS F 153 6.55 24.92 37.61
CA LYS F 153 7.09 24.39 36.36
C LYS F 153 7.54 22.95 36.51
N ASN F 154 8.23 22.64 37.61
CA ASN F 154 8.79 21.30 37.81
C ASN F 154 7.68 20.29 38.11
N GLY F 155 6.74 20.67 38.97
CA GLY F 155 5.67 19.78 39.35
C GLY F 155 5.61 19.54 40.85
N THR F 156 6.26 20.41 41.61
CA THR F 156 6.38 20.28 43.05
C THR F 156 5.72 21.45 43.77
N TYR F 157 4.55 21.86 43.30
CA TYR F 157 3.83 22.97 43.91
C TYR F 157 3.32 22.57 45.30
N ASP F 158 3.36 23.54 46.22
CA ASP F 158 2.99 23.32 47.62
C ASP F 158 1.66 24.03 47.87
N TYR F 159 0.56 23.29 47.66
CA TYR F 159 -0.77 23.86 47.89
C TYR F 159 -1.03 24.26 49.33
N PRO F 160 -0.78 23.41 50.34
CA PRO F 160 -1.11 23.81 51.72
C PRO F 160 -0.34 25.02 52.21
N LYS F 161 0.86 25.27 51.68
CA LYS F 161 1.64 26.40 52.14
C LYS F 161 0.95 27.72 51.82
N TYR F 162 0.38 27.84 50.62
CA TYR F 162 -0.28 29.07 50.20
C TYR F 162 -1.79 29.01 50.29
N SER F 163 -2.35 27.92 50.83
CA SER F 163 -3.79 27.77 50.87
C SER F 163 -4.45 28.87 51.69
N GLU F 164 -3.89 29.20 52.86
CA GLU F 164 -4.49 30.20 53.73
C GLU F 164 -4.45 31.58 53.10
N GLU F 165 -3.32 31.95 52.52
CA GLU F 165 -3.21 33.25 51.87
C GLU F 165 -4.16 33.35 50.68
N SER F 166 -4.27 32.28 49.89
CA SER F 166 -5.19 32.27 48.76
C SER F 166 -6.63 32.41 49.24
N LYS F 167 -6.99 31.72 50.32
CA LYS F 167 -8.33 31.82 50.87
C LYS F 167 -8.61 33.25 51.34
N LEU F 168 -7.65 33.89 51.99
CA LEU F 168 -7.82 35.27 52.40
C LEU F 168 -8.04 36.18 51.21
N ASN F 169 -7.27 35.99 50.14
CA ASN F 169 -7.38 36.87 48.98
C ASN F 169 -8.51 36.48 48.02
N ARG F 170 -9.14 35.33 48.21
CA ARG F 170 -10.19 34.89 47.30
C ARG F 170 -11.57 35.34 47.78
N GLU G 1 -11.53 -31.48 18.06
CA GLU G 1 -10.95 -32.57 18.83
C GLU G 1 -10.11 -32.04 19.99
N GLU G 2 -10.55 -30.93 20.56
CA GLU G 2 -9.85 -30.35 21.71
C GLU G 2 -9.97 -31.29 22.90
N LYS G 3 -8.83 -31.57 23.54
CA LYS G 3 -8.86 -32.43 24.72
C LYS G 3 -7.63 -32.18 25.56
N LEU G 4 -7.75 -32.50 26.85
CA LEU G 4 -6.66 -32.44 27.81
C LEU G 4 -6.45 -33.83 28.40
N VAL G 5 -5.20 -34.18 28.66
CA VAL G 5 -4.85 -35.47 29.21
C VAL G 5 -3.97 -35.28 30.42
N GLU G 6 -4.37 -35.85 31.55
CA GLU G 6 -3.61 -35.75 32.79
C GLU G 6 -2.84 -37.05 33.03
N SER G 7 -1.65 -36.90 33.60
CA SER G 7 -0.79 -38.04 33.86
C SER G 7 0.14 -37.70 35.01
N GLY G 8 0.76 -38.73 35.56
CA GLY G 8 1.72 -38.57 36.64
C GLY G 8 1.20 -38.84 38.03
N GLY G 9 0.01 -39.40 38.16
CA GLY G 9 -0.55 -39.70 39.46
C GLY G 9 -0.33 -41.15 39.87
N GLY G 10 -0.52 -41.41 41.15
CA GLY G 10 -0.32 -42.75 41.66
C GLY G 10 -0.34 -42.79 43.17
N LEU G 11 0.25 -43.85 43.71
CA LEU G 11 0.29 -44.06 45.15
C LEU G 11 1.63 -43.56 45.70
N VAL G 12 1.56 -42.62 46.65
CA VAL G 12 2.75 -42.06 47.28
C VAL G 12 2.58 -42.10 48.79
N GLN G 13 3.71 -42.05 49.49
CA GLN G 13 3.72 -42.02 50.94
C GLN G 13 3.52 -40.60 51.45
N PRO G 14 3.01 -40.43 52.66
CA PRO G 14 2.94 -39.09 53.24
C PRO G 14 4.32 -38.46 53.36
N GLY G 15 4.38 -37.16 53.09
CA GLY G 15 5.63 -36.46 53.04
C GLY G 15 6.37 -36.58 51.72
N GLY G 16 5.82 -37.30 50.76
CA GLY G 16 6.47 -37.51 49.49
C GLY G 16 6.23 -36.37 48.52
N SER G 17 6.62 -36.60 47.28
CA SER G 17 6.44 -35.65 46.19
C SER G 17 5.85 -36.35 44.99
N LEU G 18 5.09 -35.59 44.20
CA LEU G 18 4.47 -36.12 42.99
C LEU G 18 4.26 -34.99 42.01
N ARG G 19 4.44 -35.29 40.72
CA ARG G 19 4.32 -34.30 39.67
C ARG G 19 3.30 -34.77 38.65
N LEU G 20 2.38 -33.89 38.30
CA LEU G 20 1.32 -34.18 37.33
C LEU G 20 1.56 -33.39 36.05
N SER G 21 1.20 -34.00 34.93
CA SER G 21 1.39 -33.41 33.61
C SER G 21 0.05 -33.32 32.91
N CYS G 22 -0.23 -32.15 32.33
CA CYS G 22 -1.46 -31.90 31.58
C CYS G 22 -1.07 -31.52 30.16
N VAL G 23 -1.34 -32.41 29.22
CA VAL G 23 -1.00 -32.20 27.81
C VAL G 23 -2.29 -31.91 27.05
N GLY G 24 -2.29 -30.84 26.28
CA GLY G 24 -3.46 -30.43 25.52
C GLY G 24 -3.21 -30.50 24.03
N SER G 25 -4.24 -30.95 23.30
CA SER G 25 -4.17 -31.07 21.86
C SER G 25 -5.44 -30.52 21.25
N GLY G 26 -5.33 -30.07 19.99
CA GLY G 26 -6.46 -29.51 19.28
C GLY G 26 -6.64 -28.02 19.42
N PHE G 27 -5.86 -27.38 20.29
CA PHE G 27 -5.94 -25.94 20.48
C PHE G 27 -4.56 -25.41 20.83
N THR G 28 -4.39 -24.10 20.65
CA THR G 28 -3.11 -23.47 20.96
C THR G 28 -2.96 -23.40 22.48
N PHE G 29 -1.99 -24.13 23.01
CA PHE G 29 -1.82 -24.23 24.46
C PHE G 29 -1.28 -22.93 25.06
N SER G 30 -0.52 -22.16 24.28
CA SER G 30 0.11 -20.95 24.77
C SER G 30 -0.81 -19.75 24.75
N SER G 31 -2.13 -19.96 24.70
CA SER G 31 -3.07 -18.85 24.61
C SER G 31 -4.18 -18.94 25.64
N THR G 32 -4.11 -19.87 26.59
CA THR G 32 -5.16 -20.07 27.57
C THR G 32 -4.56 -20.24 28.96
N TYR G 33 -5.30 -19.78 29.96
CA TYR G 33 -4.98 -20.08 31.35
C TYR G 33 -5.19 -21.57 31.60
N ILE G 34 -4.40 -22.14 32.50
CA ILE G 34 -4.52 -23.53 32.90
C ILE G 34 -4.78 -23.58 34.40
N ASN G 35 -5.83 -24.29 34.79
CA ASN G 35 -6.22 -24.43 36.18
C ASN G 35 -6.14 -25.88 36.62
N TRP G 36 -6.04 -26.08 37.93
CA TRP G 36 -6.05 -27.40 38.53
C TRP G 36 -7.14 -27.46 39.59
N VAL G 37 -7.99 -28.49 39.52
CA VAL G 37 -9.06 -28.71 40.46
C VAL G 37 -9.02 -30.17 40.90
N ARG G 38 -9.16 -30.40 42.20
CA ARG G 38 -9.19 -31.74 42.75
C ARG G 38 -10.55 -31.98 43.40
N GLN G 39 -10.97 -33.25 43.39
CA GLN G 39 -12.23 -33.66 44.01
C GLN G 39 -11.98 -34.87 44.90
N ALA G 40 -12.26 -34.72 46.19
CA ALA G 40 -12.07 -35.82 47.12
C ALA G 40 -13.08 -36.93 46.86
N PRO G 41 -12.78 -38.16 47.28
CA PRO G 41 -13.70 -39.28 47.00
C PRO G 41 -15.00 -39.17 47.79
N GLY G 42 -15.90 -38.32 47.33
CA GLY G 42 -17.19 -38.13 47.98
C GLY G 42 -17.48 -36.70 48.41
N LYS G 43 -16.61 -35.75 48.11
CA LYS G 43 -16.80 -34.35 48.48
C LYS G 43 -16.86 -33.50 47.21
N GLY G 44 -16.93 -32.19 47.41
CA GLY G 44 -17.07 -31.26 46.31
C GLY G 44 -15.75 -30.91 45.66
N LEU G 45 -15.85 -30.07 44.63
CA LEU G 45 -14.68 -29.62 43.90
C LEU G 45 -13.91 -28.58 44.71
N GLU G 46 -12.62 -28.46 44.40
CA GLU G 46 -11.74 -27.52 45.11
C GLU G 46 -10.71 -26.97 44.13
N TRP G 47 -10.79 -25.68 43.85
CA TRP G 47 -9.82 -25.03 42.99
C TRP G 47 -8.46 -24.98 43.68
N LEU G 48 -7.41 -25.29 42.92
CA LEU G 48 -6.09 -25.48 43.50
C LEU G 48 -5.09 -24.42 43.05
N ALA G 49 -4.89 -24.24 41.75
CA ALA G 49 -3.90 -23.30 41.25
C ALA G 49 -4.22 -22.94 39.82
N SER G 50 -3.60 -21.85 39.35
CA SER G 50 -3.76 -21.38 37.98
C SER G 50 -2.47 -20.72 37.54
N ILE G 51 -2.20 -20.79 36.24
CA ILE G 51 -0.99 -20.22 35.66
C ILE G 51 -1.39 -19.44 34.42
N SER G 52 -0.67 -18.34 34.17
CA SER G 52 -0.94 -17.50 33.03
C SER G 52 -0.46 -18.15 31.74
N THR G 53 -0.74 -17.49 30.62
CA THR G 53 -0.35 -18.05 29.32
C THR G 53 1.16 -18.11 29.18
N SER G 54 1.87 -17.07 29.62
CA SER G 54 3.32 -17.02 29.55
C SER G 54 4.00 -17.58 30.79
N GLY G 55 3.23 -17.96 31.81
CA GLY G 55 3.80 -18.45 33.05
C GLY G 55 4.28 -17.39 34.01
N GLY G 56 4.08 -16.11 33.70
CA GLY G 56 4.54 -15.06 34.58
C GLY G 56 3.72 -14.90 35.83
N SER G 57 2.41 -15.12 35.74
CA SER G 57 1.50 -14.96 36.86
C SER G 57 1.03 -16.32 37.34
N THR G 58 1.13 -16.54 38.65
CA THR G 58 0.78 -17.81 39.26
C THR G 58 -0.07 -17.55 40.50
N TYR G 59 -1.11 -18.36 40.67
CA TYR G 59 -2.04 -18.20 41.79
C TYR G 59 -2.27 -19.53 42.47
N TYR G 60 -2.51 -19.47 43.78
CA TYR G 60 -2.69 -20.66 44.59
C TYR G 60 -3.78 -20.44 45.61
N ALA G 61 -4.37 -21.53 46.07
CA ALA G 61 -5.31 -21.49 47.17
C ALA G 61 -4.57 -21.43 48.49
N ASP G 62 -5.30 -21.06 49.55
CA ASP G 62 -4.69 -20.94 50.87
C ASP G 62 -4.25 -22.29 51.41
N SER G 63 -4.95 -23.37 51.05
CA SER G 63 -4.67 -24.67 51.63
C SER G 63 -3.39 -25.29 51.07
N VAL G 64 -3.05 -24.97 49.82
CA VAL G 64 -1.88 -25.56 49.17
C VAL G 64 -0.81 -24.51 48.88
N LYS G 65 -0.95 -23.32 49.45
CA LYS G 65 0.06 -22.28 49.26
C LYS G 65 1.34 -22.68 49.99
N GLY G 66 2.46 -22.69 49.26
CA GLY G 66 3.75 -23.04 49.80
C GLY G 66 4.17 -24.47 49.54
N ARG G 67 3.24 -25.36 49.22
CA ARG G 67 3.57 -26.76 48.94
C ARG G 67 3.39 -27.16 47.49
N PHE G 68 2.44 -26.56 46.78
CA PHE G 68 2.15 -26.90 45.39
C PHE G 68 2.71 -25.80 44.50
N THR G 69 3.42 -26.21 43.45
CA THR G 69 3.95 -25.27 42.46
C THR G 69 3.49 -25.72 41.08
N ILE G 70 2.94 -24.80 40.31
CA ILE G 70 2.41 -25.09 38.98
C ILE G 70 3.26 -24.36 37.95
N SER G 71 3.76 -25.10 36.98
CA SER G 71 4.61 -24.59 35.91
C SER G 71 3.94 -24.85 34.56
N ARG G 72 4.61 -24.42 33.50
CA ARG G 72 4.05 -24.54 32.16
C ARG G 72 5.18 -24.64 31.15
N ASP G 73 4.98 -25.50 30.14
CA ASP G 73 5.94 -25.68 29.04
C ASP G 73 5.19 -25.54 27.74
N ASN G 74 5.21 -24.33 27.17
CA ASN G 74 4.41 -24.07 25.98
C ASN G 74 4.98 -24.75 24.75
N SER G 75 6.29 -24.97 24.71
CA SER G 75 6.90 -25.65 23.57
C SER G 75 6.42 -27.10 23.46
N GLN G 76 6.31 -27.79 24.59
CA GLN G 76 5.87 -29.18 24.62
C GLN G 76 4.37 -29.31 24.86
N ASN G 77 3.64 -28.19 24.91
CA ASN G 77 2.18 -28.19 25.07
C ASN G 77 1.76 -28.92 26.33
N THR G 78 2.47 -28.70 27.43
CA THR G 78 2.17 -29.37 28.68
C THR G 78 2.26 -28.40 29.84
N ALA G 79 1.48 -28.66 30.88
CA ALA G 79 1.49 -27.89 32.11
C ALA G 79 1.67 -28.84 33.28
N TYR G 80 2.44 -28.39 34.28
CA TYR G 80 2.84 -29.24 35.38
C TYR G 80 2.27 -28.72 36.69
N LEU G 81 2.12 -29.63 37.65
CA LEU G 81 1.72 -29.29 39.01
C LEU G 81 2.57 -30.13 39.96
N GLN G 82 3.58 -29.52 40.54
CA GLN G 82 4.46 -30.19 41.48
C GLN G 82 3.89 -30.04 42.88
N MET G 83 3.51 -31.16 43.50
CA MET G 83 2.99 -31.18 44.85
C MET G 83 4.01 -31.79 45.80
N ASN G 84 4.31 -31.09 46.88
CA ASN G 84 5.29 -31.51 47.86
C ASN G 84 4.65 -31.58 49.23
N SER G 85 5.26 -32.37 50.11
CA SER G 85 4.77 -32.59 51.47
C SER G 85 3.33 -33.08 51.45
N LEU G 86 3.09 -34.11 50.65
CA LEU G 86 1.74 -34.66 50.50
C LEU G 86 1.23 -35.21 51.83
N ARG G 87 -0.07 -35.05 52.04
CA ARG G 87 -0.76 -35.51 53.24
C ARG G 87 -1.91 -36.42 52.86
N THR G 88 -2.53 -37.01 53.88
CA THR G 88 -3.66 -37.90 53.64
C THR G 88 -4.86 -37.15 53.07
N GLU G 89 -5.03 -35.88 53.41
CA GLU G 89 -6.14 -35.10 52.88
C GLU G 89 -6.01 -34.81 51.40
N ASP G 90 -4.83 -35.04 50.81
CA ASP G 90 -4.60 -34.79 49.40
C ASP G 90 -5.04 -35.94 48.51
N THR G 91 -5.56 -37.03 49.08
CA THR G 91 -6.06 -38.15 48.30
C THR G 91 -7.33 -37.72 47.57
N ALA G 92 -7.22 -37.47 46.27
CA ALA G 92 -8.34 -36.99 45.49
C ALA G 92 -8.06 -37.25 44.02
N ARG G 93 -9.04 -36.93 43.17
CA ARG G 93 -8.90 -37.00 41.72
C ARG G 93 -8.64 -35.60 41.19
N TYR G 94 -7.57 -35.45 40.42
CA TYR G 94 -7.07 -34.15 40.02
C TYR G 94 -7.41 -33.88 38.56
N TYR G 95 -8.10 -32.77 38.31
CA TYR G 95 -8.49 -32.36 36.98
C TYR G 95 -7.64 -31.19 36.51
N SER G 96 -7.63 -31.00 35.19
CA SER G 96 -7.00 -29.83 34.58
C SER G 96 -8.03 -29.16 33.69
N ALA G 97 -8.26 -27.87 33.90
CA ALA G 97 -9.23 -27.11 33.14
C ALA G 97 -8.56 -25.88 32.54
N ARG G 98 -8.91 -25.57 31.30
CA ARG G 98 -8.41 -24.40 30.61
C ARG G 98 -9.51 -23.35 30.52
N GLY G 99 -9.11 -22.08 30.52
CA GLY G 99 -10.06 -20.98 30.47
C GLY G 99 -10.37 -20.59 29.04
N ARG G 100 -11.65 -20.29 28.80
CA ARG G 100 -12.09 -19.83 27.49
C ARG G 100 -11.51 -18.45 27.22
N ALA G 101 -10.53 -18.39 26.33
CA ALA G 101 -9.75 -17.19 26.10
C ALA G 101 -10.20 -16.50 24.82
N ALA G 102 -10.42 -15.20 24.90
CA ALA G 102 -10.71 -14.41 23.72
C ALA G 102 -9.45 -14.22 22.87
N LEU G 103 -9.65 -13.84 21.61
CA LEU G 103 -8.53 -13.65 20.71
C LEU G 103 -7.62 -12.52 21.18
N VAL G 104 -8.17 -11.51 21.85
CA VAL G 104 -7.43 -10.31 22.17
C VAL G 104 -7.10 -10.19 23.66
N ALA G 105 -7.75 -10.96 24.53
CA ALA G 105 -7.53 -10.81 25.96
C ALA G 105 -7.61 -12.16 26.65
N THR G 106 -6.74 -12.37 27.64
CA THR G 106 -6.79 -13.52 28.52
C THR G 106 -6.76 -13.03 29.95
N PHE G 107 -7.68 -13.54 30.77
CA PHE G 107 -7.83 -13.10 32.15
C PHE G 107 -7.94 -14.29 33.08
N PHE G 108 -7.65 -14.03 34.36
CA PHE G 108 -7.72 -15.07 35.38
C PHE G 108 -9.13 -15.58 35.59
N THR G 109 -10.15 -14.82 35.20
CA THR G 109 -11.55 -15.18 35.42
C THR G 109 -12.20 -15.81 34.20
N ASP G 110 -11.41 -16.24 33.23
CA ASP G 110 -11.97 -16.88 32.05
C ASP G 110 -12.64 -18.19 32.43
N PRO G 111 -13.83 -18.47 31.89
CA PRO G 111 -14.57 -19.68 32.31
C PRO G 111 -13.82 -20.95 31.93
N MET G 112 -13.93 -21.95 32.79
CA MET G 112 -13.26 -23.24 32.61
C MET G 112 -14.15 -24.13 31.76
N ASP G 113 -13.98 -24.04 30.45
CA ASP G 113 -14.87 -24.74 29.52
C ASP G 113 -14.39 -26.14 29.17
N LEU G 114 -13.09 -26.37 29.08
CA LEU G 114 -12.54 -27.66 28.69
C LEU G 114 -11.89 -28.30 29.90
N TRP G 115 -12.33 -29.51 30.23
CA TRP G 115 -11.83 -30.26 31.36
C TRP G 115 -11.15 -31.54 30.87
N GLY G 116 -10.36 -32.14 31.75
CA GLY G 116 -9.72 -33.40 31.45
C GLY G 116 -10.39 -34.56 32.15
N PRO G 117 -10.13 -35.78 31.67
CA PRO G 117 -10.66 -36.96 32.36
C PRO G 117 -10.28 -37.04 33.82
N GLY G 118 -9.07 -36.61 34.17
CA GLY G 118 -8.64 -36.60 35.55
C GLY G 118 -7.70 -37.75 35.87
N VAL G 119 -6.91 -37.57 36.92
CA VAL G 119 -5.99 -38.58 37.40
C VAL G 119 -6.19 -38.74 38.89
N GLU G 120 -5.84 -39.93 39.39
CA GLU G 120 -6.08 -40.31 40.78
C GLU G 120 -4.77 -40.27 41.55
N VAL G 121 -4.77 -39.61 42.70
CA VAL G 121 -3.62 -39.53 43.58
C VAL G 121 -4.02 -40.10 44.93
N VAL G 122 -3.28 -41.09 45.42
CA VAL G 122 -3.55 -41.73 46.69
C VAL G 122 -2.33 -41.57 47.58
N VAL G 123 -2.54 -41.04 48.77
CA VAL G 123 -1.49 -40.87 49.77
C VAL G 123 -1.81 -41.80 50.93
N SER G 124 -0.98 -42.83 51.12
CA SER G 124 -1.21 -43.79 52.20
C SER G 124 0.10 -44.50 52.49
N SER G 125 0.12 -45.19 53.62
CA SER G 125 1.29 -45.98 54.03
C SER G 125 1.45 -47.21 53.15
N LYS H 3 33.34 20.47 8.35
CA LYS H 3 34.14 21.57 8.84
C LYS H 3 33.62 22.93 8.37
N LEU H 4 34.08 23.99 9.02
CA LEU H 4 33.74 25.36 8.66
C LEU H 4 35.02 26.15 8.42
N VAL H 5 35.02 26.97 7.38
CA VAL H 5 36.17 27.80 7.02
C VAL H 5 35.68 29.23 6.82
N GLU H 6 36.26 30.16 7.58
CA GLU H 6 35.92 31.57 7.46
C GLU H 6 36.97 32.30 6.64
N SER H 7 36.53 33.37 5.98
CA SER H 7 37.42 34.17 5.16
C SER H 7 36.81 35.55 4.98
N GLY H 8 37.67 36.50 4.58
CA GLY H 8 37.22 37.83 4.25
C GLY H 8 37.56 38.88 5.28
N GLY H 9 38.70 38.73 5.95
CA GLY H 9 39.11 39.70 6.94
C GLY H 9 40.32 40.50 6.53
N GLY H 10 40.95 41.18 7.50
CA GLY H 10 42.13 41.96 7.21
C GLY H 10 42.14 43.31 7.88
N LEU H 11 42.83 44.28 7.27
CA LEU H 11 42.98 45.61 7.83
C LEU H 11 41.95 46.54 7.22
N VAL H 12 41.20 47.24 8.07
CA VAL H 12 40.18 48.20 7.64
C VAL H 12 40.32 49.46 8.47
N GLN H 13 40.25 50.61 7.80
CA GLN H 13 40.28 51.87 8.50
C GLN H 13 39.05 52.01 9.39
N PRO H 14 39.17 52.70 10.52
CA PRO H 14 38.00 52.92 11.38
C PRO H 14 36.90 53.64 10.64
N GLY H 15 35.66 53.23 10.90
CA GLY H 15 34.53 53.72 10.14
C GLY H 15 34.31 53.03 8.81
N GLY H 16 35.10 52.02 8.49
CA GLY H 16 34.99 51.33 7.23
C GLY H 16 33.95 50.22 7.28
N SER H 17 33.99 49.38 6.25
CA SER H 17 33.05 48.27 6.10
C SER H 17 33.81 46.98 5.84
N LEU H 18 33.28 45.89 6.36
CA LEU H 18 33.87 44.57 6.22
C LEU H 18 32.74 43.56 6.06
N ARG H 19 33.03 42.48 5.32
CA ARG H 19 32.06 41.41 5.12
C ARG H 19 32.78 40.08 5.27
N LEU H 20 32.43 39.34 6.31
CA LEU H 20 33.00 38.02 6.56
C LEU H 20 32.12 36.94 5.96
N SER H 21 32.74 35.82 5.61
CA SER H 21 32.02 34.71 5.00
C SER H 21 32.55 33.41 5.54
N CYS H 22 31.64 32.53 5.98
CA CYS H 22 31.98 31.19 6.41
C CYS H 22 31.36 30.19 5.47
N VAL H 23 32.11 29.13 5.15
CA VAL H 23 31.67 28.09 4.23
C VAL H 23 31.75 26.76 4.95
N GLY H 24 30.66 26.00 4.91
CA GLY H 24 30.57 24.72 5.57
C GLY H 24 30.62 23.58 4.56
N SER H 25 31.38 22.54 4.90
CA SER H 25 31.49 21.35 4.08
C SER H 25 31.37 20.12 4.96
N GLY H 26 30.87 19.03 4.36
CA GLY H 26 30.71 17.78 5.07
C GLY H 26 29.41 17.63 5.82
N PHE H 27 28.57 18.65 5.83
CA PHE H 27 27.28 18.60 6.50
C PHE H 27 26.30 19.47 5.75
N THR H 28 25.01 19.23 5.99
CA THR H 28 23.98 20.05 5.37
C THR H 28 23.93 21.42 6.02
N PHE H 29 24.18 22.47 5.23
CA PHE H 29 24.27 23.81 5.78
C PHE H 29 22.92 24.42 6.09
N SER H 30 21.83 23.87 5.56
CA SER H 30 20.50 24.42 5.74
C SER H 30 19.74 23.82 6.90
N SER H 31 20.36 22.91 7.67
CA SER H 31 19.69 22.24 8.77
C SER H 31 20.22 22.67 10.12
N THR H 32 21.06 23.69 10.19
CA THR H 32 21.67 24.11 11.43
C THR H 32 21.64 25.63 11.55
N TYR H 33 21.71 26.11 12.78
CA TYR H 33 21.93 27.52 13.05
C TYR H 33 23.39 27.87 12.82
N ILE H 34 23.64 29.16 12.57
CA ILE H 34 25.00 29.66 12.36
C ILE H 34 25.21 30.83 13.32
N ASN H 35 26.29 30.77 14.09
CA ASN H 35 26.60 31.77 15.09
C ASN H 35 27.96 32.41 14.80
N TRP H 36 28.10 33.67 15.17
CA TRP H 36 29.35 34.41 15.02
C TRP H 36 29.79 34.91 16.39
N VAL H 37 31.05 34.60 16.75
CA VAL H 37 31.65 35.08 17.98
C VAL H 37 32.99 35.71 17.64
N ARG H 38 33.47 36.55 18.55
CA ARG H 38 34.76 37.19 18.39
C ARG H 38 35.52 37.11 19.70
N GLN H 39 36.84 37.15 19.61
CA GLN H 39 37.71 37.07 20.78
C GLN H 39 38.82 38.10 20.62
N ALA H 40 38.85 39.09 21.51
CA ALA H 40 39.90 40.08 21.50
C ALA H 40 41.23 39.45 21.86
N PRO H 41 42.36 40.09 21.48
CA PRO H 41 43.67 39.48 21.72
C PRO H 41 43.91 39.05 23.16
N GLY H 42 43.45 39.83 24.12
CA GLY H 42 43.69 39.52 25.51
C GLY H 42 42.45 39.31 26.34
N LYS H 43 41.28 39.28 25.70
CA LYS H 43 40.01 39.14 26.37
C LYS H 43 39.36 37.81 26.00
N GLY H 44 38.14 37.59 26.51
CA GLY H 44 37.43 36.35 26.32
C GLY H 44 36.50 36.39 25.12
N LEU H 45 35.69 35.35 25.00
CA LEU H 45 34.76 35.22 23.89
C LEU H 45 33.59 36.18 24.05
N GLU H 46 33.00 36.53 22.91
CA GLU H 46 31.86 37.45 22.89
C GLU H 46 30.94 37.06 21.75
N TRP H 47 29.75 36.57 22.09
CA TRP H 47 28.76 36.21 21.08
C TRP H 47 28.22 37.45 20.39
N LEU H 48 28.07 37.36 19.07
CA LEU H 48 27.70 38.52 18.26
C LEU H 48 26.34 38.38 17.60
N ALA H 49 26.12 37.33 16.82
CA ALA H 49 24.89 37.21 16.05
C ALA H 49 24.62 35.76 15.72
N SER H 50 23.37 35.48 15.36
CA SER H 50 22.93 34.15 14.98
C SER H 50 21.86 34.27 13.91
N ILE H 51 21.77 33.24 13.06
CA ILE H 51 20.79 33.23 11.97
C ILE H 51 20.14 31.85 11.93
N SER H 52 18.87 31.82 11.57
CA SER H 52 18.10 30.58 11.53
C SER H 52 18.49 29.75 10.33
N THR H 53 17.88 28.56 10.23
CA THR H 53 18.19 27.65 9.13
C THR H 53 17.78 28.25 7.79
N SER H 54 16.60 28.86 7.72
CA SER H 54 16.11 29.49 6.51
C SER H 54 16.45 30.97 6.42
N GLY H 55 17.06 31.54 7.46
CA GLY H 55 17.41 32.94 7.46
C GLY H 55 16.32 33.88 7.90
N GLY H 56 15.12 33.39 8.22
CA GLY H 56 14.05 34.27 8.64
C GLY H 56 14.31 34.93 9.99
N SER H 57 14.85 34.17 10.94
CA SER H 57 15.09 34.66 12.29
C SER H 57 16.54 35.10 12.43
N THR H 58 16.73 36.29 13.01
CA THR H 58 18.06 36.86 13.16
C THR H 58 18.16 37.51 14.53
N TYR H 59 19.28 37.28 15.22
CA TYR H 59 19.49 37.79 16.56
C TYR H 59 20.85 38.45 16.66
N TYR H 60 20.94 39.43 17.56
CA TYR H 60 22.17 40.19 17.74
C TYR H 60 22.42 40.42 19.23
N ALA H 61 23.62 40.86 19.54
CA ALA H 61 23.98 41.32 20.87
C ALA H 61 23.87 42.83 20.92
N ASP H 62 23.68 43.36 22.14
CA ASP H 62 23.47 44.80 22.29
C ASP H 62 24.68 45.60 21.85
N SER H 63 25.87 45.00 21.92
CA SER H 63 27.09 45.74 21.59
C SER H 63 27.16 46.08 20.11
N VAL H 64 26.75 45.17 19.22
CA VAL H 64 26.86 45.35 17.78
C VAL H 64 25.50 45.42 17.10
N LYS H 65 24.42 45.53 17.87
CA LYS H 65 23.10 45.68 17.28
C LYS H 65 23.01 47.02 16.55
N GLY H 66 22.53 46.98 15.31
CA GLY H 66 22.39 48.15 14.48
C GLY H 66 23.54 48.38 13.51
N ARG H 67 24.69 47.76 13.76
CA ARG H 67 25.85 47.90 12.89
C ARG H 67 26.19 46.63 12.13
N PHE H 68 25.94 45.47 12.70
CA PHE H 68 26.26 44.19 12.08
C PHE H 68 25.00 43.58 11.50
N THR H 69 25.12 42.96 10.32
CA THR H 69 24.03 42.26 9.67
C THR H 69 24.52 40.89 9.23
N ILE H 70 23.81 39.85 9.64
CA ILE H 70 24.15 38.46 9.33
C ILE H 70 23.15 37.92 8.33
N SER H 71 23.66 37.29 7.27
CA SER H 71 22.83 36.79 6.19
C SER H 71 23.21 35.35 5.87
N ARG H 72 22.44 34.73 4.99
CA ARG H 72 22.64 33.34 4.60
C ARG H 72 22.54 33.19 3.10
N ASP H 73 23.26 32.19 2.57
CA ASP H 73 23.14 31.79 1.17
C ASP H 73 23.29 30.27 1.15
N ASN H 74 22.16 29.57 1.22
CA ASN H 74 22.18 28.13 1.38
C ASN H 74 22.58 27.42 0.09
N SER H 75 22.31 28.03 -1.06
CA SER H 75 22.73 27.44 -2.33
C SER H 75 24.24 27.38 -2.41
N GLN H 76 24.93 28.43 -1.97
CA GLN H 76 26.39 28.47 -1.98
C GLN H 76 27.00 27.94 -0.69
N ASN H 77 26.18 27.46 0.25
CA ASN H 77 26.66 26.87 1.50
C ASN H 77 27.51 27.87 2.28
N THR H 78 27.03 29.10 2.37
CA THR H 78 27.80 30.20 2.94
C THR H 78 26.90 31.09 3.79
N ALA H 79 27.43 31.52 4.94
CA ALA H 79 26.80 32.51 5.78
C ALA H 79 27.68 33.75 5.86
N TYR H 80 27.07 34.92 5.87
CA TYR H 80 27.78 36.18 5.79
C TYR H 80 27.58 36.98 7.06
N LEU H 81 28.60 37.77 7.42
CA LEU H 81 28.53 38.72 8.52
C LEU H 81 29.06 40.05 8.00
N GLN H 82 28.17 41.02 7.80
CA GLN H 82 28.55 42.32 7.27
C GLN H 82 28.81 43.28 8.42
N MET H 83 29.98 43.90 8.41
CA MET H 83 30.41 44.80 9.47
C MET H 83 30.40 46.23 8.95
N ASN H 84 29.66 47.10 9.64
CA ASN H 84 29.54 48.49 9.25
C ASN H 84 29.94 49.38 10.42
N SER H 85 30.55 50.52 10.09
CA SER H 85 31.02 51.49 11.07
C SER H 85 31.95 50.83 12.09
N LEU H 86 33.00 50.20 11.56
CA LEU H 86 33.94 49.48 12.41
C LEU H 86 34.69 50.43 13.33
N ARG H 87 34.89 50.00 14.57
CA ARG H 87 35.62 50.75 15.58
C ARG H 87 36.91 50.02 15.93
N THR H 88 37.80 50.74 16.63
CA THR H 88 39.04 50.12 17.07
C THR H 88 38.79 48.97 18.04
N GLU H 89 37.66 49.02 18.77
CA GLU H 89 37.31 47.98 19.71
C GLU H 89 36.88 46.68 19.03
N ASP H 90 36.70 46.71 17.71
CA ASP H 90 36.23 45.52 16.97
C ASP H 90 37.40 44.68 16.46
N THR H 91 38.63 45.03 16.84
CA THR H 91 39.80 44.22 16.48
C THR H 91 39.79 42.93 17.30
N ALA H 92 39.52 41.81 16.63
CA ALA H 92 39.43 40.52 17.30
C ALA H 92 39.55 39.41 16.26
N ARG H 93 39.50 38.18 16.76
CA ARG H 93 39.48 37.00 15.86
C ARG H 93 38.02 36.55 15.79
N TYR H 94 37.45 36.46 14.60
CA TYR H 94 36.04 36.17 14.42
C TYR H 94 35.86 34.70 14.05
N TYR H 95 35.07 33.99 14.85
CA TYR H 95 34.80 32.58 14.64
C TYR H 95 33.39 32.39 14.10
N SER H 96 33.17 31.21 13.52
CA SER H 96 31.85 30.77 13.11
C SER H 96 31.55 29.44 13.77
N ALA H 97 30.40 29.36 14.44
CA ALA H 97 30.03 28.17 15.20
C ALA H 97 28.65 27.71 14.76
N ARG H 98 28.56 26.44 14.35
CA ARG H 98 27.27 25.82 13.96
C ARG H 98 26.59 25.27 15.22
N GLY H 99 25.27 25.26 15.23
CA GLY H 99 24.48 24.70 16.31
C GLY H 99 24.13 23.26 16.04
N ARG H 100 24.38 22.41 17.04
CA ARG H 100 24.03 20.97 16.95
C ARG H 100 22.51 20.88 16.89
N ALA H 101 21.97 20.50 15.73
CA ALA H 101 20.53 20.48 15.50
C ALA H 101 20.03 19.06 15.36
N ALA H 102 18.83 18.82 15.91
CA ALA H 102 18.14 17.54 15.77
C ALA H 102 17.53 17.45 14.39
N LEU H 103 17.27 16.23 13.93
CA LEU H 103 16.70 16.03 12.61
C LEU H 103 15.30 16.63 12.52
N VAL H 104 14.58 16.71 13.63
CA VAL H 104 13.20 17.15 13.62
C VAL H 104 13.01 18.59 14.10
N ALA H 105 13.98 19.15 14.83
CA ALA H 105 13.80 20.48 15.39
C ALA H 105 15.14 21.21 15.42
N THR H 106 15.09 22.50 15.09
CA THR H 106 16.24 23.40 15.21
C THR H 106 15.82 24.59 16.05
N PHE H 107 16.64 24.92 17.04
CA PHE H 107 16.32 25.99 17.98
C PHE H 107 17.51 26.91 18.15
N PHE H 108 17.22 28.11 18.65
CA PHE H 108 18.26 29.11 18.90
C PHE H 108 19.25 28.67 19.96
N THR H 109 18.85 27.76 20.87
CA THR H 109 19.69 27.32 21.96
C THR H 109 20.45 26.02 21.63
N ASP H 110 20.64 25.73 20.35
CA ASP H 110 21.42 24.57 19.97
C ASP H 110 22.89 24.77 20.33
N PRO H 111 23.54 23.77 20.91
CA PRO H 111 24.94 23.93 21.32
C PRO H 111 25.86 24.14 20.13
N MET H 112 26.91 24.93 20.36
CA MET H 112 27.90 25.26 19.33
C MET H 112 28.99 24.21 19.38
N ASP H 113 28.86 23.19 18.54
CA ASP H 113 29.77 22.05 18.58
C ASP H 113 30.89 22.12 17.56
N LEU H 114 30.67 22.80 16.43
CA LEU H 114 31.67 22.93 15.38
C LEU H 114 32.11 24.38 15.28
N TRP H 115 33.41 24.60 15.22
CA TRP H 115 33.97 25.95 15.16
C TRP H 115 34.99 26.01 14.03
N GLY H 116 35.09 27.18 13.41
CA GLY H 116 36.04 27.39 12.35
C GLY H 116 37.38 27.83 12.89
N PRO H 117 38.42 27.81 12.04
CA PRO H 117 39.73 28.30 12.49
C PRO H 117 39.70 29.74 12.97
N GLY H 118 38.88 30.58 12.34
CA GLY H 118 38.76 31.96 12.73
C GLY H 118 39.46 32.89 11.75
N VAL H 119 39.02 34.14 11.74
CA VAL H 119 39.56 35.18 10.87
C VAL H 119 39.95 36.37 11.73
N GLU H 120 41.17 36.87 11.55
CA GLU H 120 41.66 38.02 12.28
C GLU H 120 41.26 39.30 11.56
N VAL H 121 40.63 40.21 12.29
CA VAL H 121 40.18 41.50 11.76
C VAL H 121 40.88 42.59 12.54
N VAL H 122 41.54 43.50 11.83
CA VAL H 122 42.27 44.61 12.42
C VAL H 122 41.62 45.90 11.94
N VAL H 123 41.30 46.78 12.89
CA VAL H 123 40.72 48.09 12.60
C VAL H 123 41.71 49.14 13.09
N SER H 124 42.49 49.70 12.19
CA SER H 124 43.53 50.64 12.56
C SER H 124 43.87 51.53 11.36
N SER H 125 44.62 52.58 11.63
CA SER H 125 45.06 53.50 10.59
C SER H 125 46.58 53.55 10.50
N VAL I 3 27.34 37.78 33.53
CA VAL I 3 27.89 36.47 33.89
C VAL I 3 29.27 36.62 34.52
N ILE I 4 29.44 36.03 35.70
CA ILE I 4 30.67 36.15 36.47
C ILE I 4 31.33 34.78 36.55
N GLN I 5 32.63 34.74 36.24
CA GLN I 5 33.43 33.54 36.39
C GLN I 5 34.66 33.87 37.22
N GLU I 6 35.12 32.87 37.96
CA GLU I 6 36.31 33.03 38.80
C GLU I 6 37.55 33.17 37.93
N PRO I 7 38.33 34.25 38.10
CA PRO I 7 39.41 34.54 37.15
C PRO I 7 40.41 33.40 36.92
N ALA I 8 40.81 32.70 37.98
CA ALA I 8 41.81 31.65 37.82
C ALA I 8 41.82 30.76 39.05
N MET I 9 41.96 29.45 38.83
CA MET I 9 42.17 28.50 39.91
C MET I 9 43.11 27.41 39.43
N SER I 10 43.64 26.64 40.39
CA SER I 10 44.60 25.59 40.10
C SER I 10 44.29 24.37 40.95
N VAL I 11 44.65 23.19 40.43
CA VAL I 11 44.58 21.94 41.15
C VAL I 11 45.82 21.10 40.84
N SER I 12 46.01 20.06 41.62
CA SER I 12 47.11 19.12 41.45
C SER I 12 46.70 17.98 40.53
N LEU I 13 47.71 17.24 40.07
CA LEU I 13 47.45 16.12 39.17
C LEU I 13 46.60 15.07 39.85
N GLY I 14 45.57 14.60 39.15
CA GLY I 14 44.69 13.59 39.68
C GLY I 14 43.65 14.09 40.66
N GLY I 15 43.59 15.39 40.90
CA GLY I 15 42.65 15.95 41.85
C GLY I 15 41.29 16.23 41.24
N THR I 16 40.48 16.95 41.99
CA THR I 16 39.12 17.32 41.57
C THR I 16 38.96 18.83 41.67
N VAL I 17 38.44 19.44 40.61
CA VAL I 17 38.21 20.88 40.55
C VAL I 17 36.75 21.11 40.19
N THR I 18 36.25 22.29 40.58
CA THR I 18 34.89 22.69 40.25
C THR I 18 34.91 24.17 39.86
N LEU I 19 34.52 24.45 38.62
CA LEU I 19 34.37 25.81 38.15
C LEU I 19 32.92 26.25 38.29
N THR I 20 32.72 27.55 38.50
CA THR I 20 31.39 28.10 38.71
C THR I 20 31.09 29.19 37.69
N CYS I 21 29.79 29.40 37.47
CA CYS I 21 29.32 30.39 36.50
C CYS I 21 27.99 30.93 37.02
N ALA I 22 27.97 32.21 37.39
CA ALA I 22 26.81 32.80 38.02
C ALA I 22 26.50 34.15 37.39
N PHE I 23 25.25 34.56 37.51
CA PHE I 23 24.83 35.86 37.00
C PHE I 23 25.21 36.97 37.97
N THR I 24 25.18 38.21 37.45
CA THR I 24 25.39 39.36 38.31
C THR I 24 24.30 39.47 39.36
N SER I 25 23.04 39.30 38.96
CA SER I 25 21.90 39.37 39.87
C SER I 25 20.86 38.36 39.38
N GLY I 26 20.77 37.23 40.06
CA GLY I 26 19.86 36.19 39.66
C GLY I 26 20.39 34.79 39.93
N SER I 27 19.61 33.78 39.59
CA SER I 27 19.99 32.39 39.79
C SER I 27 20.10 31.69 38.44
N VAL I 28 21.12 30.84 38.32
CA VAL I 28 21.36 30.06 37.11
C VAL I 28 20.65 28.73 37.27
N THR I 29 19.68 28.45 36.39
CA THR I 29 18.90 27.23 36.41
C THR I 29 19.16 26.45 35.12
N SER I 30 18.46 25.32 34.98
CA SER I 30 18.59 24.52 33.77
C SER I 30 17.97 25.20 32.56
N SER I 31 17.06 26.14 32.76
CA SER I 31 16.49 26.90 31.66
C SER I 31 17.49 27.84 31.00
N ASN I 32 18.62 28.10 31.65
CA ASN I 32 19.67 28.93 31.06
C ASN I 32 20.57 28.16 30.10
N TYR I 33 20.44 26.84 30.04
CA TYR I 33 21.20 25.95 29.17
C TYR I 33 22.69 26.24 29.23
N PRO I 34 23.36 26.04 30.36
CA PRO I 34 24.79 26.31 30.44
C PRO I 34 25.59 25.36 29.58
N SER I 35 26.54 25.91 28.82
CA SER I 35 27.43 25.15 27.97
C SER I 35 28.87 25.55 28.31
N TRP I 36 29.74 24.55 28.45
CA TRP I 36 31.12 24.77 28.84
C TRP I 36 32.03 24.49 27.65
N PHE I 37 33.00 25.37 27.43
CA PHE I 37 33.96 25.27 26.34
C PHE I 37 35.37 25.32 26.90
N GLN I 38 36.26 24.53 26.30
CA GLN I 38 37.68 24.53 26.64
C GLN I 38 38.46 25.09 25.46
N GLN I 39 39.29 26.10 25.72
CA GLN I 39 40.01 26.79 24.66
C GLN I 39 41.49 26.90 25.02
N THR I 40 42.34 26.49 24.10
CA THR I 40 43.76 26.79 24.14
C THR I 40 44.01 28.12 23.44
N PRO I 41 44.91 28.97 23.97
CA PRO I 41 45.13 30.27 23.33
C PRO I 41 45.82 30.15 21.98
N GLY I 42 45.02 29.88 20.95
CA GLY I 42 45.53 29.67 19.60
C GLY I 42 44.75 28.62 18.83
N GLN I 43 43.75 28.02 19.46
CA GLN I 43 42.88 27.04 18.85
C GLN I 43 41.43 27.40 19.07
N PRO I 44 40.53 26.95 18.19
CA PRO I 44 39.11 27.25 18.38
C PRO I 44 38.59 26.56 19.62
N PRO I 45 37.58 27.13 20.28
CA PRO I 45 37.03 26.51 21.48
C PRO I 45 36.42 25.14 21.20
N ARG I 46 36.49 24.27 22.21
CA ARG I 46 35.99 22.91 22.11
C ARG I 46 34.83 22.74 23.07
N LEU I 47 33.69 22.27 22.55
CA LEU I 47 32.53 22.03 23.38
C LEU I 47 32.77 20.85 24.31
N MET I 48 32.51 21.04 25.60
CA MET I 48 32.77 20.01 26.60
C MET I 48 31.48 19.48 27.21
N ILE I 49 30.66 20.36 27.79
CA ILE I 49 29.38 19.99 28.38
C ILE I 49 28.34 20.98 27.88
N TYR I 50 27.21 20.48 27.40
CA TYR I 50 26.10 21.32 27.01
C TYR I 50 24.84 20.86 27.72
N LYS I 51 24.00 21.83 28.10
CA LYS I 51 22.79 21.60 28.88
C LYS I 51 23.10 20.96 30.24
N THR I 52 24.27 21.27 30.78
CA THR I 52 24.72 20.95 32.13
C THR I 52 24.88 19.46 32.40
N ASN I 53 24.58 18.60 31.44
CA ASN I 53 24.70 17.17 31.65
C ASN I 53 25.31 16.40 30.50
N ASN I 54 25.27 16.92 29.28
CA ASN I 54 25.56 16.14 28.09
C ASN I 54 26.98 16.41 27.59
N ARG I 55 27.64 15.35 27.15
CA ARG I 55 28.98 15.44 26.61
C ARG I 55 29.00 14.98 25.16
N PRO I 56 29.61 15.72 24.25
CA PRO I 56 29.73 15.25 22.88
C PRO I 56 30.59 14.01 22.80
N THR I 57 30.36 13.22 21.75
CA THR I 57 31.16 12.03 21.52
C THR I 57 32.63 12.39 21.39
N GLY I 58 33.48 11.68 22.13
CA GLY I 58 34.90 11.93 22.15
C GLY I 58 35.39 12.70 23.37
N VAL I 59 34.50 13.35 24.08
CA VAL I 59 34.88 14.08 25.30
C VAL I 59 35.19 13.08 26.41
N PRO I 60 36.29 13.23 27.14
CA PRO I 60 36.57 12.32 28.25
C PRO I 60 35.48 12.34 29.31
N SER I 61 35.23 11.17 29.91
CA SER I 61 34.17 11.03 30.89
C SER I 61 34.49 11.70 32.22
N ARG I 62 35.73 12.15 32.42
CA ARG I 62 36.10 12.82 33.66
C ARG I 62 35.53 14.22 33.78
N PHE I 63 34.97 14.77 32.70
CA PHE I 63 34.31 16.07 32.74
C PHE I 63 32.84 15.88 33.10
N SER I 64 32.37 16.63 34.09
CA SER I 64 31.00 16.53 34.53
C SER I 64 30.42 17.92 34.73
N GLY I 65 29.11 18.03 34.59
CA GLY I 65 28.43 19.29 34.79
C GLY I 65 27.22 19.12 35.69
N ALA I 66 26.90 20.19 36.41
CA ALA I 66 25.76 20.18 37.32
C ALA I 66 25.44 21.62 37.70
N ILE I 67 24.30 21.79 38.38
CA ILE I 67 23.89 23.07 38.93
C ILE I 67 23.87 22.94 40.44
N SER I 68 24.62 23.80 41.12
CA SER I 68 24.73 23.76 42.57
C SER I 68 24.67 25.17 43.12
N GLY I 69 23.61 25.48 43.85
CA GLY I 69 23.50 26.75 44.54
C GLY I 69 23.42 27.96 43.64
N ASN I 70 22.51 27.93 42.67
CA ASN I 70 22.30 29.03 41.73
C ASN I 70 23.56 29.31 40.92
N LYS I 71 24.33 28.27 40.61
CA LYS I 71 25.54 28.40 39.84
C LYS I 71 25.70 27.17 38.95
N ALA I 72 26.26 27.37 37.76
CA ALA I 72 26.58 26.27 36.87
C ALA I 72 27.97 25.76 37.21
N ALA I 73 28.06 24.46 37.49
CA ALA I 73 29.30 23.85 37.97
C ALA I 73 29.85 22.90 36.93
N LEU I 74 31.16 22.97 36.68
CA LEU I 74 31.87 22.03 35.84
C LEU I 74 32.91 21.33 36.70
N THR I 75 32.85 20.01 36.76
CA THR I 75 33.72 19.21 37.63
C THR I 75 34.65 18.35 36.78
N ILE I 76 35.94 18.42 37.09
CA ILE I 76 36.96 17.59 36.44
C ILE I 76 37.56 16.69 37.50
N THR I 77 37.43 15.39 37.31
CA THR I 77 37.95 14.39 38.25
C THR I 77 39.19 13.76 37.65
N GLY I 78 40.31 13.84 38.36
CA GLY I 78 41.56 13.34 37.82
C GLY I 78 42.12 14.25 36.75
N ALA I 79 42.50 15.47 37.15
CA ALA I 79 42.99 16.46 36.20
C ALA I 79 44.29 15.99 35.57
N GLN I 80 44.28 15.87 34.24
CA GLN I 80 45.47 15.50 33.50
C GLN I 80 46.24 16.74 33.05
N ALA I 81 47.42 16.51 32.49
CA ALA I 81 48.28 17.61 32.08
C ALA I 81 47.74 18.36 30.88
N ASN I 82 46.87 17.74 30.08
CA ASN I 82 46.29 18.38 28.91
C ASN I 82 45.00 19.13 29.25
N ASP I 83 44.63 19.21 30.52
CA ASP I 83 43.44 19.92 30.95
C ASP I 83 43.74 21.35 31.36
N GLU I 84 44.96 21.84 31.09
CA GLU I 84 45.35 23.20 31.42
C GLU I 84 44.97 24.09 30.25
N ALA I 85 43.87 24.82 30.40
CA ALA I 85 43.39 25.70 29.35
C ALA I 85 42.41 26.70 29.97
N ASP I 86 41.75 27.48 29.12
CA ASP I 86 40.73 28.43 29.53
C ASP I 86 39.36 27.80 29.35
N TYR I 87 38.48 28.00 30.33
CA TYR I 87 37.14 27.43 30.30
C TYR I 87 36.11 28.56 30.33
N PHE I 88 35.12 28.46 29.44
CA PHE I 88 34.09 29.48 29.30
C PHE I 88 32.71 28.85 29.48
N CYS I 89 31.82 29.57 30.14
CA CYS I 89 30.43 29.17 30.31
C CYS I 89 29.53 30.05 29.45
N ASN I 90 28.67 29.41 28.67
CA ASN I 90 27.67 30.16 27.86
C ASN I 90 26.32 29.94 28.52
N LEU I 91 25.63 31.02 28.89
CA LEU I 91 24.31 30.93 29.55
C LEU I 91 23.29 31.72 28.71
N TYR I 92 22.06 31.23 28.59
CA TYR I 92 21.01 31.88 27.76
C TYR I 92 20.11 32.73 28.63
N LYS I 93 19.67 33.88 28.10
CA LYS I 93 18.71 34.72 28.81
C LYS I 93 17.55 35.03 27.85
N SER I 94 16.31 34.83 28.28
CA SER I 94 15.13 35.15 27.44
C SER I 94 14.96 36.66 27.36
N SER I 95 15.00 37.36 28.50
CA SER I 95 15.00 38.84 28.47
C SER I 95 16.07 39.20 27.47
N PRO I 96 15.97 40.29 26.70
CA PRO I 96 16.88 40.55 25.59
C PRO I 96 17.49 39.22 25.12
N ILE I 97 16.69 38.38 24.44
CA ILE I 97 17.16 37.05 23.96
C ILE I 97 18.64 37.12 23.59
N ALA I 98 19.50 36.52 24.41
CA ALA I 98 20.93 36.49 24.06
C ALA I 98 21.66 35.28 24.64
N LEU I 99 22.75 34.88 24.00
CA LEU I 99 23.62 33.82 24.53
C LEU I 99 24.85 34.56 25.07
N ILE I 100 25.13 34.48 26.36
CA ILE I 100 26.22 35.29 27.00
C ILE I 100 27.39 34.42 27.45
N PHE I 101 28.61 34.76 27.06
CA PHE I 101 29.81 34.03 27.45
C PHE I 101 30.36 34.59 28.76
N GLY I 102 31.00 33.71 29.52
CA GLY I 102 31.61 34.12 30.77
C GLY I 102 32.94 34.83 30.55
N GLY I 103 33.47 35.36 31.65
CA GLY I 103 34.74 36.06 31.57
C GLY I 103 35.92 35.16 31.32
N GLY I 104 35.79 33.87 31.62
CA GLY I 104 36.86 32.92 31.39
C GLY I 104 37.65 32.60 32.65
N THR I 105 37.92 31.32 32.87
CA THR I 105 38.76 30.87 33.98
C THR I 105 39.95 30.12 33.41
N HIS I 106 41.10 30.29 34.07
CA HIS I 106 42.34 29.64 33.65
C HIS I 106 42.68 28.57 34.68
N LEU I 107 42.72 27.31 34.24
CA LEU I 107 42.99 26.19 35.11
C LEU I 107 44.45 25.79 35.00
N THR I 108 45.11 25.66 36.14
CA THR I 108 46.52 25.27 36.21
C THR I 108 46.61 23.89 36.86
N VAL I 109 47.27 22.96 36.17
CA VAL I 109 47.39 21.60 36.66
C VAL I 109 48.83 21.30 37.07
N VAL J 3 -18.59 -19.93 50.36
CA VAL J 3 -19.67 -20.19 49.43
C VAL J 3 -20.56 -21.31 49.96
N ILE J 4 -21.87 -21.04 50.02
CA ILE J 4 -22.84 -21.98 50.58
C ILE J 4 -23.86 -22.33 49.50
N GLN J 5 -24.11 -23.62 49.33
CA GLN J 5 -25.12 -24.13 48.43
C GLN J 5 -26.04 -25.07 49.18
N GLU J 6 -27.25 -25.24 48.66
CA GLU J 6 -28.19 -26.18 49.27
C GLU J 6 -27.63 -27.59 49.20
N PRO J 7 -27.69 -28.37 50.28
CA PRO J 7 -27.14 -29.73 50.22
C PRO J 7 -27.82 -30.63 49.20
N ALA J 8 -29.13 -30.51 49.03
CA ALA J 8 -29.86 -31.37 48.12
C ALA J 8 -31.22 -30.77 47.81
N MET J 9 -31.70 -30.96 46.58
CA MET J 9 -32.98 -30.44 46.15
C MET J 9 -33.63 -31.44 45.19
N SER J 10 -34.95 -31.35 45.08
CA SER J 10 -35.73 -32.28 44.28
C SER J 10 -36.66 -31.52 43.34
N VAL J 11 -36.86 -32.08 42.15
CA VAL J 11 -37.71 -31.48 41.11
C VAL J 11 -38.63 -32.56 40.56
N SER J 12 -39.84 -32.16 40.19
CA SER J 12 -40.74 -33.04 39.45
C SER J 12 -40.42 -32.97 37.96
N LEU J 13 -40.61 -34.08 37.27
CA LEU J 13 -40.29 -34.13 35.84
C LEU J 13 -41.10 -33.11 35.06
N GLY J 14 -40.42 -32.34 34.22
CA GLY J 14 -41.06 -31.30 33.45
C GLY J 14 -41.30 -30.01 34.19
N GLY J 15 -40.91 -29.91 35.46
CA GLY J 15 -41.14 -28.72 36.24
C GLY J 15 -40.01 -27.71 36.12
N THR J 16 -40.16 -26.63 36.88
CA THR J 16 -39.20 -25.54 36.89
C THR J 16 -38.63 -25.40 38.30
N VAL J 17 -37.31 -25.32 38.40
CA VAL J 17 -36.61 -25.21 39.69
C VAL J 17 -35.51 -24.18 39.57
N THR J 18 -35.08 -23.67 40.72
CA THR J 18 -33.98 -22.73 40.80
C THR J 18 -32.99 -23.21 41.84
N LEU J 19 -31.71 -22.98 41.59
CA LEU J 19 -30.63 -23.39 42.48
C LEU J 19 -29.92 -22.14 43.00
N THR J 20 -29.42 -22.21 44.23
CA THR J 20 -28.93 -21.04 44.94
C THR J 20 -27.45 -21.18 45.28
N CYS J 21 -26.70 -20.10 45.02
CA CYS J 21 -25.31 -19.99 45.43
C CYS J 21 -25.13 -18.67 46.17
N ALA J 22 -24.49 -18.73 47.34
CA ALA J 22 -24.40 -17.54 48.19
C ALA J 22 -23.09 -17.55 48.95
N PHE J 23 -22.69 -16.36 49.39
CA PHE J 23 -21.53 -16.19 50.25
C PHE J 23 -21.92 -16.35 51.71
N THR J 24 -20.93 -16.69 52.54
CA THR J 24 -21.18 -16.82 53.98
C THR J 24 -21.45 -15.47 54.62
N SER J 25 -20.61 -14.48 54.31
CA SER J 25 -20.68 -13.17 54.96
C SER J 25 -20.54 -12.06 53.94
N GLY J 26 -21.32 -12.12 52.87
CA GLY J 26 -21.28 -11.09 51.87
C GLY J 26 -22.43 -11.18 50.90
N SER J 27 -22.38 -10.34 49.87
CA SER J 27 -23.38 -10.32 48.81
C SER J 27 -22.72 -10.69 47.49
N VAL J 28 -23.45 -11.43 46.66
CA VAL J 28 -22.95 -11.89 45.37
C VAL J 28 -23.43 -10.93 44.29
N THR J 29 -22.48 -10.33 43.57
CA THR J 29 -22.76 -9.44 42.47
C THR J 29 -22.19 -10.03 41.19
N SER J 30 -22.42 -9.34 40.07
CA SER J 30 -21.88 -9.80 38.80
C SER J 30 -20.36 -9.72 38.77
N SER J 31 -19.76 -8.95 39.68
CA SER J 31 -18.30 -8.91 39.77
C SER J 31 -17.72 -10.21 40.28
N ASN J 32 -18.54 -11.09 40.85
CA ASN J 32 -18.07 -12.40 41.30
C ASN J 32 -18.02 -13.42 40.17
N TYR J 33 -18.60 -13.12 39.01
CA TYR J 33 -18.61 -13.99 37.84
C TYR J 33 -19.08 -15.40 38.19
N PRO J 34 -20.35 -15.58 38.52
CA PRO J 34 -20.83 -16.93 38.86
C PRO J 34 -20.76 -17.87 37.65
N SER J 35 -20.15 -19.02 37.87
CA SER J 35 -20.07 -20.07 36.87
C SER J 35 -20.71 -21.34 37.43
N TRP J 36 -21.51 -22.02 36.60
CA TRP J 36 -22.27 -23.18 37.04
C TRP J 36 -21.79 -24.41 36.28
N PHE J 37 -21.66 -25.52 37.01
CA PHE J 37 -21.12 -26.76 36.47
C PHE J 37 -22.07 -27.90 36.75
N GLN J 38 -22.12 -28.85 35.82
CA GLN J 38 -22.89 -30.09 35.97
C GLN J 38 -21.92 -31.26 35.95
N GLN J 39 -22.03 -32.14 36.94
CA GLN J 39 -21.13 -33.29 37.06
C GLN J 39 -21.93 -34.57 37.17
N THR J 40 -21.88 -35.38 36.13
CA THR J 40 -22.28 -36.78 36.25
C THR J 40 -21.32 -37.49 37.21
N PRO J 41 -21.83 -38.37 38.08
CA PRO J 41 -20.96 -38.98 39.10
C PRO J 41 -19.91 -39.92 38.50
N GLY J 42 -18.83 -39.34 37.97
CA GLY J 42 -17.77 -40.13 37.37
C GLY J 42 -17.13 -39.48 36.17
N GLN J 43 -17.87 -38.60 35.50
CA GLN J 43 -17.35 -37.86 34.36
C GLN J 43 -16.84 -36.48 34.80
N PRO J 44 -15.98 -35.84 34.00
CA PRO J 44 -15.49 -34.53 34.37
C PRO J 44 -16.61 -33.51 34.39
N PRO J 45 -16.48 -32.46 35.22
CA PRO J 45 -17.53 -31.44 35.27
C PRO J 45 -17.72 -30.75 33.93
N ARG J 46 -18.95 -30.33 33.67
CA ARG J 46 -19.35 -29.69 32.42
C ARG J 46 -19.83 -28.28 32.71
N LEU J 47 -19.28 -27.30 32.01
CA LEU J 47 -19.68 -25.91 32.17
C LEU J 47 -21.07 -25.71 31.58
N MET J 48 -21.95 -25.07 32.36
CA MET J 48 -23.32 -24.82 31.94
C MET J 48 -23.62 -23.34 31.78
N ILE J 49 -23.25 -22.51 32.75
CA ILE J 49 -23.50 -21.09 32.71
C ILE J 49 -22.25 -20.36 33.22
N TYR J 50 -21.79 -19.37 32.45
CA TYR J 50 -20.69 -18.52 32.87
C TYR J 50 -21.09 -17.06 32.73
N LYS J 51 -20.47 -16.21 33.55
CA LYS J 51 -20.82 -14.79 33.61
C LYS J 51 -22.30 -14.59 33.92
N THR J 52 -22.85 -15.53 34.69
CA THR J 52 -24.18 -15.57 35.31
C THR J 52 -25.33 -15.45 34.32
N ASN J 53 -25.06 -15.32 33.03
CA ASN J 53 -26.14 -15.39 32.06
C ASN J 53 -25.77 -16.03 30.73
N ASN J 54 -24.55 -16.54 30.55
CA ASN J 54 -24.09 -16.97 29.24
C ASN J 54 -24.08 -18.49 29.13
N ARG J 55 -24.56 -18.98 27.99
CA ARG J 55 -24.65 -20.41 27.73
C ARG J 55 -23.62 -20.82 26.69
N PRO J 56 -22.72 -21.75 27.00
CA PRO J 56 -21.85 -22.30 25.97
C PRO J 56 -22.66 -23.05 24.92
N THR J 57 -22.11 -23.11 23.71
CA THR J 57 -22.78 -23.84 22.64
C THR J 57 -22.94 -25.31 23.03
N GLY J 58 -24.14 -25.84 22.80
CA GLY J 58 -24.48 -27.18 23.18
C GLY J 58 -25.28 -27.29 24.46
N VAL J 59 -25.32 -26.22 25.25
CA VAL J 59 -26.14 -26.20 26.46
C VAL J 59 -27.59 -25.95 26.07
N PRO J 60 -28.55 -26.74 26.57
CA PRO J 60 -29.95 -26.50 26.22
C PRO J 60 -30.43 -25.15 26.72
N SER J 61 -31.40 -24.58 25.98
CA SER J 61 -31.94 -23.27 26.30
C SER J 61 -32.72 -23.26 27.60
N ARG J 62 -33.04 -24.41 28.18
CA ARG J 62 -33.79 -24.43 29.43
C ARG J 62 -32.95 -24.00 30.62
N PHE J 63 -31.62 -24.03 30.50
CA PHE J 63 -30.74 -23.55 31.56
C PHE J 63 -30.59 -22.04 31.46
N SER J 64 -30.76 -21.36 32.59
CA SER J 64 -30.64 -19.90 32.65
C SER J 64 -30.09 -19.51 34.01
N GLY J 65 -29.46 -18.34 34.05
CA GLY J 65 -28.87 -17.84 35.28
C GLY J 65 -29.16 -16.37 35.45
N ALA J 66 -29.17 -15.95 36.72
CA ALA J 66 -29.38 -14.56 37.08
C ALA J 66 -28.92 -14.36 38.51
N ILE J 67 -29.02 -13.12 38.99
CA ILE J 67 -28.70 -12.78 40.37
C ILE J 67 -29.98 -12.36 41.07
N SER J 68 -30.34 -13.06 42.15
CA SER J 68 -31.55 -12.79 42.90
C SER J 68 -31.18 -12.05 44.17
N GLY J 69 -31.01 -10.74 44.04
CA GLY J 69 -30.78 -9.86 45.18
C GLY J 69 -29.35 -9.91 45.70
N ASN J 70 -29.03 -10.95 46.47
CA ASN J 70 -27.71 -11.13 47.06
C ASN J 70 -27.16 -12.53 46.78
N LYS J 71 -27.68 -13.21 45.76
CA LYS J 71 -27.44 -14.62 45.59
C LYS J 71 -27.38 -14.94 44.09
N ALA J 72 -26.71 -16.04 43.75
CA ALA J 72 -26.63 -16.50 42.38
C ALA J 72 -27.68 -17.60 42.16
N ALA J 73 -28.42 -17.50 41.07
CA ALA J 73 -29.55 -18.38 40.80
C ALA J 73 -29.37 -19.08 39.46
N LEU J 74 -29.50 -20.40 39.46
CA LEU J 74 -29.53 -21.20 38.24
C LEU J 74 -30.93 -21.81 38.10
N THR J 75 -31.59 -21.54 36.98
CA THR J 75 -32.96 -21.97 36.76
C THR J 75 -33.03 -22.99 35.64
N ILE J 76 -33.72 -24.10 35.89
CA ILE J 76 -33.97 -25.13 34.89
C ILE J 76 -35.48 -25.20 34.66
N THR J 77 -35.91 -24.93 33.43
CA THR J 77 -37.31 -24.94 33.06
C THR J 77 -37.62 -26.20 32.28
N GLY J 78 -38.61 -26.96 32.73
CA GLY J 78 -38.92 -28.23 32.11
C GLY J 78 -37.81 -29.24 32.30
N ALA J 79 -37.59 -29.64 33.56
CA ALA J 79 -36.50 -30.55 33.87
C ALA J 79 -36.71 -31.90 33.21
N GLN J 80 -35.64 -32.46 32.65
CA GLN J 80 -35.64 -33.77 32.05
C GLN J 80 -34.89 -34.75 32.95
N ALA J 81 -34.86 -36.02 32.54
CA ALA J 81 -34.15 -37.02 33.31
C ALA J 81 -32.64 -36.89 33.19
N ASN J 82 -32.15 -36.23 32.13
CA ASN J 82 -30.72 -36.00 31.97
C ASN J 82 -30.19 -34.91 32.88
N ASP J 83 -31.06 -34.19 33.59
CA ASP J 83 -30.67 -33.08 34.43
C ASP J 83 -30.42 -33.50 35.87
N GLU J 84 -30.47 -34.80 36.18
CA GLU J 84 -30.22 -35.28 37.53
C GLU J 84 -28.72 -35.43 37.72
N ALA J 85 -28.11 -34.45 38.39
CA ALA J 85 -26.66 -34.45 38.61
C ALA J 85 -26.34 -33.47 39.73
N ASP J 86 -25.07 -33.45 40.11
CA ASP J 86 -24.57 -32.47 41.07
C ASP J 86 -24.23 -31.17 40.37
N TYR J 87 -24.60 -30.06 41.00
CA TYR J 87 -24.38 -28.74 40.42
C TYR J 87 -23.51 -27.91 41.34
N PHE J 88 -22.49 -27.28 40.76
CA PHE J 88 -21.51 -26.51 41.51
C PHE J 88 -21.48 -25.08 40.98
N CYS J 89 -21.26 -24.13 41.88
CA CYS J 89 -21.09 -22.73 41.53
C CYS J 89 -19.68 -22.28 41.85
N ASN J 90 -19.08 -21.57 40.90
CA ASN J 90 -17.73 -21.01 41.07
C ASN J 90 -17.85 -19.50 41.20
N LEU J 91 -17.34 -18.96 42.30
CA LEU J 91 -17.40 -17.54 42.60
C LEU J 91 -16.00 -16.98 42.74
N TYR J 92 -15.77 -15.80 42.18
CA TYR J 92 -14.47 -15.15 42.19
C TYR J 92 -14.43 -14.09 43.27
N LYS J 93 -13.47 -14.21 44.17
CA LYS J 93 -13.27 -13.24 45.24
C LYS J 93 -11.96 -12.50 45.02
N SER J 94 -11.99 -11.19 45.18
CA SER J 94 -10.83 -10.37 44.87
C SER J 94 -9.94 -10.10 46.09
N SER J 95 -10.52 -10.10 47.29
CA SER J 95 -9.71 -9.81 48.48
C SER J 95 -8.60 -10.84 48.72
N PRO J 96 -8.81 -12.15 48.62
CA PRO J 96 -7.68 -13.09 48.62
C PRO J 96 -7.23 -13.52 47.24
N ILE J 97 -7.80 -12.96 46.17
CA ILE J 97 -7.53 -13.31 44.77
C ILE J 97 -7.57 -14.82 44.57
N ALA J 98 -8.77 -15.39 44.70
CA ALA J 98 -8.95 -16.83 44.57
C ALA J 98 -10.27 -17.13 43.89
N LEU J 99 -10.37 -18.34 43.34
CA LEU J 99 -11.60 -18.85 42.77
C LEU J 99 -12.11 -19.95 43.71
N ILE J 100 -13.34 -19.78 44.19
CA ILE J 100 -13.91 -20.65 45.22
C ILE J 100 -15.09 -21.40 44.63
N PHE J 101 -15.07 -22.72 44.75
CA PHE J 101 -16.18 -23.56 44.33
C PHE J 101 -17.22 -23.66 45.44
N GLY J 102 -18.43 -24.05 45.05
CA GLY J 102 -19.50 -24.24 46.01
C GLY J 102 -19.44 -25.59 46.68
N GLY J 103 -20.33 -25.76 47.67
CA GLY J 103 -20.40 -27.04 48.35
C GLY J 103 -20.93 -28.14 47.46
N GLY J 104 -21.91 -27.83 46.62
CA GLY J 104 -22.50 -28.82 45.73
C GLY J 104 -23.94 -29.13 46.07
N THR J 105 -24.81 -29.13 45.06
CA THR J 105 -26.22 -29.43 45.24
C THR J 105 -26.60 -30.59 44.34
N HIS J 106 -27.27 -31.60 44.90
CA HIS J 106 -27.73 -32.75 44.15
C HIS J 106 -29.19 -32.56 43.78
N LEU J 107 -29.49 -32.75 42.50
CA LEU J 107 -30.83 -32.56 41.96
C LEU J 107 -31.47 -33.92 41.70
N THR J 108 -32.69 -34.10 42.19
CA THR J 108 -33.44 -35.32 41.99
C THR J 108 -34.67 -35.02 41.14
N VAL J 109 -34.84 -35.76 40.05
CA VAL J 109 -35.95 -35.54 39.14
C VAL J 109 -36.93 -36.71 39.22
N GLU K 2 -27.39 20.60 -16.95
CA GLU K 2 -28.28 20.59 -15.80
C GLU K 2 -29.68 21.08 -16.21
N LYS K 3 -30.70 20.31 -15.89
CA LYS K 3 -32.05 20.62 -16.31
C LYS K 3 -33.05 19.92 -15.41
N LEU K 4 -34.14 20.61 -15.11
CA LEU K 4 -35.30 20.04 -14.43
C LEU K 4 -36.53 20.31 -15.27
N VAL K 5 -37.28 19.25 -15.60
CA VAL K 5 -38.48 19.36 -16.42
C VAL K 5 -39.65 18.79 -15.64
N GLU K 6 -40.74 19.53 -15.58
CA GLU K 6 -41.93 19.13 -14.84
C GLU K 6 -43.01 18.64 -15.79
N SER K 7 -43.74 17.62 -15.37
CA SER K 7 -44.83 17.07 -16.16
C SER K 7 -46.12 17.05 -15.36
N GLY K 8 -47.15 16.40 -15.89
CA GLY K 8 -48.42 16.40 -15.22
C GLY K 8 -49.13 17.74 -15.38
N GLY K 9 -50.18 17.91 -14.58
CA GLY K 9 -50.92 19.15 -14.57
C GLY K 9 -52.00 19.19 -15.63
N GLY K 10 -52.84 20.23 -15.54
CA GLY K 10 -53.94 20.44 -16.44
C GLY K 10 -55.21 20.71 -15.67
N LEU K 11 -56.34 20.55 -16.35
CA LEU K 11 -57.63 20.84 -15.75
C LEU K 11 -58.04 19.68 -14.84
N VAL K 12 -58.42 19.98 -13.62
CA VAL K 12 -58.83 19.00 -12.63
C VAL K 12 -60.08 19.52 -11.94
N GLN K 13 -61.09 18.66 -11.80
CA GLN K 13 -62.31 19.04 -11.09
C GLN K 13 -61.99 19.28 -9.62
N PRO K 14 -62.70 20.21 -8.97
CA PRO K 14 -62.46 20.45 -7.54
C PRO K 14 -62.72 19.19 -6.73
N GLY K 15 -61.76 18.86 -5.86
CA GLY K 15 -61.83 17.64 -5.08
C GLY K 15 -61.16 16.44 -5.72
N GLY K 16 -60.50 16.62 -6.85
CA GLY K 16 -59.87 15.54 -7.58
C GLY K 16 -58.44 15.28 -7.13
N SER K 17 -57.71 14.55 -7.96
CA SER K 17 -56.33 14.20 -7.67
C SER K 17 -55.47 14.44 -8.91
N LEU K 18 -54.20 14.68 -8.66
CA LEU K 18 -53.25 14.98 -9.74
C LEU K 18 -51.85 14.66 -9.24
N ARG K 19 -51.02 14.14 -10.14
CA ARG K 19 -49.64 13.79 -9.81
C ARG K 19 -48.70 14.56 -10.72
N LEU K 20 -47.78 15.30 -10.12
CA LEU K 20 -46.81 16.10 -10.86
C LEU K 20 -45.45 15.42 -10.80
N SER K 21 -44.82 15.28 -11.96
CA SER K 21 -43.50 14.66 -12.06
C SER K 21 -42.43 15.73 -12.24
N CYS K 22 -41.20 15.34 -11.99
CA CYS K 22 -40.06 16.25 -12.10
C CYS K 22 -38.83 15.41 -12.41
N VAL K 23 -38.42 15.42 -13.67
CA VAL K 23 -37.28 14.64 -14.13
C VAL K 23 -36.07 15.55 -14.24
N GLY K 24 -34.96 15.16 -13.64
CA GLY K 24 -33.73 15.92 -13.67
C GLY K 24 -32.70 15.24 -14.56
N SER K 25 -31.97 16.05 -15.31
CA SER K 25 -30.92 15.55 -16.19
C SER K 25 -29.70 16.43 -16.05
N GLY K 26 -28.54 15.85 -16.32
CA GLY K 26 -27.28 16.58 -16.23
C GLY K 26 -26.63 16.57 -14.87
N PHE K 27 -27.29 16.02 -13.85
CA PHE K 27 -26.72 15.94 -12.52
C PHE K 27 -27.23 14.69 -11.83
N THR K 28 -26.51 14.27 -10.80
CA THR K 28 -26.92 13.10 -10.01
C THR K 28 -28.13 13.46 -9.17
N PHE K 29 -29.26 12.81 -9.46
CA PHE K 29 -30.52 13.13 -8.81
C PHE K 29 -30.57 12.65 -7.36
N SER K 30 -29.77 11.66 -6.99
CA SER K 30 -29.78 11.10 -5.64
C SER K 30 -28.82 11.81 -4.71
N SER K 31 -28.47 13.06 -4.99
CA SER K 31 -27.49 13.79 -4.19
C SER K 31 -27.96 15.20 -3.87
N THR K 32 -29.27 15.45 -3.91
CA THR K 32 -29.79 16.78 -3.66
C THR K 32 -31.23 16.70 -3.18
N TYR K 33 -31.64 17.73 -2.45
CA TYR K 33 -33.04 17.87 -2.06
C TYR K 33 -33.86 18.35 -3.26
N ILE K 34 -35.15 18.01 -3.24
CA ILE K 34 -36.08 18.45 -4.28
C ILE K 34 -37.22 19.19 -3.60
N ASN K 35 -37.49 20.41 -4.06
CA ASN K 35 -38.50 21.27 -3.48
C ASN K 35 -39.58 21.58 -4.51
N TRP K 36 -40.79 21.81 -4.02
CA TRP K 36 -41.92 22.19 -4.86
C TRP K 36 -42.43 23.55 -4.43
N VAL K 37 -42.49 24.49 -5.37
CA VAL K 37 -42.96 25.85 -5.14
C VAL K 37 -43.97 26.21 -6.20
N ARG K 38 -45.05 26.87 -5.80
CA ARG K 38 -46.09 27.30 -6.72
C ARG K 38 -46.23 28.82 -6.67
N GLN K 39 -46.66 29.40 -7.79
CA GLN K 39 -46.90 30.82 -7.90
C GLN K 39 -48.29 31.03 -8.49
N ALA K 40 -49.17 31.63 -7.70
CA ALA K 40 -50.52 31.90 -8.14
C ALA K 40 -50.52 32.97 -9.23
N PRO K 41 -51.56 33.01 -10.07
CA PRO K 41 -51.57 33.98 -11.17
C PRO K 41 -51.75 35.41 -10.70
N GLY K 42 -50.65 36.03 -10.26
CA GLY K 42 -50.70 37.41 -9.81
C GLY K 42 -50.18 37.59 -8.40
N LYS K 43 -49.93 36.48 -7.71
CA LYS K 43 -49.44 36.48 -6.35
C LYS K 43 -48.00 35.96 -6.32
N GLY K 44 -47.45 35.89 -5.11
CA GLY K 44 -46.06 35.53 -4.91
C GLY K 44 -45.86 34.02 -4.82
N LEU K 45 -44.60 33.65 -4.56
CA LEU K 45 -44.22 32.26 -4.46
C LEU K 45 -44.63 31.68 -3.11
N GLU K 46 -44.90 30.37 -3.09
CA GLU K 46 -45.29 29.68 -1.88
C GLU K 46 -44.59 28.33 -1.83
N TRP K 47 -43.76 28.12 -0.82
CA TRP K 47 -43.09 26.84 -0.64
C TRP K 47 -44.10 25.79 -0.20
N LEU K 48 -43.99 24.59 -0.78
CA LEU K 48 -44.98 23.54 -0.57
C LEU K 48 -44.41 22.32 0.14
N ALA K 49 -43.36 21.70 -0.38
CA ALA K 49 -42.87 20.45 0.17
C ALA K 49 -41.41 20.26 -0.21
N SER K 50 -40.77 19.31 0.47
CA SER K 50 -39.38 18.97 0.21
C SER K 50 -39.16 17.50 0.56
N ILE K 51 -38.10 16.92 0.01
CA ILE K 51 -37.78 15.52 0.21
C ILE K 51 -36.27 15.34 0.26
N SER K 52 -35.83 14.39 1.08
CA SER K 52 -34.42 14.13 1.27
C SER K 52 -33.86 13.35 0.07
N THR K 53 -32.55 13.10 0.11
CA THR K 53 -31.90 12.39 -0.98
C THR K 53 -32.42 10.96 -1.12
N SER K 54 -32.60 10.27 0.00
CA SER K 54 -33.12 8.91 -0.01
C SER K 54 -34.62 8.85 0.20
N GLY K 55 -35.28 9.98 0.37
CA GLY K 55 -36.71 10.00 0.61
C GLY K 55 -37.13 9.76 2.04
N GLY K 56 -36.18 9.63 2.97
CA GLY K 56 -36.54 9.38 4.35
C GLY K 56 -37.24 10.54 5.01
N SER K 57 -36.81 11.77 4.71
CA SER K 57 -37.33 12.96 5.34
C SER K 57 -38.24 13.72 4.37
N THR K 58 -39.46 14.00 4.82
CA THR K 58 -40.44 14.76 4.04
C THR K 58 -40.96 15.90 4.88
N TYR K 59 -40.98 17.10 4.31
CA TYR K 59 -41.47 18.29 4.99
C TYR K 59 -42.57 18.94 4.15
N TYR K 60 -43.56 19.51 4.82
CA TYR K 60 -44.71 20.11 4.15
C TYR K 60 -45.07 21.43 4.82
N ALA K 61 -45.70 22.30 4.06
CA ALA K 61 -46.27 23.52 4.60
C ALA K 61 -47.64 23.23 5.22
N ASP K 62 -48.07 24.14 6.10
CA ASP K 62 -49.34 23.95 6.79
C ASP K 62 -50.53 24.04 5.84
N SER K 63 -50.39 24.76 4.74
CA SER K 63 -51.51 24.92 3.81
C SER K 63 -51.86 23.60 3.13
N VAL K 64 -50.87 22.77 2.83
CA VAL K 64 -51.08 21.53 2.09
C VAL K 64 -50.68 20.30 2.90
N LYS K 65 -50.55 20.44 4.21
CA LYS K 65 -50.28 19.28 5.06
C LYS K 65 -51.52 18.41 5.14
N GLY K 66 -51.35 17.11 4.93
CA GLY K 66 -52.44 16.16 4.93
C GLY K 66 -53.07 15.91 3.58
N ARG K 67 -52.84 16.78 2.61
CA ARG K 67 -53.35 16.62 1.25
C ARG K 67 -52.30 16.24 0.25
N PHE K 68 -51.08 16.76 0.39
CA PHE K 68 -50.02 16.53 -0.58
C PHE K 68 -49.02 15.53 -0.03
N THR K 69 -48.55 14.64 -0.90
CA THR K 69 -47.54 13.65 -0.55
C THR K 69 -46.40 13.73 -1.55
N ILE K 70 -45.18 13.79 -1.04
CA ILE K 70 -43.98 13.92 -1.87
C ILE K 70 -43.23 12.59 -1.87
N SER K 71 -42.82 12.16 -3.06
CA SER K 71 -42.10 10.91 -3.23
C SER K 71 -40.94 11.13 -4.19
N ARG K 72 -40.05 10.13 -4.27
CA ARG K 72 -38.85 10.26 -5.08
C ARG K 72 -38.47 8.88 -5.63
N ASP K 73 -38.08 8.86 -6.90
CA ASP K 73 -37.61 7.64 -7.57
C ASP K 73 -36.22 7.95 -8.14
N ASN K 74 -35.18 7.61 -7.39
CA ASN K 74 -33.82 7.97 -7.78
C ASN K 74 -33.36 7.18 -8.99
N SER K 75 -33.81 5.93 -9.13
CA SER K 75 -33.41 5.12 -10.27
C SER K 75 -33.90 5.72 -11.58
N GLN K 76 -35.13 6.23 -11.59
CA GLN K 76 -35.69 6.86 -12.78
C GLN K 76 -35.41 8.35 -12.87
N ASN K 77 -34.68 8.91 -11.90
CA ASN K 77 -34.33 10.33 -11.87
C ASN K 77 -35.58 11.21 -11.94
N THR K 78 -36.56 10.89 -11.09
CA THR K 78 -37.80 11.63 -11.06
C THR K 78 -38.28 11.81 -9.62
N ALA K 79 -38.97 12.91 -9.38
CA ALA K 79 -39.58 13.22 -8.09
C ALA K 79 -41.04 13.56 -8.31
N TYR K 80 -41.90 13.10 -7.40
CA TYR K 80 -43.34 13.21 -7.57
C TYR K 80 -43.95 14.07 -6.48
N LEU K 81 -45.08 14.70 -6.82
CA LEU K 81 -45.89 15.46 -5.88
C LEU K 81 -47.34 15.02 -6.07
N GLN K 82 -47.84 14.21 -5.14
CA GLN K 82 -49.20 13.69 -5.23
C GLN K 82 -50.16 14.67 -4.59
N MET K 83 -51.08 15.20 -5.39
CA MET K 83 -52.02 16.22 -4.97
C MET K 83 -53.39 15.57 -4.76
N ASN K 84 -53.96 15.77 -3.58
CA ASN K 84 -55.25 15.20 -3.23
C ASN K 84 -56.15 16.28 -2.65
N SER K 85 -57.46 16.09 -2.84
CA SER K 85 -58.48 17.00 -2.32
C SER K 85 -58.22 18.43 -2.79
N LEU K 86 -57.98 18.58 -4.08
CA LEU K 86 -57.64 19.87 -4.64
C LEU K 86 -58.80 20.84 -4.58
N ARG K 87 -58.51 22.08 -4.21
CA ARG K 87 -59.47 23.17 -4.19
C ARG K 87 -59.17 24.15 -5.31
N THR K 88 -60.09 25.10 -5.52
CA THR K 88 -59.90 26.12 -6.53
C THR K 88 -58.78 27.09 -6.18
N GLU K 89 -58.33 27.11 -4.93
CA GLU K 89 -57.24 27.97 -4.51
C GLU K 89 -55.87 27.39 -4.82
N ASP K 90 -55.82 26.18 -5.36
CA ASP K 90 -54.57 25.53 -5.73
C ASP K 90 -54.16 25.82 -7.17
N THR K 91 -54.92 26.63 -7.88
CA THR K 91 -54.60 26.99 -9.26
C THR K 91 -53.35 27.85 -9.29
N ALA K 92 -52.23 27.28 -9.73
CA ALA K 92 -50.97 28.00 -9.78
C ALA K 92 -50.02 27.28 -10.71
N ARG K 93 -48.91 27.92 -11.00
CA ARG K 93 -47.83 27.32 -11.78
C ARG K 93 -46.83 26.70 -10.81
N TYR K 94 -46.61 25.39 -10.94
CA TYR K 94 -45.85 24.63 -9.97
C TYR K 94 -44.42 24.43 -10.49
N TYR K 95 -43.45 24.93 -9.74
CA TYR K 95 -42.05 24.79 -10.08
C TYR K 95 -41.41 23.69 -9.24
N SER K 96 -40.27 23.18 -9.70
CA SER K 96 -39.51 22.20 -8.90
C SER K 96 -38.10 22.78 -8.72
N ALA K 97 -37.56 22.77 -7.51
CA ALA K 97 -36.27 23.42 -7.28
C ALA K 97 -35.30 22.47 -6.59
N ARG K 98 -34.10 22.32 -7.14
CA ARG K 98 -33.04 21.50 -6.52
C ARG K 98 -32.30 22.32 -5.47
N GLY K 99 -31.77 21.67 -4.45
CA GLY K 99 -30.95 22.38 -3.46
C GLY K 99 -29.48 22.26 -3.76
N ARG K 100 -28.78 23.39 -3.82
CA ARG K 100 -27.30 23.36 -4.01
C ARG K 100 -26.71 22.55 -2.86
N ALA K 101 -26.34 21.30 -3.12
CA ALA K 101 -25.82 20.42 -2.09
C ALA K 101 -24.31 20.26 -2.24
N ALA K 102 -23.61 20.34 -1.12
CA ALA K 102 -22.18 20.07 -1.12
C ALA K 102 -21.92 18.58 -1.31
N LEU K 103 -20.67 18.26 -1.63
CA LEU K 103 -20.29 16.87 -1.88
C LEU K 103 -20.46 16.01 -0.64
N VAL K 104 -20.15 16.54 0.54
CA VAL K 104 -20.07 15.74 1.76
C VAL K 104 -21.32 15.84 2.62
N ALA K 105 -22.20 16.79 2.38
CA ALA K 105 -23.39 16.95 3.21
C ALA K 105 -24.53 17.55 2.41
N THR K 106 -25.74 17.08 2.70
CA THR K 106 -26.96 17.64 2.13
C THR K 106 -27.89 18.01 3.28
N PHE K 107 -28.43 19.22 3.25
CA PHE K 107 -29.27 19.72 4.32
C PHE K 107 -30.57 20.28 3.77
N PHE K 108 -31.55 20.39 4.66
CA PHE K 108 -32.86 20.92 4.27
C PHE K 108 -32.78 22.38 3.84
N THR K 109 -31.76 23.10 4.31
CA THR K 109 -31.61 24.52 4.02
C THR K 109 -30.66 24.78 2.86
N ASP K 110 -30.49 23.80 1.97
CA ASP K 110 -29.68 24.02 0.78
C ASP K 110 -30.38 25.03 -0.14
N PRO K 111 -29.64 25.99 -0.70
CA PRO K 111 -30.27 27.00 -1.56
C PRO K 111 -30.86 26.38 -2.82
N MET K 112 -31.97 26.95 -3.27
CA MET K 112 -32.68 26.48 -4.45
C MET K 112 -32.10 27.19 -5.67
N ASP K 113 -31.10 26.56 -6.29
CA ASP K 113 -30.36 27.18 -7.38
C ASP K 113 -30.91 26.82 -8.76
N LEU K 114 -31.31 25.57 -8.97
CA LEU K 114 -31.81 25.10 -10.25
C LEU K 114 -33.31 24.93 -10.15
N TRP K 115 -34.04 25.63 -11.01
CA TRP K 115 -35.50 25.57 -11.05
C TRP K 115 -35.94 24.91 -12.35
N GLY K 116 -37.25 24.87 -12.55
CA GLY K 116 -37.83 24.32 -13.75
C GLY K 116 -38.76 25.30 -14.42
N PRO K 117 -39.08 25.04 -15.70
CA PRO K 117 -40.04 25.93 -16.38
C PRO K 117 -41.41 25.98 -15.71
N GLY K 118 -41.85 24.89 -15.11
CA GLY K 118 -43.09 24.88 -14.37
C GLY K 118 -44.23 24.30 -15.18
N VAL K 119 -45.26 23.85 -14.46
CA VAL K 119 -46.48 23.31 -15.04
C VAL K 119 -47.67 24.04 -14.45
N GLU K 120 -48.64 24.36 -15.30
CA GLU K 120 -49.83 25.08 -14.88
C GLU K 120 -50.92 24.10 -14.50
N VAL K 121 -51.44 24.22 -13.29
CA VAL K 121 -52.51 23.38 -12.78
C VAL K 121 -53.74 24.25 -12.58
N VAL K 122 -54.85 23.85 -13.18
CA VAL K 122 -56.10 24.60 -13.11
C VAL K 122 -57.15 23.71 -12.46
N VAL K 123 -57.76 24.20 -11.40
CA VAL K 123 -58.82 23.50 -10.69
C VAL K 123 -60.10 24.28 -10.90
N SER K 124 -60.99 23.77 -11.75
CA SER K 124 -62.22 24.47 -12.08
C SER K 124 -63.23 23.45 -12.58
N SER K 125 -64.49 23.87 -12.62
CA SER K 125 -65.58 23.01 -13.07
C SER K 125 -65.99 23.37 -14.50
N VAL L 3 -43.57 36.81 7.06
CA VAL L 3 -42.46 37.47 6.40
C VAL L 3 -42.97 38.61 5.52
N ILE L 4 -42.55 39.83 5.84
CA ILE L 4 -43.06 41.04 5.18
C ILE L 4 -41.95 41.65 4.34
N GLN L 5 -42.27 41.93 3.08
CA GLN L 5 -41.43 42.73 2.21
C GLN L 5 -42.19 43.98 1.79
N GLU L 6 -41.43 45.01 1.42
CA GLU L 6 -42.05 46.21 0.90
C GLU L 6 -42.71 45.89 -0.44
N PRO L 7 -43.93 46.39 -0.69
CA PRO L 7 -44.64 46.00 -1.91
C PRO L 7 -43.95 46.45 -3.19
N ALA L 8 -43.45 47.69 -3.24
CA ALA L 8 -42.77 48.18 -4.42
C ALA L 8 -41.89 49.36 -4.05
N MET L 9 -40.74 49.44 -4.72
CA MET L 9 -39.86 50.60 -4.59
C MET L 9 -39.14 50.81 -5.92
N SER L 10 -38.61 52.01 -6.10
CA SER L 10 -38.01 52.41 -7.36
C SER L 10 -36.63 53.00 -7.12
N VAL L 11 -35.75 52.82 -8.11
CA VAL L 11 -34.41 53.40 -8.09
C VAL L 11 -34.11 53.96 -9.48
N SER L 12 -33.15 54.88 -9.52
CA SER L 12 -32.71 55.48 -10.77
C SER L 12 -31.54 54.71 -11.36
N LEU L 13 -31.29 54.94 -12.64
CA LEU L 13 -30.17 54.28 -13.31
C LEU L 13 -28.85 54.67 -12.65
N GLY L 14 -28.03 53.68 -12.36
CA GLY L 14 -26.76 53.91 -11.70
C GLY L 14 -26.85 54.15 -10.21
N GLY L 15 -28.05 54.13 -9.64
CA GLY L 15 -28.22 54.38 -8.23
C GLY L 15 -28.09 53.13 -7.39
N THR L 16 -28.26 53.31 -6.09
CA THR L 16 -28.21 52.22 -5.12
C THR L 16 -29.55 52.11 -4.41
N VAL L 17 -30.08 50.90 -4.34
CA VAL L 17 -31.33 50.62 -3.63
C VAL L 17 -31.07 49.46 -2.68
N THR L 18 -31.80 49.44 -1.57
CA THR L 18 -31.67 48.41 -0.55
C THR L 18 -33.05 47.83 -0.25
N LEU L 19 -33.30 46.62 -0.74
CA LEU L 19 -34.53 45.92 -0.43
C LEU L 19 -34.47 45.36 0.99
N THR L 20 -35.64 45.05 1.54
CA THR L 20 -35.75 44.65 2.93
C THR L 20 -36.67 43.45 3.09
N CYS L 21 -36.22 42.49 3.90
CA CYS L 21 -37.02 41.33 4.29
C CYS L 21 -37.01 41.24 5.81
N ALA L 22 -38.20 41.07 6.41
CA ALA L 22 -38.30 41.06 7.86
C ALA L 22 -39.43 40.15 8.29
N PHE L 23 -39.38 39.73 9.56
CA PHE L 23 -40.41 38.90 10.15
C PHE L 23 -41.54 39.76 10.70
N THR L 24 -42.69 39.12 10.91
CA THR L 24 -43.82 39.81 11.51
C THR L 24 -43.62 40.03 13.00
N SER L 25 -43.10 39.02 13.71
CA SER L 25 -43.01 39.07 15.16
C SER L 25 -41.66 38.63 15.70
N GLY L 26 -40.59 38.71 14.90
CA GLY L 26 -39.30 38.27 15.36
C GLY L 26 -38.14 39.07 14.82
N SER L 27 -36.95 38.46 14.80
CA SER L 27 -35.75 39.08 14.27
C SER L 27 -35.13 38.16 13.22
N VAL L 28 -34.60 38.76 12.17
CA VAL L 28 -33.93 38.03 11.10
C VAL L 28 -32.44 37.98 11.43
N THR L 29 -31.91 36.78 11.60
CA THR L 29 -30.51 36.55 11.89
C THR L 29 -29.90 35.66 10.80
N SER L 30 -28.59 35.43 10.91
CA SER L 30 -27.92 34.54 9.98
C SER L 30 -28.41 33.10 10.09
N SER L 31 -29.02 32.74 11.22
CA SER L 31 -29.58 31.40 11.37
C SER L 31 -30.84 31.20 10.54
N ASN L 32 -31.44 32.27 10.04
CA ASN L 32 -32.60 32.15 9.16
C ASN L 32 -32.22 31.87 7.71
N TYR L 33 -30.93 31.94 7.37
CA TYR L 33 -30.40 31.69 6.03
C TYR L 33 -31.22 32.40 4.95
N PRO L 34 -31.24 33.73 4.94
CA PRO L 34 -32.02 34.45 3.92
C PRO L 34 -31.43 34.24 2.52
N SER L 35 -32.31 33.89 1.58
CA SER L 35 -31.95 33.73 0.18
C SER L 35 -32.85 34.63 -0.66
N TRP L 36 -32.27 35.26 -1.67
CA TRP L 36 -32.98 36.20 -2.52
C TRP L 36 -33.11 35.63 -3.93
N PHE L 37 -34.24 35.91 -4.57
CA PHE L 37 -34.55 35.41 -5.89
C PHE L 37 -35.05 36.55 -6.77
N GLN L 38 -34.68 36.51 -8.05
CA GLN L 38 -35.15 37.48 -9.04
C GLN L 38 -36.01 36.76 -10.07
N GLN L 39 -37.19 37.30 -10.33
CA GLN L 39 -38.14 36.69 -11.25
C GLN L 39 -38.68 37.73 -12.21
N THR L 40 -38.65 37.39 -13.51
CA THR L 40 -39.32 38.18 -14.53
C THR L 40 -40.51 37.39 -15.04
N PRO L 41 -41.74 37.85 -14.81
CA PRO L 41 -42.91 37.07 -15.24
C PRO L 41 -42.89 36.84 -16.75
N GLY L 42 -43.09 35.59 -17.14
CA GLY L 42 -43.31 34.46 -16.26
C GLY L 42 -42.18 33.44 -16.25
N GLN L 43 -40.95 33.94 -16.28
CA GLN L 43 -39.78 33.08 -16.25
C GLN L 43 -39.60 32.45 -14.88
N PRO L 44 -38.87 31.33 -14.79
CA PRO L 44 -38.63 30.71 -13.48
C PRO L 44 -37.77 31.62 -12.62
N PRO L 45 -37.93 31.54 -11.29
CA PRO L 45 -37.10 32.37 -10.41
C PRO L 45 -35.62 32.03 -10.53
N ARG L 46 -34.80 33.05 -10.33
CA ARG L 46 -33.34 32.93 -10.44
C ARG L 46 -32.71 33.29 -9.11
N LEU L 47 -31.86 32.41 -8.60
CA LEU L 47 -31.21 32.63 -7.32
C LEU L 47 -30.18 33.76 -7.44
N MET L 48 -30.22 34.69 -6.50
CA MET L 48 -29.36 35.87 -6.54
C MET L 48 -28.34 35.86 -5.41
N ILE L 49 -28.80 35.76 -4.16
CA ILE L 49 -27.96 35.78 -2.98
C ILE L 49 -28.47 34.74 -2.00
N TYR L 50 -27.56 33.96 -1.43
CA TYR L 50 -27.91 32.97 -0.41
C TYR L 50 -26.92 33.05 0.74
N LYS L 51 -27.40 32.72 1.94
CA LYS L 51 -26.63 32.79 3.18
C LYS L 51 -26.13 34.21 3.46
N THR L 52 -26.88 35.20 2.94
CA THR L 52 -26.71 36.64 3.17
C THR L 52 -25.47 37.24 2.52
N ASN L 53 -24.55 36.43 2.05
CA ASN L 53 -23.36 37.01 1.45
C ASN L 53 -22.78 36.22 0.29
N ASN L 54 -23.41 35.15 -0.17
CA ASN L 54 -22.83 34.28 -1.18
C ASN L 54 -23.46 34.56 -2.54
N ARG L 55 -22.61 34.72 -3.55
CA ARG L 55 -23.03 35.01 -4.91
C ARG L 55 -22.78 33.79 -5.78
N PRO L 56 -23.82 33.18 -6.37
CA PRO L 56 -23.57 32.09 -7.31
C PRO L 56 -22.84 32.59 -8.55
N THR L 57 -22.13 31.66 -9.19
CA THR L 57 -21.41 31.99 -10.42
C THR L 57 -22.37 32.50 -11.48
N GLY L 58 -21.99 33.59 -12.13
CA GLY L 58 -22.82 34.25 -13.11
C GLY L 58 -23.58 35.44 -12.59
N VAL L 59 -23.71 35.57 -11.28
CA VAL L 59 -24.37 36.72 -10.66
C VAL L 59 -23.47 37.94 -10.78
N PRO L 60 -23.99 39.09 -11.21
CA PRO L 60 -23.17 40.31 -11.21
C PRO L 60 -22.73 40.68 -9.80
N SER L 61 -21.54 41.26 -9.72
CA SER L 61 -20.95 41.60 -8.42
C SER L 61 -21.69 42.74 -7.72
N ARG L 62 -22.60 43.42 -8.40
CA ARG L 62 -23.30 44.54 -7.78
C ARG L 62 -24.40 44.09 -6.83
N PHE L 63 -24.72 42.80 -6.78
CA PHE L 63 -25.73 42.28 -5.88
C PHE L 63 -25.05 41.82 -4.59
N SER L 64 -25.38 42.48 -3.48
CA SER L 64 -24.82 42.15 -2.18
C SER L 64 -25.92 42.11 -1.14
N GLY L 65 -25.71 41.29 -0.11
CA GLY L 65 -26.66 41.17 0.97
C GLY L 65 -25.97 41.29 2.32
N ALA L 66 -26.77 41.56 3.33
CA ALA L 66 -26.29 41.66 4.71
C ALA L 66 -27.50 41.68 5.63
N ILE L 67 -27.24 41.59 6.92
CA ILE L 67 -28.25 41.75 7.95
C ILE L 67 -28.14 43.16 8.50
N SER L 68 -29.20 43.96 8.30
CA SER L 68 -29.22 45.36 8.68
C SER L 68 -30.03 45.60 9.95
N GLY L 69 -29.90 44.73 10.93
CA GLY L 69 -30.64 44.86 12.16
C GLY L 69 -31.46 43.62 12.44
N ASN L 70 -32.77 43.80 12.60
CA ASN L 70 -33.70 42.69 12.70
C ASN L 70 -34.25 42.28 11.35
N LYS L 71 -33.76 42.88 10.27
CA LYS L 71 -34.31 42.70 8.94
C LYS L 71 -33.19 42.38 7.97
N ALA L 72 -33.49 41.49 7.03
CA ALA L 72 -32.54 41.14 5.98
C ALA L 72 -32.58 42.18 4.87
N ALA L 73 -31.43 42.41 4.24
CA ALA L 73 -31.29 43.48 3.27
C ALA L 73 -30.54 42.98 2.04
N LEU L 74 -31.04 43.36 0.86
CA LEU L 74 -30.36 43.12 -0.41
C LEU L 74 -30.07 44.47 -1.05
N THR L 75 -28.81 44.69 -1.41
CA THR L 75 -28.35 45.97 -1.93
C THR L 75 -27.90 45.81 -3.38
N ILE L 76 -28.40 46.68 -4.25
CA ILE L 76 -28.00 46.73 -5.65
C ILE L 76 -27.29 48.05 -5.89
N THR L 77 -26.03 47.99 -6.28
CA THR L 77 -25.20 49.18 -6.49
C THR L 77 -25.02 49.39 -7.99
N GLY L 78 -25.57 50.47 -8.52
CA GLY L 78 -25.51 50.74 -9.94
C GLY L 78 -26.52 49.91 -10.69
N ALA L 79 -27.80 50.13 -10.42
CA ALA L 79 -28.87 49.35 -11.02
C ALA L 79 -28.93 49.59 -12.52
N GLN L 80 -29.06 48.51 -13.29
CA GLN L 80 -29.16 48.60 -14.73
C GLN L 80 -30.62 48.39 -15.16
N ALA L 81 -30.85 48.44 -16.47
CA ALA L 81 -32.21 48.30 -16.99
C ALA L 81 -32.74 46.89 -16.84
N ASN L 82 -31.87 45.88 -16.82
CA ASN L 82 -32.30 44.49 -16.71
C ASN L 82 -32.54 44.08 -15.25
N ASP L 83 -32.31 44.97 -14.30
CA ASP L 83 -32.58 44.71 -12.90
C ASP L 83 -34.03 44.95 -12.52
N GLU L 84 -34.85 45.42 -13.45
CA GLU L 84 -36.27 45.70 -13.20
C GLU L 84 -37.02 44.38 -13.19
N ALA L 85 -37.31 43.87 -11.99
CA ALA L 85 -37.98 42.59 -11.84
C ALA L 85 -38.59 42.52 -10.44
N ASP L 86 -39.09 41.35 -10.07
CA ASP L 86 -39.64 41.10 -8.74
C ASP L 86 -38.64 40.31 -7.93
N TYR L 87 -38.37 40.76 -6.72
CA TYR L 87 -37.37 40.16 -5.85
C TYR L 87 -38.04 39.51 -4.65
N PHE L 88 -37.73 38.24 -4.37
CA PHE L 88 -38.35 37.49 -3.25
C PHE L 88 -37.28 37.10 -2.24
N CYS L 89 -37.64 36.94 -0.96
CA CYS L 89 -36.69 36.56 0.12
C CYS L 89 -37.18 35.26 0.78
N ASN L 90 -36.36 34.21 0.77
CA ASN L 90 -36.72 32.97 1.49
C ASN L 90 -36.10 33.02 2.87
N LEU L 91 -36.91 32.85 3.91
CA LEU L 91 -36.42 32.76 5.27
C LEU L 91 -36.71 31.37 5.83
N TYR L 92 -35.81 30.88 6.67
CA TYR L 92 -35.95 29.56 7.29
C TYR L 92 -36.40 29.72 8.73
N LYS L 93 -37.49 29.15 9.09
CA LYS L 93 -37.97 29.17 10.49
C LYS L 93 -37.80 27.75 11.03
N SER L 94 -37.32 27.59 12.21
CA SER L 94 -37.00 26.31 12.84
C SER L 94 -38.07 25.82 13.80
N SER L 95 -38.97 26.69 14.26
CA SER L 95 -39.96 26.24 15.24
C SER L 95 -41.02 25.36 14.58
N PRO L 96 -41.52 25.67 13.39
CA PRO L 96 -42.32 24.67 12.65
C PRO L 96 -41.54 23.91 11.59
N ILE L 97 -40.26 24.21 11.39
CA ILE L 97 -39.42 23.62 10.35
C ILE L 97 -40.08 23.88 9.01
N ALA L 98 -39.95 25.11 8.51
CA ALA L 98 -40.51 25.48 7.21
C ALA L 98 -39.63 26.53 6.55
N LEU L 99 -39.78 26.63 5.23
CA LEU L 99 -39.15 27.68 4.44
C LEU L 99 -40.24 28.62 3.96
N ILE L 100 -40.11 29.90 4.27
CA ILE L 100 -41.15 30.89 4.02
C ILE L 100 -40.64 31.88 2.98
N PHE L 101 -41.39 32.04 1.90
CA PHE L 101 -41.10 33.06 0.90
C PHE L 101 -41.74 34.38 1.29
N GLY L 102 -41.12 35.47 0.86
CA GLY L 102 -41.65 36.79 1.12
C GLY L 102 -42.74 37.17 0.14
N GLY L 103 -43.34 38.34 0.40
CA GLY L 103 -44.40 38.81 -0.46
C GLY L 103 -43.92 39.16 -1.85
N GLY L 104 -42.75 39.77 -1.95
CA GLY L 104 -42.20 40.17 -3.23
C GLY L 104 -42.21 41.69 -3.37
N THR L 105 -41.15 42.22 -3.99
CA THR L 105 -40.98 43.65 -4.18
C THR L 105 -40.71 43.93 -5.65
N HIS L 106 -41.47 44.85 -6.23
CA HIS L 106 -41.29 45.24 -7.62
C HIS L 106 -40.34 46.42 -7.69
N LEU L 107 -39.19 46.23 -8.34
CA LEU L 107 -38.18 47.26 -8.49
C LEU L 107 -38.35 47.93 -9.85
N THR L 108 -38.45 49.26 -9.84
CA THR L 108 -38.65 50.04 -11.06
C THR L 108 -37.41 50.89 -11.28
N VAL L 109 -36.67 50.60 -12.34
CA VAL L 109 -35.47 51.36 -12.68
C VAL L 109 -35.89 52.56 -13.51
N LEU L 110 -35.59 53.76 -13.02
CA LEU L 110 -36.01 55.00 -13.68
C LEU L 110 -34.88 55.60 -14.50
#